data_5XJ6
# 
_entry.id   5XJ6 
# 
_audit_conform.dict_name       mmcif_pdbx.dic 
_audit_conform.dict_version    5.398 
_audit_conform.dict_location   http://mmcif.pdb.org/dictionaries/ascii/mmcif_pdbx.dic 
# 
loop_
_database_2.database_id 
_database_2.database_code 
_database_2.pdbx_database_accession 
_database_2.pdbx_DOI 
PDB   5XJ6         pdb_00005xj6 10.2210/pdb5xj6/pdb 
WWPDB D_1300003348 ?            ?                   
# 
loop_
_pdbx_audit_revision_history.ordinal 
_pdbx_audit_revision_history.data_content_type 
_pdbx_audit_revision_history.major_revision 
_pdbx_audit_revision_history.minor_revision 
_pdbx_audit_revision_history.revision_date 
1 'Structure model' 1 0 2017-12-06 
2 'Structure model' 1 1 2024-03-27 
3 'Structure model' 1 2 2024-11-06 
# 
_pdbx_audit_revision_details.ordinal             1 
_pdbx_audit_revision_details.revision_ordinal    1 
_pdbx_audit_revision_details.data_content_type   'Structure model' 
_pdbx_audit_revision_details.provider            repository 
_pdbx_audit_revision_details.type                'Initial release' 
_pdbx_audit_revision_details.description         ? 
_pdbx_audit_revision_details.details             ? 
# 
loop_
_pdbx_audit_revision_group.ordinal 
_pdbx_audit_revision_group.revision_ordinal 
_pdbx_audit_revision_group.data_content_type 
_pdbx_audit_revision_group.group 
1 2 'Structure model' 'Data collection'     
2 2 'Structure model' 'Database references' 
3 3 'Structure model' 'Structure summary'   
# 
loop_
_pdbx_audit_revision_category.ordinal 
_pdbx_audit_revision_category.revision_ordinal 
_pdbx_audit_revision_category.data_content_type 
_pdbx_audit_revision_category.category 
1 2 'Structure model' chem_comp_atom     
2 2 'Structure model' chem_comp_bond     
3 2 'Structure model' database_2         
4 3 'Structure model' pdbx_entry_details 
# 
loop_
_pdbx_audit_revision_item.ordinal 
_pdbx_audit_revision_item.revision_ordinal 
_pdbx_audit_revision_item.data_content_type 
_pdbx_audit_revision_item.item 
1 2 'Structure model' '_database_2.pdbx_DOI'                
2 2 'Structure model' '_database_2.pdbx_database_accession' 
# 
_pdbx_database_status.status_code                     REL 
_pdbx_database_status.status_code_sf                  REL 
_pdbx_database_status.status_code_mr                  ? 
_pdbx_database_status.entry_id                        5XJ6 
_pdbx_database_status.recvd_initial_deposition_date   2017-04-30 
_pdbx_database_status.SG_entry                        N 
_pdbx_database_status.deposit_site                    PDBJ 
_pdbx_database_status.process_site                    PDBJ 
_pdbx_database_status.status_code_cs                  ? 
_pdbx_database_status.methods_development_category    ? 
_pdbx_database_status.pdb_format_compatible           Y 
_pdbx_database_status.status_code_nmr_data            ? 
# 
loop_
_pdbx_database_related.content_type 
_pdbx_database_related.db_id 
_pdbx_database_related.db_name 
_pdbx_database_related.details 
unspecified 5XJ5 PDB . 
unspecified 5XJ7 PDB . 
unspecified 5XJ8 PDB . 
unspecified 5XJ9 PDB . 
# 
loop_
_audit_author.name 
_audit_author.pdbx_ordinal 
_audit_author.identifier_ORCID 
'Li, Z.'   1 ? 
'Tang, Y.' 2 ? 
'Li, D.'   3 ? 
# 
_citation.abstract                  ? 
_citation.abstract_id_CAS           ? 
_citation.book_id_ISBN              ? 
_citation.book_publisher            ? 
_citation.book_publisher_city       ? 
_citation.book_title                ? 
_citation.coordinate_linkage        ? 
_citation.country                   UK 
_citation.database_id_Medline       ? 
_citation.details                   ? 
_citation.id                        primary 
_citation.journal_abbrev            'Nat Commun' 
_citation.journal_id_ASTM           ? 
_citation.journal_id_CSD            ? 
_citation.journal_id_ISSN           2041-1723 
_citation.journal_full              ? 
_citation.journal_issue             ? 
_citation.journal_volume            8 
_citation.language                  ? 
_citation.page_first                1691 
_citation.page_last                 1691 
_citation.title                     'Structural insights into the committed step of bacterial phospholipid biosynthesis.' 
_citation.year                      2017 
_citation.database_id_CSD           ? 
_citation.pdbx_database_id_DOI      10.1038/s41467-017-01821-9 
_citation.pdbx_database_id_PubMed   29167463 
_citation.unpublished_flag          ? 
# 
loop_
_citation_author.citation_id 
_citation_author.name 
_citation_author.ordinal 
_citation_author.identifier_ORCID 
primary 'Li, Z.'   1 ? 
primary 'Tang, Y.' 2 ? 
primary 'Wu, Y.'   3 ? 
primary 'Zhao, S.' 4 ? 
primary 'Bao, J.'  5 ? 
primary 'Luo, Y.'  6 ? 
primary 'Li, D.'   7 ? 
# 
loop_
_entity.id 
_entity.type 
_entity.src_method 
_entity.pdbx_description 
_entity.formula_weight 
_entity.pdbx_number_of_molecules 
_entity.pdbx_ec 
_entity.pdbx_mutation 
_entity.pdbx_fragment 
_entity.details 
1 polymer     man 'Glycerol-3-phosphate acyltransferase'           21892.002 1  2.3.1.- ? ? ? 
2 non-polymer syn SN-GLYCEROL-3-PHOSPHATE                          172.074   1  ?       ? ? ? 
3 non-polymer syn '(2R)-2,3-dihydroxypropyl (9Z)-octadec-9-enoate' 356.540   4  ?       ? ? ? 
4 non-polymer syn 'PHOSPHATE ION'                                  94.971    1  ?       ? ? ? 
5 water       nat water                                            18.015    16 ?       ? ? ? 
# 
_entity_name_com.entity_id   1 
_entity_name_com.name        
;Acyl-PO4 G3P acyltransferase,Acyl-phosphate--glycerol-3-phosphate acyltransferase,G3P acyltransferase,GPAT,Lysophosphatidic acid synthase,LPA synthase
;
# 
_entity_poly.entity_id                      1 
_entity_poly.type                           'polypeptide(L)' 
_entity_poly.nstd_linkage                   no 
_entity_poly.nstd_monomer                   yes 
_entity_poly.pdbx_seq_one_letter_code       
;(FME)GSALFLVIFAYLLGSITFGEVIAKLKGVDLRNVGSGNVGATNVTRALGKKYGVLVFFLDFLKGFIPALIAVKSFG
IDSWVLTFTGLASVLGHMYPVFFGFKGGKGVATALGVVFAVSPSVALFSFLVWLGIFLWKRYVSLASITATISAFLFLFV
AGYPVNVLFMAIVIGALIIYRHRENINRLLTGREHRFGTLEVLFQ
;
_entity_poly.pdbx_seq_one_letter_code_can   
;MGSALFLVIFAYLLGSITFGEVIAKLKGVDLRNVGSGNVGATNVTRALGKKYGVLVFFLDFLKGFIPALIAVKSFGIDSW
VLTFTGLASVLGHMYPVFFGFKGGKGVATALGVVFAVSPSVALFSFLVWLGIFLWKRYVSLASITATISAFLFLFVAGYP
VNVLFMAIVIGALIIYRHRENINRLLTGREHRFGTLEVLFQ
;
_entity_poly.pdbx_strand_id                 A 
_entity_poly.pdbx_target_identifier         ? 
# 
loop_
_pdbx_entity_nonpoly.entity_id 
_pdbx_entity_nonpoly.name 
_pdbx_entity_nonpoly.comp_id 
2 SN-GLYCEROL-3-PHOSPHATE                          G3P 
3 '(2R)-2,3-dihydroxypropyl (9Z)-octadec-9-enoate' OLC 
4 'PHOSPHATE ION'                                  PO4 
5 water                                            HOH 
# 
loop_
_entity_poly_seq.entity_id 
_entity_poly_seq.num 
_entity_poly_seq.mon_id 
_entity_poly_seq.hetero 
1 1   FME n 
1 2   GLY n 
1 3   SER n 
1 4   ALA n 
1 5   LEU n 
1 6   PHE n 
1 7   LEU n 
1 8   VAL n 
1 9   ILE n 
1 10  PHE n 
1 11  ALA n 
1 12  TYR n 
1 13  LEU n 
1 14  LEU n 
1 15  GLY n 
1 16  SER n 
1 17  ILE n 
1 18  THR n 
1 19  PHE n 
1 20  GLY n 
1 21  GLU n 
1 22  VAL n 
1 23  ILE n 
1 24  ALA n 
1 25  LYS n 
1 26  LEU n 
1 27  LYS n 
1 28  GLY n 
1 29  VAL n 
1 30  ASP n 
1 31  LEU n 
1 32  ARG n 
1 33  ASN n 
1 34  VAL n 
1 35  GLY n 
1 36  SER n 
1 37  GLY n 
1 38  ASN n 
1 39  VAL n 
1 40  GLY n 
1 41  ALA n 
1 42  THR n 
1 43  ASN n 
1 44  VAL n 
1 45  THR n 
1 46  ARG n 
1 47  ALA n 
1 48  LEU n 
1 49  GLY n 
1 50  LYS n 
1 51  LYS n 
1 52  TYR n 
1 53  GLY n 
1 54  VAL n 
1 55  LEU n 
1 56  VAL n 
1 57  PHE n 
1 58  PHE n 
1 59  LEU n 
1 60  ASP n 
1 61  PHE n 
1 62  LEU n 
1 63  LYS n 
1 64  GLY n 
1 65  PHE n 
1 66  ILE n 
1 67  PRO n 
1 68  ALA n 
1 69  LEU n 
1 70  ILE n 
1 71  ALA n 
1 72  VAL n 
1 73  LYS n 
1 74  SER n 
1 75  PHE n 
1 76  GLY n 
1 77  ILE n 
1 78  ASP n 
1 79  SER n 
1 80  TRP n 
1 81  VAL n 
1 82  LEU n 
1 83  THR n 
1 84  PHE n 
1 85  THR n 
1 86  GLY n 
1 87  LEU n 
1 88  ALA n 
1 89  SER n 
1 90  VAL n 
1 91  LEU n 
1 92  GLY n 
1 93  HIS n 
1 94  MET n 
1 95  TYR n 
1 96  PRO n 
1 97  VAL n 
1 98  PHE n 
1 99  PHE n 
1 100 GLY n 
1 101 PHE n 
1 102 LYS n 
1 103 GLY n 
1 104 GLY n 
1 105 LYS n 
1 106 GLY n 
1 107 VAL n 
1 108 ALA n 
1 109 THR n 
1 110 ALA n 
1 111 LEU n 
1 112 GLY n 
1 113 VAL n 
1 114 VAL n 
1 115 PHE n 
1 116 ALA n 
1 117 VAL n 
1 118 SER n 
1 119 PRO n 
1 120 SER n 
1 121 VAL n 
1 122 ALA n 
1 123 LEU n 
1 124 PHE n 
1 125 SER n 
1 126 PHE n 
1 127 LEU n 
1 128 VAL n 
1 129 TRP n 
1 130 LEU n 
1 131 GLY n 
1 132 ILE n 
1 133 PHE n 
1 134 LEU n 
1 135 TRP n 
1 136 LYS n 
1 137 ARG n 
1 138 TYR n 
1 139 VAL n 
1 140 SER n 
1 141 LEU n 
1 142 ALA n 
1 143 SER n 
1 144 ILE n 
1 145 THR n 
1 146 ALA n 
1 147 THR n 
1 148 ILE n 
1 149 SER n 
1 150 ALA n 
1 151 PHE n 
1 152 LEU n 
1 153 PHE n 
1 154 LEU n 
1 155 PHE n 
1 156 VAL n 
1 157 ALA n 
1 158 GLY n 
1 159 TYR n 
1 160 PRO n 
1 161 VAL n 
1 162 ASN n 
1 163 VAL n 
1 164 LEU n 
1 165 PHE n 
1 166 MET n 
1 167 ALA n 
1 168 ILE n 
1 169 VAL n 
1 170 ILE n 
1 171 GLY n 
1 172 ALA n 
1 173 LEU n 
1 174 ILE n 
1 175 ILE n 
1 176 TYR n 
1 177 ARG n 
1 178 HIS n 
1 179 ARG n 
1 180 GLU n 
1 181 ASN n 
1 182 ILE n 
1 183 ASN n 
1 184 ARG n 
1 185 LEU n 
1 186 LEU n 
1 187 THR n 
1 188 GLY n 
1 189 ARG n 
1 190 GLU n 
1 191 HIS n 
1 192 ARG n 
1 193 PHE n 
1 194 GLY n 
1 195 THR n 
1 196 LEU n 
1 197 GLU n 
1 198 VAL n 
1 199 LEU n 
1 200 PHE n 
1 201 GLN n 
# 
_entity_src_gen.entity_id                          1 
_entity_src_gen.pdbx_src_id                        1 
_entity_src_gen.pdbx_alt_source_flag               sample 
_entity_src_gen.pdbx_seq_type                      'Biological sequence' 
_entity_src_gen.pdbx_beg_seq_num                   1 
_entity_src_gen.pdbx_end_seq_num                   201 
_entity_src_gen.gene_src_common_name               ? 
_entity_src_gen.gene_src_genus                     ? 
_entity_src_gen.pdbx_gene_src_gene                 'plsY, aq_676' 
_entity_src_gen.gene_src_species                   ? 
_entity_src_gen.gene_src_strain                    VF5 
_entity_src_gen.gene_src_tissue                    ? 
_entity_src_gen.gene_src_tissue_fraction           ? 
_entity_src_gen.gene_src_details                   ? 
_entity_src_gen.pdbx_gene_src_fragment             ? 
_entity_src_gen.pdbx_gene_src_scientific_name      'Aquifex aeolicus' 
_entity_src_gen.pdbx_gene_src_ncbi_taxonomy_id     224324 
_entity_src_gen.pdbx_gene_src_variant              ? 
_entity_src_gen.pdbx_gene_src_cell_line            ? 
_entity_src_gen.pdbx_gene_src_atcc                 ? 
_entity_src_gen.pdbx_gene_src_organ                ? 
_entity_src_gen.pdbx_gene_src_organelle            ? 
_entity_src_gen.pdbx_gene_src_cell                 ? 
_entity_src_gen.pdbx_gene_src_cellular_location    ? 
_entity_src_gen.host_org_common_name               ? 
_entity_src_gen.pdbx_host_org_scientific_name      'Escherichia coli' 
_entity_src_gen.pdbx_host_org_ncbi_taxonomy_id     469008 
_entity_src_gen.host_org_genus                     ? 
_entity_src_gen.pdbx_host_org_gene                 ? 
_entity_src_gen.pdbx_host_org_organ                ? 
_entity_src_gen.host_org_species                   ? 
_entity_src_gen.pdbx_host_org_tissue               ? 
_entity_src_gen.pdbx_host_org_tissue_fraction      ? 
_entity_src_gen.pdbx_host_org_strain               'BL21(DE3)' 
_entity_src_gen.pdbx_host_org_variant              ? 
_entity_src_gen.pdbx_host_org_cell_line            ? 
_entity_src_gen.pdbx_host_org_atcc                 ? 
_entity_src_gen.pdbx_host_org_culture_collection   ? 
_entity_src_gen.pdbx_host_org_cell                 ? 
_entity_src_gen.pdbx_host_org_organelle            ? 
_entity_src_gen.pdbx_host_org_cellular_location    ? 
_entity_src_gen.pdbx_host_org_vector_type          ? 
_entity_src_gen.pdbx_host_org_vector               ? 
_entity_src_gen.host_org_details                   ? 
_entity_src_gen.expression_system_id               ? 
_entity_src_gen.plasmid_name                       ? 
_entity_src_gen.plasmid_details                    ? 
_entity_src_gen.pdbx_description                   ? 
# 
loop_
_chem_comp.id 
_chem_comp.type 
_chem_comp.mon_nstd_flag 
_chem_comp.name 
_chem_comp.pdbx_synonyms 
_chem_comp.formula 
_chem_comp.formula_weight 
ALA 'L-peptide linking' y ALANINE                                          ?                   'C3 H7 N O2'     89.093  
ARG 'L-peptide linking' y ARGININE                                         ?                   'C6 H15 N4 O2 1' 175.209 
ASN 'L-peptide linking' y ASPARAGINE                                       ?                   'C4 H8 N2 O3'    132.118 
ASP 'L-peptide linking' y 'ASPARTIC ACID'                                  ?                   'C4 H7 N O4'     133.103 
FME 'L-peptide linking' n N-FORMYLMETHIONINE                               ?                   'C6 H11 N O3 S'  177.221 
G3P non-polymer         . SN-GLYCEROL-3-PHOSPHATE                          ?                   'C3 H9 O6 P'     172.074 
GLN 'L-peptide linking' y GLUTAMINE                                        ?                   'C5 H10 N2 O3'   146.144 
GLU 'L-peptide linking' y 'GLUTAMIC ACID'                                  ?                   'C5 H9 N O4'     147.129 
GLY 'peptide linking'   y GLYCINE                                          ?                   'C2 H5 N O2'     75.067  
HIS 'L-peptide linking' y HISTIDINE                                        ?                   'C6 H10 N3 O2 1' 156.162 
HOH non-polymer         . WATER                                            ?                   'H2 O'           18.015  
ILE 'L-peptide linking' y ISOLEUCINE                                       ?                   'C6 H13 N O2'    131.173 
LEU 'L-peptide linking' y LEUCINE                                          ?                   'C6 H13 N O2'    131.173 
LYS 'L-peptide linking' y LYSINE                                           ?                   'C6 H15 N2 O2 1' 147.195 
MET 'L-peptide linking' y METHIONINE                                       ?                   'C5 H11 N O2 S'  149.211 
OLC non-polymer         . '(2R)-2,3-dihydroxypropyl (9Z)-octadec-9-enoate' 1-Oleoyl-R-glycerol 'C21 H40 O4'     356.540 
PHE 'L-peptide linking' y PHENYLALANINE                                    ?                   'C9 H11 N O2'    165.189 
PO4 non-polymer         . 'PHOSPHATE ION'                                  ?                   'O4 P -3'        94.971  
PRO 'L-peptide linking' y PROLINE                                          ?                   'C5 H9 N O2'     115.130 
SER 'L-peptide linking' y SERINE                                           ?                   'C3 H7 N O3'     105.093 
THR 'L-peptide linking' y THREONINE                                        ?                   'C4 H9 N O3'     119.119 
TRP 'L-peptide linking' y TRYPTOPHAN                                       ?                   'C11 H12 N2 O2'  204.225 
TYR 'L-peptide linking' y TYROSINE                                         ?                   'C9 H11 N O3'    181.189 
VAL 'L-peptide linking' y VALINE                                           ?                   'C5 H11 N O2'    117.146 
# 
loop_
_pdbx_poly_seq_scheme.asym_id 
_pdbx_poly_seq_scheme.entity_id 
_pdbx_poly_seq_scheme.seq_id 
_pdbx_poly_seq_scheme.mon_id 
_pdbx_poly_seq_scheme.ndb_seq_num 
_pdbx_poly_seq_scheme.pdb_seq_num 
_pdbx_poly_seq_scheme.auth_seq_num 
_pdbx_poly_seq_scheme.pdb_mon_id 
_pdbx_poly_seq_scheme.auth_mon_id 
_pdbx_poly_seq_scheme.pdb_strand_id 
_pdbx_poly_seq_scheme.pdb_ins_code 
_pdbx_poly_seq_scheme.hetero 
A 1 1   FME 1   0   ?   ?   ?   A . n 
A 1 2   GLY 2   1   1   GLY GLY A . n 
A 1 3   SER 3   2   2   SER SER A . n 
A 1 4   ALA 4   3   3   ALA ALA A . n 
A 1 5   LEU 5   4   4   LEU LEU A . n 
A 1 6   PHE 6   5   5   PHE PHE A . n 
A 1 7   LEU 7   6   6   LEU LEU A . n 
A 1 8   VAL 8   7   7   VAL VAL A . n 
A 1 9   ILE 9   8   8   ILE ILE A . n 
A 1 10  PHE 10  9   9   PHE PHE A . n 
A 1 11  ALA 11  10  10  ALA ALA A . n 
A 1 12  TYR 12  11  11  TYR TYR A . n 
A 1 13  LEU 13  12  12  LEU LEU A . n 
A 1 14  LEU 14  13  13  LEU LEU A . n 
A 1 15  GLY 15  14  14  GLY GLY A . n 
A 1 16  SER 16  15  15  SER SER A . n 
A 1 17  ILE 17  16  16  ILE ILE A . n 
A 1 18  THR 18  17  17  THR THR A . n 
A 1 19  PHE 19  18  18  PHE PHE A . n 
A 1 20  GLY 20  19  19  GLY GLY A . n 
A 1 21  GLU 21  20  20  GLU GLU A . n 
A 1 22  VAL 22  21  21  VAL VAL A . n 
A 1 23  ILE 23  22  22  ILE ILE A . n 
A 1 24  ALA 24  23  23  ALA ALA A . n 
A 1 25  LYS 25  24  24  LYS LYS A . n 
A 1 26  LEU 26  25  25  LEU LEU A . n 
A 1 27  LYS 27  26  26  LYS LYS A . n 
A 1 28  GLY 28  27  27  GLY GLY A . n 
A 1 29  VAL 29  28  28  VAL VAL A . n 
A 1 30  ASP 30  29  29  ASP ASP A . n 
A 1 31  LEU 31  30  30  LEU LEU A . n 
A 1 32  ARG 32  31  31  ARG ARG A . n 
A 1 33  ASN 33  32  32  ASN ASN A . n 
A 1 34  VAL 34  33  33  VAL VAL A . n 
A 1 35  GLY 35  34  34  GLY GLY A . n 
A 1 36  SER 36  35  35  SER SER A . n 
A 1 37  GLY 37  36  36  GLY GLY A . n 
A 1 38  ASN 38  37  37  ASN ASN A . n 
A 1 39  VAL 39  38  38  VAL VAL A . n 
A 1 40  GLY 40  39  39  GLY GLY A . n 
A 1 41  ALA 41  40  40  ALA ALA A . n 
A 1 42  THR 42  41  41  THR THR A . n 
A 1 43  ASN 43  42  42  ASN ASN A . n 
A 1 44  VAL 44  43  43  VAL VAL A . n 
A 1 45  THR 45  44  44  THR THR A . n 
A 1 46  ARG 46  45  45  ARG ARG A . n 
A 1 47  ALA 47  46  46  ALA ALA A . n 
A 1 48  LEU 48  47  47  LEU LEU A . n 
A 1 49  GLY 49  48  48  GLY GLY A . n 
A 1 50  LYS 50  49  49  LYS LYS A . n 
A 1 51  LYS 51  50  50  LYS LYS A . n 
A 1 52  TYR 52  51  51  TYR TYR A . n 
A 1 53  GLY 53  52  52  GLY GLY A . n 
A 1 54  VAL 54  53  53  VAL VAL A . n 
A 1 55  LEU 55  54  54  LEU LEU A . n 
A 1 56  VAL 56  55  55  VAL VAL A . n 
A 1 57  PHE 57  56  56  PHE PHE A . n 
A 1 58  PHE 58  57  57  PHE PHE A . n 
A 1 59  LEU 59  58  58  LEU LEU A . n 
A 1 60  ASP 60  59  59  ASP ASP A . n 
A 1 61  PHE 61  60  60  PHE PHE A . n 
A 1 62  LEU 62  61  61  LEU LEU A . n 
A 1 63  LYS 63  62  62  LYS LYS A . n 
A 1 64  GLY 64  63  63  GLY GLY A . n 
A 1 65  PHE 65  64  64  PHE PHE A . n 
A 1 66  ILE 66  65  65  ILE ILE A . n 
A 1 67  PRO 67  66  66  PRO PRO A . n 
A 1 68  ALA 68  67  67  ALA ALA A . n 
A 1 69  LEU 69  68  68  LEU LEU A . n 
A 1 70  ILE 70  69  69  ILE ILE A . n 
A 1 71  ALA 71  70  70  ALA ALA A . n 
A 1 72  VAL 72  71  71  VAL VAL A . n 
A 1 73  LYS 73  72  72  LYS LYS A . n 
A 1 74  SER 74  73  73  SER SER A . n 
A 1 75  PHE 75  74  74  PHE PHE A . n 
A 1 76  GLY 76  75  75  GLY GLY A . n 
A 1 77  ILE 77  76  76  ILE ILE A . n 
A 1 78  ASP 78  77  77  ASP ASP A . n 
A 1 79  SER 79  78  78  SER SER A . n 
A 1 80  TRP 80  79  79  TRP TRP A . n 
A 1 81  VAL 81  80  80  VAL VAL A . n 
A 1 82  LEU 82  81  81  LEU LEU A . n 
A 1 83  THR 83  82  82  THR THR A . n 
A 1 84  PHE 84  83  83  PHE PHE A . n 
A 1 85  THR 85  84  84  THR THR A . n 
A 1 86  GLY 86  85  85  GLY GLY A . n 
A 1 87  LEU 87  86  86  LEU LEU A . n 
A 1 88  ALA 88  87  87  ALA ALA A . n 
A 1 89  SER 89  88  88  SER SER A . n 
A 1 90  VAL 90  89  89  VAL VAL A . n 
A 1 91  LEU 91  90  90  LEU LEU A . n 
A 1 92  GLY 92  91  91  GLY GLY A . n 
A 1 93  HIS 93  92  92  HIS HIS A . n 
A 1 94  MET 94  93  93  MET MET A . n 
A 1 95  TYR 95  94  94  TYR TYR A . n 
A 1 96  PRO 96  95  95  PRO PRO A . n 
A 1 97  VAL 97  96  96  VAL VAL A . n 
A 1 98  PHE 98  97  97  PHE PHE A . n 
A 1 99  PHE 99  98  98  PHE PHE A . n 
A 1 100 GLY 100 99  99  GLY GLY A . n 
A 1 101 PHE 101 100 100 PHE PHE A . n 
A 1 102 LYS 102 101 101 LYS LYS A . n 
A 1 103 GLY 103 102 102 GLY GLY A . n 
A 1 104 GLY 104 103 103 GLY GLY A . n 
A 1 105 LYS 105 104 104 LYS LYS A . n 
A 1 106 GLY 106 105 105 GLY GLY A . n 
A 1 107 VAL 107 106 106 VAL VAL A . n 
A 1 108 ALA 108 107 107 ALA ALA A . n 
A 1 109 THR 109 108 108 THR THR A . n 
A 1 110 ALA 110 109 109 ALA ALA A . n 
A 1 111 LEU 111 110 110 LEU LEU A . n 
A 1 112 GLY 112 111 111 GLY GLY A . n 
A 1 113 VAL 113 112 112 VAL VAL A . n 
A 1 114 VAL 114 113 113 VAL VAL A . n 
A 1 115 PHE 115 114 114 PHE PHE A . n 
A 1 116 ALA 116 115 115 ALA ALA A . n 
A 1 117 VAL 117 116 116 VAL VAL A . n 
A 1 118 SER 118 117 117 SER SER A . n 
A 1 119 PRO 119 118 118 PRO PRO A . n 
A 1 120 SER 120 119 119 SER SER A . n 
A 1 121 VAL 121 120 120 VAL VAL A . n 
A 1 122 ALA 122 121 121 ALA ALA A . n 
A 1 123 LEU 123 122 122 LEU LEU A . n 
A 1 124 PHE 124 123 123 PHE PHE A . n 
A 1 125 SER 125 124 124 SER SER A . n 
A 1 126 PHE 126 125 125 PHE PHE A . n 
A 1 127 LEU 127 126 126 LEU LEU A . n 
A 1 128 VAL 128 127 127 VAL VAL A . n 
A 1 129 TRP 129 128 128 TRP TRP A . n 
A 1 130 LEU 130 129 129 LEU LEU A . n 
A 1 131 GLY 131 130 130 GLY GLY A . n 
A 1 132 ILE 132 131 131 ILE ILE A . n 
A 1 133 PHE 133 132 132 PHE PHE A . n 
A 1 134 LEU 134 133 133 LEU LEU A . n 
A 1 135 TRP 135 134 134 TRP TRP A . n 
A 1 136 LYS 136 135 135 LYS LYS A . n 
A 1 137 ARG 137 136 136 ARG ARG A . n 
A 1 138 TYR 138 137 137 TYR TYR A . n 
A 1 139 VAL 139 138 138 VAL VAL A . n 
A 1 140 SER 140 139 139 SER SER A . n 
A 1 141 LEU 141 140 140 LEU LEU A . n 
A 1 142 ALA 142 141 141 ALA ALA A . n 
A 1 143 SER 143 142 142 SER SER A . n 
A 1 144 ILE 144 143 143 ILE ILE A . n 
A 1 145 THR 145 144 144 THR THR A . n 
A 1 146 ALA 146 145 145 ALA ALA A . n 
A 1 147 THR 147 146 146 THR THR A . n 
A 1 148 ILE 148 147 147 ILE ILE A . n 
A 1 149 SER 149 148 148 SER SER A . n 
A 1 150 ALA 150 149 149 ALA ALA A . n 
A 1 151 PHE 151 150 150 PHE PHE A . n 
A 1 152 LEU 152 151 151 LEU LEU A . n 
A 1 153 PHE 153 152 152 PHE PHE A . n 
A 1 154 LEU 154 153 153 LEU LEU A . n 
A 1 155 PHE 155 154 154 PHE PHE A . n 
A 1 156 VAL 156 155 155 VAL VAL A . n 
A 1 157 ALA 157 156 156 ALA ALA A . n 
A 1 158 GLY 158 157 157 GLY GLY A . n 
A 1 159 TYR 159 158 158 TYR TYR A . n 
A 1 160 PRO 160 159 159 PRO PRO A . n 
A 1 161 VAL 161 160 160 VAL VAL A . n 
A 1 162 ASN 162 161 161 ASN ASN A . n 
A 1 163 VAL 163 162 162 VAL VAL A . n 
A 1 164 LEU 164 163 163 LEU LEU A . n 
A 1 165 PHE 165 164 164 PHE PHE A . n 
A 1 166 MET 166 165 165 MET MET A . n 
A 1 167 ALA 167 166 166 ALA ALA A . n 
A 1 168 ILE 168 167 167 ILE ILE A . n 
A 1 169 VAL 169 168 168 VAL VAL A . n 
A 1 170 ILE 170 169 169 ILE ILE A . n 
A 1 171 GLY 171 170 170 GLY GLY A . n 
A 1 172 ALA 172 171 171 ALA ALA A . n 
A 1 173 LEU 173 172 172 LEU LEU A . n 
A 1 174 ILE 174 173 173 ILE ILE A . n 
A 1 175 ILE 175 174 174 ILE ILE A . n 
A 1 176 TYR 176 175 175 TYR TYR A . n 
A 1 177 ARG 177 176 176 ARG ARG A . n 
A 1 178 HIS 178 177 177 HIS HIS A . n 
A 1 179 ARG 179 178 178 ARG ARG A . n 
A 1 180 GLU 180 179 179 GLU GLU A . n 
A 1 181 ASN 181 180 180 ASN ASN A . n 
A 1 182 ILE 182 181 181 ILE ILE A . n 
A 1 183 ASN 183 182 182 ASN ASN A . n 
A 1 184 ARG 184 183 183 ARG ARG A . n 
A 1 185 LEU 185 184 184 LEU LEU A . n 
A 1 186 LEU 186 185 185 LEU LEU A . n 
A 1 187 THR 187 186 186 THR THR A . n 
A 1 188 GLY 188 187 187 GLY GLY A . n 
A 1 189 ARG 189 188 188 ARG ARG A . n 
A 1 190 GLU 190 189 189 GLU GLU A . n 
A 1 191 HIS 191 190 190 HIS HIS A . n 
A 1 192 ARG 192 191 191 ARG ARG A . n 
A 1 193 PHE 193 192 192 PHE PHE A . n 
A 1 194 GLY 194 193 193 GLY GLY A . n 
A 1 195 THR 195 194 194 THR THR A . n 
A 1 196 LEU 196 195 195 LEU LEU A . n 
A 1 197 GLU 197 196 196 GLU GLU A . n 
A 1 198 VAL 198 197 197 VAL VAL A . n 
A 1 199 LEU 199 198 198 LEU LEU A . n 
A 1 200 PHE 200 199 199 PHE PHE A . n 
A 1 201 GLN 201 200 200 GLN GLN A . n 
# 
loop_
_pdbx_nonpoly_scheme.asym_id 
_pdbx_nonpoly_scheme.entity_id 
_pdbx_nonpoly_scheme.mon_id 
_pdbx_nonpoly_scheme.ndb_seq_num 
_pdbx_nonpoly_scheme.pdb_seq_num 
_pdbx_nonpoly_scheme.auth_seq_num 
_pdbx_nonpoly_scheme.pdb_mon_id 
_pdbx_nonpoly_scheme.auth_mon_id 
_pdbx_nonpoly_scheme.pdb_strand_id 
_pdbx_nonpoly_scheme.pdb_ins_code 
B 2 G3P 1  301 1  G3P G3P A . 
C 3 OLC 1  302 1  OLC OLC A . 
D 3 OLC 1  303 2  OLC OLC A . 
E 3 OLC 1  304 3  OLC OLC A . 
F 3 OLC 1  305 4  OLC OLC A . 
G 4 PO4 1  306 1  PO4 PO4 A . 
H 5 HOH 1  401 17 HOH HOH A . 
H 5 HOH 2  402 12 HOH HOH A . 
H 5 HOH 3  403 6  HOH HOH A . 
H 5 HOH 4  404 2  HOH HOH A . 
H 5 HOH 5  405 8  HOH HOH A . 
H 5 HOH 6  406 4  HOH HOH A . 
H 5 HOH 7  407 15 HOH HOH A . 
H 5 HOH 8  408 7  HOH HOH A . 
H 5 HOH 9  409 3  HOH HOH A . 
H 5 HOH 10 410 9  HOH HOH A . 
H 5 HOH 11 411 5  HOH HOH A . 
H 5 HOH 12 412 10 HOH HOH A . 
H 5 HOH 13 413 14 HOH HOH A . 
H 5 HOH 14 414 16 HOH HOH A . 
H 5 HOH 15 415 13 HOH HOH A . 
H 5 HOH 16 416 11 HOH HOH A . 
# 
loop_
_software.citation_id 
_software.classification 
_software.compiler_name 
_software.compiler_version 
_software.contact_author 
_software.contact_author_email 
_software.date 
_software.description 
_software.dependencies 
_software.hardware 
_software.language 
_software.location 
_software.mods 
_software.name 
_software.os 
_software.os_version 
_software.type 
_software.version 
_software.pdbx_ordinal 
? refinement       ? ? ? ? ? ? ? ? ? ? ? PHENIX ? ? ? '(1.11.1_2575)' 1 
? 'data reduction' ? ? ? ? ? ? ? ? ? ? ? XDS    ? ? ? .               2 
? 'data scaling'   ? ? ? ? ? ? ? ? ? ? ? XDS    ? ? ? .               3 
? phasing          ? ? ? ? ? ? ? ? ? ? ? PHASER ? ? ? .               4 
# 
_cell.angle_alpha                  90.00 
_cell.angle_alpha_esd              ? 
_cell.angle_beta                   90.00 
_cell.angle_beta_esd               ? 
_cell.angle_gamma                  90.00 
_cell.angle_gamma_esd              ? 
_cell.entry_id                     5XJ6 
_cell.details                      ? 
_cell.formula_units_Z              ? 
_cell.length_a                     42.148 
_cell.length_a_esd                 ? 
_cell.length_b                     53.772 
_cell.length_b_esd                 ? 
_cell.length_c                     87.688 
_cell.length_c_esd                 ? 
_cell.volume                       ? 
_cell.volume_esd                   ? 
_cell.Z_PDB                        4 
_cell.reciprocal_angle_alpha       ? 
_cell.reciprocal_angle_beta        ? 
_cell.reciprocal_angle_gamma       ? 
_cell.reciprocal_angle_alpha_esd   ? 
_cell.reciprocal_angle_beta_esd    ? 
_cell.reciprocal_angle_gamma_esd   ? 
_cell.reciprocal_length_a          ? 
_cell.reciprocal_length_b          ? 
_cell.reciprocal_length_c          ? 
_cell.reciprocal_length_a_esd      ? 
_cell.reciprocal_length_b_esd      ? 
_cell.reciprocal_length_c_esd      ? 
_cell.pdbx_unique_axis             ? 
# 
_symmetry.entry_id                         5XJ6 
_symmetry.cell_setting                     ? 
_symmetry.Int_Tables_number                18 
_symmetry.space_group_name_Hall            ? 
_symmetry.space_group_name_H-M             'P 2 21 21' 
_symmetry.pdbx_full_space_group_name_H-M   ? 
# 
_exptl.absorpt_coefficient_mu     ? 
_exptl.absorpt_correction_T_max   ? 
_exptl.absorpt_correction_T_min   ? 
_exptl.absorpt_correction_type    ? 
_exptl.absorpt_process_details    ? 
_exptl.entry_id                   5XJ6 
_exptl.crystals_number            1 
_exptl.details                    ? 
_exptl.method                     'X-RAY DIFFRACTION' 
_exptl.method_details             ? 
# 
_exptl_crystal.colour                      ? 
_exptl_crystal.density_diffrn              ? 
_exptl_crystal.density_Matthews            2.27 
_exptl_crystal.density_method              ? 
_exptl_crystal.density_percent_sol         45.80 
_exptl_crystal.description                 ? 
_exptl_crystal.F_000                       ? 
_exptl_crystal.id                          1 
_exptl_crystal.preparation                 ? 
_exptl_crystal.size_max                    ? 
_exptl_crystal.size_mid                    ? 
_exptl_crystal.size_min                    ? 
_exptl_crystal.size_rad                    ? 
_exptl_crystal.colour_lustre               ? 
_exptl_crystal.colour_modifier             ? 
_exptl_crystal.colour_primary              ? 
_exptl_crystal.density_meas                ? 
_exptl_crystal.density_meas_esd            ? 
_exptl_crystal.density_meas_gt             ? 
_exptl_crystal.density_meas_lt             ? 
_exptl_crystal.density_meas_temp           ? 
_exptl_crystal.density_meas_temp_esd       ? 
_exptl_crystal.density_meas_temp_gt        ? 
_exptl_crystal.density_meas_temp_lt        ? 
_exptl_crystal.pdbx_crystal_image_url      ? 
_exptl_crystal.pdbx_crystal_image_format   ? 
_exptl_crystal.pdbx_mosaicity              ? 
_exptl_crystal.pdbx_mosaicity_esd          ? 
# 
_exptl_crystal_grow.apparatus       ? 
_exptl_crystal_grow.atmosphere      ? 
_exptl_crystal_grow.crystal_id      1 
_exptl_crystal_grow.details         ? 
_exptl_crystal_grow.method          'LIPIDIC CUBIC PHASE' 
_exptl_crystal_grow.method_ref      ? 
_exptl_crystal_grow.pH              8.0 
_exptl_crystal_grow.pressure        ? 
_exptl_crystal_grow.pressure_esd    ? 
_exptl_crystal_grow.seeding         ? 
_exptl_crystal_grow.seeding_ref     ? 
_exptl_crystal_grow.temp            293 
_exptl_crystal_grow.temp_details    ? 
_exptl_crystal_grow.temp_esd        ? 
_exptl_crystal_grow.time            ? 
_exptl_crystal_grow.pdbx_details    '35-38% PEG 400, 0.1-0.2M LiCl, 0.1M Tris HCl pH 8.0, 80mM glycerol phosphate' 
_exptl_crystal_grow.pdbx_pH_range   ? 
# 
_diffrn.ambient_environment    ? 
_diffrn.ambient_temp           100 
_diffrn.ambient_temp_details   ? 
_diffrn.ambient_temp_esd       ? 
_diffrn.crystal_id             1 
_diffrn.crystal_support        ? 
_diffrn.crystal_treatment      ? 
_diffrn.details                ? 
_diffrn.id                     1 
_diffrn.ambient_pressure       ? 
_diffrn.ambient_pressure_esd   ? 
_diffrn.ambient_pressure_gt    ? 
_diffrn.ambient_pressure_lt    ? 
_diffrn.ambient_temp_gt        ? 
_diffrn.ambient_temp_lt        ? 
# 
_diffrn_detector.details                      ? 
_diffrn_detector.detector                     PIXEL 
_diffrn_detector.diffrn_id                    1 
_diffrn_detector.type                         'DECTRIS PILATUS3 6M' 
_diffrn_detector.area_resol_mean              ? 
_diffrn_detector.dtime                        ? 
_diffrn_detector.pdbx_frames_total            ? 
_diffrn_detector.pdbx_collection_time_total   ? 
_diffrn_detector.pdbx_collection_date         2016-09-09 
# 
_diffrn_radiation.collimation                      ? 
_diffrn_radiation.diffrn_id                        1 
_diffrn_radiation.filter_edge                      ? 
_diffrn_radiation.inhomogeneity                    ? 
_diffrn_radiation.monochromator                    ? 
_diffrn_radiation.polarisn_norm                    ? 
_diffrn_radiation.polarisn_ratio                   ? 
_diffrn_radiation.probe                            ? 
_diffrn_radiation.type                             ? 
_diffrn_radiation.xray_symbol                      ? 
_diffrn_radiation.wavelength_id                    1 
_diffrn_radiation.pdbx_monochromatic_or_laue_m_l   M 
_diffrn_radiation.pdbx_wavelength_list             ? 
_diffrn_radiation.pdbx_wavelength                  ? 
_diffrn_radiation.pdbx_diffrn_protocol             'SINGLE WAVELENGTH' 
_diffrn_radiation.pdbx_analyzer                    ? 
_diffrn_radiation.pdbx_scattering_type             x-ray 
# 
_diffrn_radiation_wavelength.id           1 
_diffrn_radiation_wavelength.wavelength   0.97853 
_diffrn_radiation_wavelength.wt           1.0 
# 
_diffrn_source.current                     ? 
_diffrn_source.details                     ? 
_diffrn_source.diffrn_id                   1 
_diffrn_source.power                       ? 
_diffrn_source.size                        ? 
_diffrn_source.source                      SYNCHROTRON 
_diffrn_source.target                      ? 
_diffrn_source.type                        'NFPSS BEAMLINE BL19U1' 
_diffrn_source.voltage                     ? 
_diffrn_source.take-off_angle              ? 
_diffrn_source.pdbx_wavelength_list        0.97853 
_diffrn_source.pdbx_wavelength             ? 
_diffrn_source.pdbx_synchrotron_beamline   BL19U1 
_diffrn_source.pdbx_synchrotron_site       NFPSS 
# 
_reflns.B_iso_Wilson_estimate            ? 
_reflns.entry_id                         5XJ6 
_reflns.data_reduction_details           ? 
_reflns.data_reduction_method            ? 
_reflns.d_resolution_high                2.37 
_reflns.d_resolution_low                 45.84 
_reflns.details                          ? 
_reflns.limit_h_max                      ? 
_reflns.limit_h_min                      ? 
_reflns.limit_k_max                      ? 
_reflns.limit_k_min                      ? 
_reflns.limit_l_max                      ? 
_reflns.limit_l_min                      ? 
_reflns.number_all                       ? 
_reflns.number_obs                       8548 
_reflns.observed_criterion               ? 
_reflns.observed_criterion_F_max         ? 
_reflns.observed_criterion_F_min         ? 
_reflns.observed_criterion_I_max         ? 
_reflns.observed_criterion_I_min         ? 
_reflns.observed_criterion_sigma_F       ? 
_reflns.observed_criterion_sigma_I       ? 
_reflns.percent_possible_obs             98.9 
_reflns.R_free_details                   ? 
_reflns.Rmerge_F_all                     ? 
_reflns.Rmerge_F_obs                     ? 
_reflns.Friedel_coverage                 ? 
_reflns.number_gt                        ? 
_reflns.threshold_expression             ? 
_reflns.pdbx_redundancy                  12.4 
_reflns.pdbx_Rmerge_I_obs                0.099 
_reflns.pdbx_Rmerge_I_all                ? 
_reflns.pdbx_Rsym_value                  ? 
_reflns.pdbx_netI_over_av_sigmaI         ? 
_reflns.pdbx_netI_over_sigmaI            11.9 
_reflns.pdbx_res_netI_over_av_sigmaI_2   ? 
_reflns.pdbx_res_netI_over_sigmaI_2      ? 
_reflns.pdbx_chi_squared                 ? 
_reflns.pdbx_scaling_rejects             ? 
_reflns.pdbx_d_res_high_opt              ? 
_reflns.pdbx_d_res_low_opt               ? 
_reflns.pdbx_d_res_opt_method            ? 
_reflns.phase_calculation_details        ? 
_reflns.pdbx_Rrim_I_all                  ? 
_reflns.pdbx_Rpim_I_all                  0.060 
_reflns.pdbx_d_opt                       ? 
_reflns.pdbx_number_measured_all         ? 
_reflns.pdbx_diffrn_id                   1 
_reflns.pdbx_ordinal                     1 
_reflns.pdbx_CC_half                     ? 
_reflns.pdbx_R_split                     ? 
# 
_reflns_shell.d_res_high                  2.37 
_reflns_shell.d_res_low                   2.46 
_reflns_shell.meanI_over_sigI_all         ? 
_reflns_shell.meanI_over_sigI_obs         1.7 
_reflns_shell.number_measured_all         ? 
_reflns_shell.number_measured_obs         ? 
_reflns_shell.number_possible             ? 
_reflns_shell.number_unique_all           ? 
_reflns_shell.number_unique_obs           ? 
_reflns_shell.percent_possible_all        89.9 
_reflns_shell.percent_possible_obs        ? 
_reflns_shell.Rmerge_F_all                ? 
_reflns_shell.Rmerge_F_obs                ? 
_reflns_shell.Rmerge_I_all                ? 
_reflns_shell.Rmerge_I_obs                1.145 
_reflns_shell.meanI_over_sigI_gt          ? 
_reflns_shell.meanI_over_uI_all           ? 
_reflns_shell.meanI_over_uI_gt            ? 
_reflns_shell.number_measured_gt          ? 
_reflns_shell.number_unique_gt            ? 
_reflns_shell.percent_possible_gt         ? 
_reflns_shell.Rmerge_F_gt                 ? 
_reflns_shell.Rmerge_I_gt                 ? 
_reflns_shell.pdbx_redundancy             9.7 
_reflns_shell.pdbx_Rsym_value             ? 
_reflns_shell.pdbx_chi_squared            ? 
_reflns_shell.pdbx_netI_over_sigmaI_all   ? 
_reflns_shell.pdbx_netI_over_sigmaI_obs   ? 
_reflns_shell.pdbx_Rrim_I_all             ? 
_reflns_shell.pdbx_Rpim_I_all             0.382 
_reflns_shell.pdbx_rejects                ? 
_reflns_shell.pdbx_ordinal                1 
_reflns_shell.pdbx_diffrn_id              1 
_reflns_shell.pdbx_CC_half                ? 
_reflns_shell.pdbx_R_split                ? 
# 
_refine.aniso_B[1][1]                            ? 
_refine.aniso_B[1][2]                            ? 
_refine.aniso_B[1][3]                            ? 
_refine.aniso_B[2][2]                            ? 
_refine.aniso_B[2][3]                            ? 
_refine.aniso_B[3][3]                            ? 
_refine.B_iso_max                                ? 
_refine.B_iso_mean                               ? 
_refine.B_iso_min                                ? 
_refine.correlation_coeff_Fo_to_Fc               ? 
_refine.correlation_coeff_Fo_to_Fc_free          ? 
_refine.details                                  ? 
_refine.diff_density_max                         ? 
_refine.diff_density_max_esd                     ? 
_refine.diff_density_min                         ? 
_refine.diff_density_min_esd                     ? 
_refine.diff_density_rms                         ? 
_refine.diff_density_rms_esd                     ? 
_refine.entry_id                                 5XJ6 
_refine.pdbx_refine_id                           'X-RAY DIFFRACTION' 
_refine.ls_abs_structure_details                 ? 
_refine.ls_abs_structure_Flack                   ? 
_refine.ls_abs_structure_Flack_esd               ? 
_refine.ls_abs_structure_Rogers                  ? 
_refine.ls_abs_structure_Rogers_esd              ? 
_refine.ls_d_res_high                            2.370 
_refine.ls_d_res_low                             45.840 
_refine.ls_extinction_coef                       ? 
_refine.ls_extinction_coef_esd                   ? 
_refine.ls_extinction_expression                 ? 
_refine.ls_extinction_method                     ? 
_refine.ls_goodness_of_fit_all                   ? 
_refine.ls_goodness_of_fit_all_esd               ? 
_refine.ls_goodness_of_fit_obs                   ? 
_refine.ls_goodness_of_fit_obs_esd               ? 
_refine.ls_hydrogen_treatment                    ? 
_refine.ls_matrix_type                           ? 
_refine.ls_number_constraints                    ? 
_refine.ls_number_parameters                     ? 
_refine.ls_number_reflns_all                     ? 
_refine.ls_number_reflns_obs                     8438 
_refine.ls_number_reflns_R_free                  442 
_refine.ls_number_reflns_R_work                  ? 
_refine.ls_number_restraints                     ? 
_refine.ls_percent_reflns_obs                    98.69 
_refine.ls_percent_reflns_R_free                 5.24 
_refine.ls_R_factor_all                          ? 
_refine.ls_R_factor_obs                          0.2210 
_refine.ls_R_factor_R_free                       0.2629 
_refine.ls_R_factor_R_free_error                 ? 
_refine.ls_R_factor_R_free_error_details         ? 
_refine.ls_R_factor_R_work                       0.2186 
_refine.ls_R_Fsqd_factor_obs                     ? 
_refine.ls_R_I_factor_obs                        ? 
_refine.ls_redundancy_reflns_all                 ? 
_refine.ls_redundancy_reflns_obs                 ? 
_refine.ls_restrained_S_all                      ? 
_refine.ls_restrained_S_obs                      ? 
_refine.ls_shift_over_esd_max                    ? 
_refine.ls_shift_over_esd_mean                   ? 
_refine.ls_structure_factor_coef                 ? 
_refine.ls_weighting_details                     ? 
_refine.ls_weighting_scheme                      ? 
_refine.ls_wR_factor_all                         ? 
_refine.ls_wR_factor_obs                         ? 
_refine.ls_wR_factor_R_free                      ? 
_refine.ls_wR_factor_R_work                      ? 
_refine.occupancy_max                            ? 
_refine.occupancy_min                            ? 
_refine.solvent_model_details                    ? 
_refine.solvent_model_param_bsol                 ? 
_refine.solvent_model_param_ksol                 ? 
_refine.ls_R_factor_gt                           ? 
_refine.ls_goodness_of_fit_gt                    ? 
_refine.ls_goodness_of_fit_ref                   ? 
_refine.ls_shift_over_su_max                     ? 
_refine.ls_shift_over_su_max_lt                  ? 
_refine.ls_shift_over_su_mean                    ? 
_refine.ls_shift_over_su_mean_lt                 ? 
_refine.pdbx_ls_sigma_I                          ? 
_refine.pdbx_ls_sigma_F                          1.34 
_refine.pdbx_ls_sigma_Fsqd                       ? 
_refine.pdbx_data_cutoff_high_absF               ? 
_refine.pdbx_data_cutoff_high_rms_absF           ? 
_refine.pdbx_data_cutoff_low_absF                ? 
_refine.pdbx_isotropic_thermal_model             ? 
_refine.pdbx_ls_cross_valid_method               'FREE R-VALUE' 
_refine.pdbx_method_to_determine_struct          'MOLECULAR REPLACEMENT' 
_refine.pdbx_starting_model                      ? 
_refine.pdbx_stereochemistry_target_values       ? 
_refine.pdbx_R_Free_selection_details            ? 
_refine.pdbx_stereochem_target_val_spec_case     ? 
_refine.pdbx_overall_ESU_R                       ? 
_refine.pdbx_overall_ESU_R_Free                  ? 
_refine.pdbx_solvent_vdw_probe_radii             1.11 
_refine.pdbx_solvent_ion_probe_radii             ? 
_refine.pdbx_solvent_shrinkage_radii             0.90 
_refine.pdbx_real_space_R                        ? 
_refine.pdbx_density_correlation                 ? 
_refine.pdbx_pd_number_of_powder_patterns        ? 
_refine.pdbx_pd_number_of_points                 ? 
_refine.pdbx_pd_meas_number_of_points            ? 
_refine.pdbx_pd_proc_ls_prof_R_factor            ? 
_refine.pdbx_pd_proc_ls_prof_wR_factor           ? 
_refine.pdbx_pd_Marquardt_correlation_coeff      ? 
_refine.pdbx_pd_Fsqrd_R_factor                   ? 
_refine.pdbx_pd_ls_matrix_band_width             ? 
_refine.pdbx_overall_phase_error                 29.32 
_refine.pdbx_overall_SU_R_free_Cruickshank_DPI   ? 
_refine.pdbx_overall_SU_R_free_Blow_DPI          ? 
_refine.pdbx_overall_SU_R_Blow_DPI               ? 
_refine.pdbx_TLS_residual_ADP_flag               ? 
_refine.pdbx_diffrn_id                           1 
_refine.overall_SU_B                             ? 
_refine.overall_SU_ML                            0.23 
_refine.overall_SU_R_Cruickshank_DPI             ? 
_refine.overall_SU_R_free                        ? 
_refine.overall_FOM_free_R_set                   ? 
_refine.overall_FOM_work_R_set                   ? 
_refine.pdbx_average_fsc_overall                 ? 
_refine.pdbx_average_fsc_work                    ? 
_refine.pdbx_average_fsc_free                    ? 
# 
_refine_hist.pdbx_refine_id                   'X-RAY DIFFRACTION' 
_refine_hist.cycle_id                         LAST 
_refine_hist.pdbx_number_atoms_protein        1545 
_refine_hist.pdbx_number_atoms_nucleic_acid   0 
_refine_hist.pdbx_number_atoms_ligand         115 
_refine_hist.number_atoms_solvent             16 
_refine_hist.number_atoms_total               1676 
_refine_hist.d_res_high                       2.370 
_refine_hist.d_res_low                        45.840 
# 
loop_
_refine_ls_restr.pdbx_refine_id 
_refine_ls_restr.criterion 
_refine_ls_restr.dev_ideal 
_refine_ls_restr.dev_ideal_target 
_refine_ls_restr.number 
_refine_ls_restr.rejects 
_refine_ls_restr.type 
_refine_ls_restr.weight 
_refine_ls_restr.pdbx_restraint_function 
'X-RAY DIFFRACTION' ? 0.003  ? 1712 ? f_bond_d           ? ? 
'X-RAY DIFFRACTION' ? 0.626  ? 2300 ? f_angle_d          ? ? 
'X-RAY DIFFRACTION' ? 10.347 ? 1306 ? f_dihedral_angle_d ? ? 
'X-RAY DIFFRACTION' ? 0.037  ? 264  ? f_chiral_restr     ? ? 
'X-RAY DIFFRACTION' ? 0.003  ? 272  ? f_plane_restr      ? ? 
# 
loop_
_refine_ls_shell.pdbx_refine_id 
_refine_ls_shell.d_res_high 
_refine_ls_shell.d_res_low 
_refine_ls_shell.number_reflns_all 
_refine_ls_shell.number_reflns_obs 
_refine_ls_shell.number_reflns_R_free 
_refine_ls_shell.number_reflns_R_work 
_refine_ls_shell.percent_reflns_obs 
_refine_ls_shell.percent_reflns_R_free 
_refine_ls_shell.R_factor_all 
_refine_ls_shell.R_factor_obs 
_refine_ls_shell.R_factor_R_free 
_refine_ls_shell.R_factor_R_free_error 
_refine_ls_shell.R_factor_R_work 
_refine_ls_shell.redundancy_reflns_all 
_refine_ls_shell.redundancy_reflns_obs 
_refine_ls_shell.wR_factor_all 
_refine_ls_shell.wR_factor_obs 
_refine_ls_shell.wR_factor_R_free 
_refine_ls_shell.wR_factor_R_work 
_refine_ls_shell.pdbx_total_number_of_bins_used 
_refine_ls_shell.pdbx_phase_error 
_refine_ls_shell.pdbx_fsc_work 
_refine_ls_shell.pdbx_fsc_free 
'X-RAY DIFFRACTION' 2.3695 2.7124  . . 138 2548 97.00  . . . 0.2796 . 0.2210 . . . . . . . . . . 
'X-RAY DIFFRACTION' 2.7124 3.4171  . . 158 2656 100.00 . . . 0.3102 . 0.2335 . . . . . . . . . . 
'X-RAY DIFFRACTION' 3.4171 45.8482 . . 146 2792 99.00  . . . 0.2389 . 0.2116 . . . . . . . . . . 
# 
_struct.entry_id                     5XJ6 
_struct.title                        
'Crystal structure of PlsY (YgiH), an integral membrane glycerol 3-phosphate acyltransferase - the glycerol 3-phosphate form' 
_struct.pdbx_model_details           ? 
_struct.pdbx_formula_weight          ? 
_struct.pdbx_formula_weight_method   ? 
_struct.pdbx_model_type_details      ? 
_struct.pdbx_CASP_flag               N 
# 
_struct_keywords.entry_id        5XJ6 
_struct_keywords.text            
;glycerol 3-phosphate acyltransferase, glycerylphosphate acyltransferase, GPAT, in meso, lipid cubic phase, lipidic cubic phase, lipid metabolism, monoacylglycerol, phospholipid biosynthesis, PlsY, substrate, YgiH, TRANSFERASE
;
_struct_keywords.pdbx_keywords   TRANSFERASE 
# 
loop_
_struct_asym.id 
_struct_asym.pdbx_blank_PDB_chainid_flag 
_struct_asym.pdbx_modified 
_struct_asym.entity_id 
_struct_asym.details 
A N N 1 ? 
B N N 2 ? 
C N N 3 ? 
D N N 3 ? 
E N N 3 ? 
F N N 3 ? 
G N N 4 ? 
H N N 5 ? 
# 
_struct_ref.id                         1 
_struct_ref.db_name                    UNP 
_struct_ref.db_code                    PLSY_AQUAE 
_struct_ref.pdbx_db_accession          O66905 
_struct_ref.pdbx_db_isoform            ? 
_struct_ref.entity_id                  1 
_struct_ref.pdbx_seq_one_letter_code   
;ALFLVIFAYLLGSITFGEVIAKLKGVDLRNVGSGNVGATNVTRALGKKYGVLVFFLDFLKGFIPALIAVKSFGIDSWVLT
FTGLASVLGHMYPVFFGFKGGKGVATALGVVFAVSPSVALFSFLVWLGIFLWKRYVSLASITATISAFLFLFVAGYPVNV
LFMAIVIGALIIYRHRENINRLLTGREHRF
;
_struct_ref.pdbx_align_begin           3 
# 
_struct_ref_seq.align_id                      1 
_struct_ref_seq.ref_id                        1 
_struct_ref_seq.pdbx_PDB_id_code              5XJ6 
_struct_ref_seq.pdbx_strand_id                A 
_struct_ref_seq.seq_align_beg                 4 
_struct_ref_seq.pdbx_seq_align_beg_ins_code   ? 
_struct_ref_seq.seq_align_end                 193 
_struct_ref_seq.pdbx_seq_align_end_ins_code   ? 
_struct_ref_seq.pdbx_db_accession             O66905 
_struct_ref_seq.db_align_beg                  3 
_struct_ref_seq.pdbx_db_align_beg_ins_code    ? 
_struct_ref_seq.db_align_end                  192 
_struct_ref_seq.pdbx_db_align_end_ins_code    ? 
_struct_ref_seq.pdbx_auth_seq_align_beg       3 
_struct_ref_seq.pdbx_auth_seq_align_end       192 
# 
loop_
_struct_ref_seq_dif.align_id 
_struct_ref_seq_dif.pdbx_pdb_id_code 
_struct_ref_seq_dif.mon_id 
_struct_ref_seq_dif.pdbx_pdb_strand_id 
_struct_ref_seq_dif.seq_num 
_struct_ref_seq_dif.pdbx_pdb_ins_code 
_struct_ref_seq_dif.pdbx_seq_db_name 
_struct_ref_seq_dif.pdbx_seq_db_accession_code 
_struct_ref_seq_dif.db_mon_id 
_struct_ref_seq_dif.pdbx_seq_db_seq_num 
_struct_ref_seq_dif.details 
_struct_ref_seq_dif.pdbx_auth_seq_num 
_struct_ref_seq_dif.pdbx_ordinal 
1 5XJ6 FME A 1   ? UNP O66905 ? ? 'expression tag' 0   1  
1 5XJ6 GLY A 2   ? UNP O66905 ? ? 'expression tag' 1   2  
1 5XJ6 SER A 3   ? UNP O66905 ? ? 'expression tag' 2   3  
1 5XJ6 GLY A 194 ? UNP O66905 ? ? 'expression tag' 193 4  
1 5XJ6 THR A 195 ? UNP O66905 ? ? 'expression tag' 194 5  
1 5XJ6 LEU A 196 ? UNP O66905 ? ? 'expression tag' 195 6  
1 5XJ6 GLU A 197 ? UNP O66905 ? ? 'expression tag' 196 7  
1 5XJ6 VAL A 198 ? UNP O66905 ? ? 'expression tag' 197 8  
1 5XJ6 LEU A 199 ? UNP O66905 ? ? 'expression tag' 198 9  
1 5XJ6 PHE A 200 ? UNP O66905 ? ? 'expression tag' 199 10 
1 5XJ6 GLN A 201 ? UNP O66905 ? ? 'expression tag' 200 11 
# 
_pdbx_struct_assembly.id                   1 
_pdbx_struct_assembly.details              author_defined_assembly 
_pdbx_struct_assembly.method_details       ? 
_pdbx_struct_assembly.oligomeric_details   monomeric 
_pdbx_struct_assembly.oligomeric_count     1 
# 
loop_
_pdbx_struct_assembly_prop.biol_id 
_pdbx_struct_assembly_prop.type 
_pdbx_struct_assembly_prop.value 
_pdbx_struct_assembly_prop.details 
1 'ABSA (A^2)' 690   ? 
1 MORE         -14   ? 
1 'SSA (A^2)'  10100 ? 
# 
_pdbx_struct_assembly_gen.assembly_id       1 
_pdbx_struct_assembly_gen.oper_expression   1 
_pdbx_struct_assembly_gen.asym_id_list      A,B,C,D,E,F,G,H 
# 
_pdbx_struct_assembly_auth_evidence.id                     1 
_pdbx_struct_assembly_auth_evidence.assembly_id            1 
_pdbx_struct_assembly_auth_evidence.experimental_support   none 
_pdbx_struct_assembly_auth_evidence.details                ? 
# 
_pdbx_struct_oper_list.id                   1 
_pdbx_struct_oper_list.type                 'identity operation' 
_pdbx_struct_oper_list.name                 1_555 
_pdbx_struct_oper_list.symmetry_operation   x,y,z 
_pdbx_struct_oper_list.matrix[1][1]         1.0000000000 
_pdbx_struct_oper_list.matrix[1][2]         0.0000000000 
_pdbx_struct_oper_list.matrix[1][3]         0.0000000000 
_pdbx_struct_oper_list.vector[1]            0.0000000000 
_pdbx_struct_oper_list.matrix[2][1]         0.0000000000 
_pdbx_struct_oper_list.matrix[2][2]         1.0000000000 
_pdbx_struct_oper_list.matrix[2][3]         0.0000000000 
_pdbx_struct_oper_list.vector[2]            0.0000000000 
_pdbx_struct_oper_list.matrix[3][1]         0.0000000000 
_pdbx_struct_oper_list.matrix[3][2]         0.0000000000 
_pdbx_struct_oper_list.matrix[3][3]         1.0000000000 
_pdbx_struct_oper_list.vector[3]            0.0000000000 
# 
loop_
_struct_conf.conf_type_id 
_struct_conf.id 
_struct_conf.pdbx_PDB_helix_id 
_struct_conf.beg_label_comp_id 
_struct_conf.beg_label_asym_id 
_struct_conf.beg_label_seq_id 
_struct_conf.pdbx_beg_PDB_ins_code 
_struct_conf.end_label_comp_id 
_struct_conf.end_label_asym_id 
_struct_conf.end_label_seq_id 
_struct_conf.pdbx_end_PDB_ins_code 
_struct_conf.beg_auth_comp_id 
_struct_conf.beg_auth_asym_id 
_struct_conf.beg_auth_seq_id 
_struct_conf.end_auth_comp_id 
_struct_conf.end_auth_asym_id 
_struct_conf.end_auth_seq_id 
_struct_conf.pdbx_PDB_helix_class 
_struct_conf.details 
_struct_conf.pdbx_PDB_helix_length 
HELX_P HELX_P1  AA1 GLY A 2   ? SER A 16  ? GLY A 1   SER A 15  1 ? 15 
HELX_P HELX_P2  AA2 THR A 18  ? GLY A 28  ? THR A 17  GLY A 27  1 ? 11 
HELX_P HELX_P3  AA3 GLY A 40  ? GLY A 49  ? GLY A 39  GLY A 48  1 ? 10 
HELX_P HELX_P4  AA4 GLY A 49  ? GLY A 76  ? GLY A 48  GLY A 75  1 ? 28 
HELX_P HELX_P5  AA5 SER A 79  ? TYR A 95  ? SER A 78  TYR A 94  1 ? 17 
HELX_P HELX_P6  AA6 GLY A 106 ? SER A 118 ? GLY A 105 SER A 117 1 ? 13 
HELX_P HELX_P7  AA7 SER A 118 ? ARG A 137 ? SER A 117 ARG A 136 1 ? 20 
HELX_P HELX_P8  AA8 TYR A 138 ? ALA A 157 ? TYR A 137 ALA A 156 1 ? 20 
HELX_P HELX_P9  AA9 PRO A 160 ? HIS A 178 ? PRO A 159 HIS A 177 1 ? 19 
HELX_P HELX_P10 AB1 HIS A 178 ? THR A 187 ? HIS A 177 THR A 186 1 ? 10 
HELX_P HELX_P11 AB2 GLY A 194 ? GLN A 201 ? GLY A 193 GLN A 200 1 ? 8  
# 
_struct_conf_type.id          HELX_P 
_struct_conf_type.criteria    ? 
_struct_conf_type.reference   ? 
# 
loop_
_struct_site.id 
_struct_site.pdbx_evidence_code 
_struct_site.pdbx_auth_asym_id 
_struct_site.pdbx_auth_comp_id 
_struct_site.pdbx_auth_seq_id 
_struct_site.pdbx_auth_ins_code 
_struct_site.pdbx_num_residues 
_struct_site.details 
AC1 Software A G3P 301 ? 11 'binding site for residue G3P A 301' 
AC2 Software A OLC 302 ? 9  'binding site for residue OLC A 302' 
AC3 Software A OLC 303 ? 5  'binding site for residue OLC A 303' 
AC4 Software A OLC 304 ? 5  'binding site for residue OLC A 304' 
AC5 Software A OLC 305 ? 11 'binding site for residue OLC A 305' 
AC6 Software A PO4 306 ? 8  'binding site for residue PO4 A 306' 
# 
loop_
_struct_site_gen.id 
_struct_site_gen.site_id 
_struct_site_gen.pdbx_num_res 
_struct_site_gen.label_comp_id 
_struct_site_gen.label_asym_id 
_struct_site_gen.label_seq_id 
_struct_site_gen.pdbx_auth_ins_code 
_struct_site_gen.auth_comp_id 
_struct_site_gen.auth_asym_id 
_struct_site_gen.auth_seq_id 
_struct_site_gen.label_atom_id 
_struct_site_gen.label_alt_id 
_struct_site_gen.symmetry 
_struct_site_gen.details 
1  AC1 11 SER A 36  ? SER A 35  . ? 1_555 ? 
2  AC1 11 THR A 42  ? THR A 41  . ? 1_555 ? 
3  AC1 11 ARG A 46  ? ARG A 45  . ? 1_555 ? 
4  AC1 11 LYS A 105 ? LYS A 104 . ? 1_555 ? 
5  AC1 11 VAL A 139 ? VAL A 138 . ? 1_555 ? 
6  AC1 11 SER A 143 ? SER A 142 . ? 1_555 ? 
7  AC1 11 HIS A 178 ? HIS A 177 . ? 1_555 ? 
8  AC1 11 ASN A 181 ? ASN A 180 . ? 1_555 ? 
9  AC1 11 PO4 G .   ? PO4 A 306 . ? 1_555 ? 
10 AC1 11 HOH H .   ? HOH A 401 . ? 1_555 ? 
11 AC1 11 HOH H .   ? HOH A 403 . ? 1_555 ? 
12 AC2 9  PHE A 57  ? PHE A 56  . ? 1_555 ? 
13 AC2 9  LEU A 111 ? LEU A 110 . ? 1_555 ? 
14 AC2 9  TRP A 129 ? TRP A 128 . ? 1_555 ? 
15 AC2 9  PHE A 133 ? PHE A 132 . ? 1_555 ? 
16 AC2 9  ALA A 146 ? ALA A 145 . ? 1_555 ? 
17 AC2 9  ALA A 167 ? ALA A 166 . ? 1_555 ? 
18 AC2 9  VAL A 198 ? VAL A 197 . ? 2_557 ? 
19 AC2 9  LEU A 199 ? LEU A 198 . ? 2_557 ? 
20 AC2 9  GLN A 201 ? GLN A 200 . ? 1_555 ? 
21 AC3 5  PHE A 84  ? PHE A 83  . ? 1_555 ? 
22 AC3 5  ILE A 132 ? ILE A 131 . ? 3_757 ? 
23 AC3 5  TRP A 135 ? TRP A 134 . ? 3_757 ? 
24 AC3 5  PHE A 153 ? PHE A 152 . ? 3_757 ? 
25 AC3 5  VAL A 169 ? VAL A 168 . ? 1_555 ? 
26 AC4 5  SER A 120 ? SER A 119 . ? 3_757 ? 
27 AC4 5  LEU A 123 ? LEU A 122 . ? 3_757 ? 
28 AC4 5  TYR A 176 ? TYR A 175 . ? 1_555 ? 
29 AC4 5  ARG A 179 ? ARG A 178 . ? 1_555 ? 
30 AC4 5  OLC F .   ? OLC A 305 . ? 1_555 ? 
31 AC5 11 TYR A 12  ? TYR A 11  . ? 1_555 ? 
32 AC5 11 TYR A 95  ? TYR A 94  . ? 1_555 ? 
33 AC5 11 PHE A 101 ? PHE A 100 . ? 1_555 ? 
34 AC5 11 SER A 118 ? SER A 117 . ? 3_757 ? 
35 AC5 11 SER A 120 ? SER A 119 . ? 3_757 ? 
36 AC5 11 VAL A 121 ? VAL A 120 . ? 3_757 ? 
37 AC5 11 PHE A 153 ? PHE A 152 . ? 3_757 ? 
38 AC5 11 ALA A 157 ? ALA A 156 . ? 3_757 ? 
39 AC5 11 TYR A 159 ? TYR A 158 . ? 3_757 ? 
40 AC5 11 TYR A 176 ? TYR A 175 . ? 1_555 ? 
41 AC5 11 OLC E .   ? OLC A 304 . ? 1_555 ? 
42 AC6 8  ASN A 38  ? ASN A 37  . ? 1_555 ? 
43 AC6 8  GLY A 40  ? GLY A 39  . ? 1_555 ? 
44 AC6 8  HIS A 93  ? HIS A 92  . ? 1_555 ? 
45 AC6 8  GLY A 104 ? GLY A 103 . ? 1_555 ? 
46 AC6 8  LYS A 105 ? LYS A 104 . ? 1_555 ? 
47 AC6 8  GLY A 106 ? GLY A 105 . ? 1_555 ? 
48 AC6 8  VAL A 107 ? VAL A 106 . ? 1_555 ? 
49 AC6 8  G3P B .   ? G3P A 301 . ? 1_555 ? 
# 
_pdbx_entry_details.entry_id                   5XJ6 
_pdbx_entry_details.compound_details           ? 
_pdbx_entry_details.source_details             ? 
_pdbx_entry_details.nonpolymer_details         ? 
_pdbx_entry_details.sequence_details           ? 
_pdbx_entry_details.has_ligand_of_interest     ? 
_pdbx_entry_details.has_protein_modification   N 
# 
_pdbx_unobs_or_zero_occ_residues.id               1 
_pdbx_unobs_or_zero_occ_residues.PDB_model_num    1 
_pdbx_unobs_or_zero_occ_residues.polymer_flag     Y 
_pdbx_unobs_or_zero_occ_residues.occupancy_flag   1 
_pdbx_unobs_or_zero_occ_residues.auth_asym_id     A 
_pdbx_unobs_or_zero_occ_residues.auth_comp_id     FME 
_pdbx_unobs_or_zero_occ_residues.auth_seq_id      0 
_pdbx_unobs_or_zero_occ_residues.PDB_ins_code     ? 
_pdbx_unobs_or_zero_occ_residues.label_asym_id    A 
_pdbx_unobs_or_zero_occ_residues.label_comp_id    FME 
_pdbx_unobs_or_zero_occ_residues.label_seq_id     1 
# 
loop_
_chem_comp_atom.comp_id 
_chem_comp_atom.atom_id 
_chem_comp_atom.type_symbol 
_chem_comp_atom.pdbx_aromatic_flag 
_chem_comp_atom.pdbx_stereo_config 
_chem_comp_atom.pdbx_ordinal 
ALA N    N N N 1   
ALA CA   C N S 2   
ALA C    C N N 3   
ALA O    O N N 4   
ALA CB   C N N 5   
ALA OXT  O N N 6   
ALA H    H N N 7   
ALA H2   H N N 8   
ALA HA   H N N 9   
ALA HB1  H N N 10  
ALA HB2  H N N 11  
ALA HB3  H N N 12  
ALA HXT  H N N 13  
ARG N    N N N 14  
ARG CA   C N S 15  
ARG C    C N N 16  
ARG O    O N N 17  
ARG CB   C N N 18  
ARG CG   C N N 19  
ARG CD   C N N 20  
ARG NE   N N N 21  
ARG CZ   C N N 22  
ARG NH1  N N N 23  
ARG NH2  N N N 24  
ARG OXT  O N N 25  
ARG H    H N N 26  
ARG H2   H N N 27  
ARG HA   H N N 28  
ARG HB2  H N N 29  
ARG HB3  H N N 30  
ARG HG2  H N N 31  
ARG HG3  H N N 32  
ARG HD2  H N N 33  
ARG HD3  H N N 34  
ARG HE   H N N 35  
ARG HH11 H N N 36  
ARG HH12 H N N 37  
ARG HH21 H N N 38  
ARG HH22 H N N 39  
ARG HXT  H N N 40  
ASN N    N N N 41  
ASN CA   C N S 42  
ASN C    C N N 43  
ASN O    O N N 44  
ASN CB   C N N 45  
ASN CG   C N N 46  
ASN OD1  O N N 47  
ASN ND2  N N N 48  
ASN OXT  O N N 49  
ASN H    H N N 50  
ASN H2   H N N 51  
ASN HA   H N N 52  
ASN HB2  H N N 53  
ASN HB3  H N N 54  
ASN HD21 H N N 55  
ASN HD22 H N N 56  
ASN HXT  H N N 57  
ASP N    N N N 58  
ASP CA   C N S 59  
ASP C    C N N 60  
ASP O    O N N 61  
ASP CB   C N N 62  
ASP CG   C N N 63  
ASP OD1  O N N 64  
ASP OD2  O N N 65  
ASP OXT  O N N 66  
ASP H    H N N 67  
ASP H2   H N N 68  
ASP HA   H N N 69  
ASP HB2  H N N 70  
ASP HB3  H N N 71  
ASP HD2  H N N 72  
ASP HXT  H N N 73  
FME N    N N N 74  
FME CN   C N N 75  
FME O1   O N N 76  
FME CA   C N S 77  
FME CB   C N N 78  
FME CG   C N N 79  
FME SD   S N N 80  
FME CE   C N N 81  
FME C    C N N 82  
FME O    O N N 83  
FME OXT  O N N 84  
FME H    H N N 85  
FME HCN  H N N 86  
FME HA   H N N 87  
FME HB2  H N N 88  
FME HB3  H N N 89  
FME HG2  H N N 90  
FME HG3  H N N 91  
FME HE1  H N N 92  
FME HE2  H N N 93  
FME HE3  H N N 94  
FME HXT  H N N 95  
G3P O1   O N N 96  
G3P C1   C N N 97  
G3P C2   C N R 98  
G3P O2   O N N 99  
G3P C3   C N N 100 
G3P O1P  O N N 101 
G3P O4P  O N N 102 
G3P O2P  O N N 103 
G3P O3P  O N N 104 
G3P P    P N N 105 
G3P HO1  H N N 106 
G3P H11  H N N 107 
G3P H12  H N N 108 
G3P H2   H N N 109 
G3P HO2  H N N 110 
G3P H31  H N N 111 
G3P H32  H N N 112 
G3P HOP3 H N N 113 
G3P HOP4 H N N 114 
GLN N    N N N 115 
GLN CA   C N S 116 
GLN C    C N N 117 
GLN O    O N N 118 
GLN CB   C N N 119 
GLN CG   C N N 120 
GLN CD   C N N 121 
GLN OE1  O N N 122 
GLN NE2  N N N 123 
GLN OXT  O N N 124 
GLN H    H N N 125 
GLN H2   H N N 126 
GLN HA   H N N 127 
GLN HB2  H N N 128 
GLN HB3  H N N 129 
GLN HG2  H N N 130 
GLN HG3  H N N 131 
GLN HE21 H N N 132 
GLN HE22 H N N 133 
GLN HXT  H N N 134 
GLU N    N N N 135 
GLU CA   C N S 136 
GLU C    C N N 137 
GLU O    O N N 138 
GLU CB   C N N 139 
GLU CG   C N N 140 
GLU CD   C N N 141 
GLU OE1  O N N 142 
GLU OE2  O N N 143 
GLU OXT  O N N 144 
GLU H    H N N 145 
GLU H2   H N N 146 
GLU HA   H N N 147 
GLU HB2  H N N 148 
GLU HB3  H N N 149 
GLU HG2  H N N 150 
GLU HG3  H N N 151 
GLU HE2  H N N 152 
GLU HXT  H N N 153 
GLY N    N N N 154 
GLY CA   C N N 155 
GLY C    C N N 156 
GLY O    O N N 157 
GLY OXT  O N N 158 
GLY H    H N N 159 
GLY H2   H N N 160 
GLY HA2  H N N 161 
GLY HA3  H N N 162 
GLY HXT  H N N 163 
HIS N    N N N 164 
HIS CA   C N S 165 
HIS C    C N N 166 
HIS O    O N N 167 
HIS CB   C N N 168 
HIS CG   C Y N 169 
HIS ND1  N Y N 170 
HIS CD2  C Y N 171 
HIS CE1  C Y N 172 
HIS NE2  N Y N 173 
HIS OXT  O N N 174 
HIS H    H N N 175 
HIS H2   H N N 176 
HIS HA   H N N 177 
HIS HB2  H N N 178 
HIS HB3  H N N 179 
HIS HD1  H N N 180 
HIS HD2  H N N 181 
HIS HE1  H N N 182 
HIS HE2  H N N 183 
HIS HXT  H N N 184 
HOH O    O N N 185 
HOH H1   H N N 186 
HOH H2   H N N 187 
ILE N    N N N 188 
ILE CA   C N S 189 
ILE C    C N N 190 
ILE O    O N N 191 
ILE CB   C N S 192 
ILE CG1  C N N 193 
ILE CG2  C N N 194 
ILE CD1  C N N 195 
ILE OXT  O N N 196 
ILE H    H N N 197 
ILE H2   H N N 198 
ILE HA   H N N 199 
ILE HB   H N N 200 
ILE HG12 H N N 201 
ILE HG13 H N N 202 
ILE HG21 H N N 203 
ILE HG22 H N N 204 
ILE HG23 H N N 205 
ILE HD11 H N N 206 
ILE HD12 H N N 207 
ILE HD13 H N N 208 
ILE HXT  H N N 209 
LEU N    N N N 210 
LEU CA   C N S 211 
LEU C    C N N 212 
LEU O    O N N 213 
LEU CB   C N N 214 
LEU CG   C N N 215 
LEU CD1  C N N 216 
LEU CD2  C N N 217 
LEU OXT  O N N 218 
LEU H    H N N 219 
LEU H2   H N N 220 
LEU HA   H N N 221 
LEU HB2  H N N 222 
LEU HB3  H N N 223 
LEU HG   H N N 224 
LEU HD11 H N N 225 
LEU HD12 H N N 226 
LEU HD13 H N N 227 
LEU HD21 H N N 228 
LEU HD22 H N N 229 
LEU HD23 H N N 230 
LEU HXT  H N N 231 
LYS N    N N N 232 
LYS CA   C N S 233 
LYS C    C N N 234 
LYS O    O N N 235 
LYS CB   C N N 236 
LYS CG   C N N 237 
LYS CD   C N N 238 
LYS CE   C N N 239 
LYS NZ   N N N 240 
LYS OXT  O N N 241 
LYS H    H N N 242 
LYS H2   H N N 243 
LYS HA   H N N 244 
LYS HB2  H N N 245 
LYS HB3  H N N 246 
LYS HG2  H N N 247 
LYS HG3  H N N 248 
LYS HD2  H N N 249 
LYS HD3  H N N 250 
LYS HE2  H N N 251 
LYS HE3  H N N 252 
LYS HZ1  H N N 253 
LYS HZ2  H N N 254 
LYS HZ3  H N N 255 
LYS HXT  H N N 256 
MET N    N N N 257 
MET CA   C N S 258 
MET C    C N N 259 
MET O    O N N 260 
MET CB   C N N 261 
MET CG   C N N 262 
MET SD   S N N 263 
MET CE   C N N 264 
MET OXT  O N N 265 
MET H    H N N 266 
MET H2   H N N 267 
MET HA   H N N 268 
MET HB2  H N N 269 
MET HB3  H N N 270 
MET HG2  H N N 271 
MET HG3  H N N 272 
MET HE1  H N N 273 
MET HE2  H N N 274 
MET HE3  H N N 275 
MET HXT  H N N 276 
OLC C18  C N N 277 
OLC C10  C N N 278 
OLC C9   C N N 279 
OLC C17  C N N 280 
OLC C11  C N N 281 
OLC C8   C N N 282 
OLC C24  C N N 283 
OLC C16  C N N 284 
OLC C12  C N N 285 
OLC C7   C N N 286 
OLC C15  C N N 287 
OLC C13  C N N 288 
OLC C6   C N N 289 
OLC C14  C N N 290 
OLC C5   C N N 291 
OLC C4   C N N 292 
OLC C3   C N N 293 
OLC C2   C N N 294 
OLC C21  C N N 295 
OLC C1   C N N 296 
OLC C22  C N R 297 
OLC O19  O N N 298 
OLC O25  O N N 299 
OLC O23  O N N 300 
OLC O20  O N N 301 
OLC H18  H N N 302 
OLC H18A H N N 303 
OLC H18B H N N 304 
OLC H10  H N N 305 
OLC H9   H N N 306 
OLC H17  H N N 307 
OLC H17A H N N 308 
OLC H11  H N N 309 
OLC H11A H N N 310 
OLC H8   H N N 311 
OLC H8A  H N N 312 
OLC H24  H N N 313 
OLC H24A H N N 314 
OLC H16  H N N 315 
OLC H16A H N N 316 
OLC H12  H N N 317 
OLC H12A H N N 318 
OLC H7   H N N 319 
OLC H7A  H N N 320 
OLC H15  H N N 321 
OLC H15A H N N 322 
OLC H13  H N N 323 
OLC H13A H N N 324 
OLC H6   H N N 325 
OLC H6A  H N N 326 
OLC H14  H N N 327 
OLC H14A H N N 328 
OLC H5   H N N 329 
OLC H5A  H N N 330 
OLC H4   H N N 331 
OLC H4A  H N N 332 
OLC H3   H N N 333 
OLC H3A  H N N 334 
OLC H2   H N N 335 
OLC H2A  H N N 336 
OLC H21  H N N 337 
OLC H21A H N N 338 
OLC H22  H N N 339 
OLC HO25 H N N 340 
OLC HO23 H N N 341 
PHE N    N N N 342 
PHE CA   C N S 343 
PHE C    C N N 344 
PHE O    O N N 345 
PHE CB   C N N 346 
PHE CG   C Y N 347 
PHE CD1  C Y N 348 
PHE CD2  C Y N 349 
PHE CE1  C Y N 350 
PHE CE2  C Y N 351 
PHE CZ   C Y N 352 
PHE OXT  O N N 353 
PHE H    H N N 354 
PHE H2   H N N 355 
PHE HA   H N N 356 
PHE HB2  H N N 357 
PHE HB3  H N N 358 
PHE HD1  H N N 359 
PHE HD2  H N N 360 
PHE HE1  H N N 361 
PHE HE2  H N N 362 
PHE HZ   H N N 363 
PHE HXT  H N N 364 
PO4 P    P N N 365 
PO4 O1   O N N 366 
PO4 O2   O N N 367 
PO4 O3   O N N 368 
PO4 O4   O N N 369 
PRO N    N N N 370 
PRO CA   C N S 371 
PRO C    C N N 372 
PRO O    O N N 373 
PRO CB   C N N 374 
PRO CG   C N N 375 
PRO CD   C N N 376 
PRO OXT  O N N 377 
PRO H    H N N 378 
PRO HA   H N N 379 
PRO HB2  H N N 380 
PRO HB3  H N N 381 
PRO HG2  H N N 382 
PRO HG3  H N N 383 
PRO HD2  H N N 384 
PRO HD3  H N N 385 
PRO HXT  H N N 386 
SER N    N N N 387 
SER CA   C N S 388 
SER C    C N N 389 
SER O    O N N 390 
SER CB   C N N 391 
SER OG   O N N 392 
SER OXT  O N N 393 
SER H    H N N 394 
SER H2   H N N 395 
SER HA   H N N 396 
SER HB2  H N N 397 
SER HB3  H N N 398 
SER HG   H N N 399 
SER HXT  H N N 400 
THR N    N N N 401 
THR CA   C N S 402 
THR C    C N N 403 
THR O    O N N 404 
THR CB   C N R 405 
THR OG1  O N N 406 
THR CG2  C N N 407 
THR OXT  O N N 408 
THR H    H N N 409 
THR H2   H N N 410 
THR HA   H N N 411 
THR HB   H N N 412 
THR HG1  H N N 413 
THR HG21 H N N 414 
THR HG22 H N N 415 
THR HG23 H N N 416 
THR HXT  H N N 417 
TRP N    N N N 418 
TRP CA   C N S 419 
TRP C    C N N 420 
TRP O    O N N 421 
TRP CB   C N N 422 
TRP CG   C Y N 423 
TRP CD1  C Y N 424 
TRP CD2  C Y N 425 
TRP NE1  N Y N 426 
TRP CE2  C Y N 427 
TRP CE3  C Y N 428 
TRP CZ2  C Y N 429 
TRP CZ3  C Y N 430 
TRP CH2  C Y N 431 
TRP OXT  O N N 432 
TRP H    H N N 433 
TRP H2   H N N 434 
TRP HA   H N N 435 
TRP HB2  H N N 436 
TRP HB3  H N N 437 
TRP HD1  H N N 438 
TRP HE1  H N N 439 
TRP HE3  H N N 440 
TRP HZ2  H N N 441 
TRP HZ3  H N N 442 
TRP HH2  H N N 443 
TRP HXT  H N N 444 
TYR N    N N N 445 
TYR CA   C N S 446 
TYR C    C N N 447 
TYR O    O N N 448 
TYR CB   C N N 449 
TYR CG   C Y N 450 
TYR CD1  C Y N 451 
TYR CD2  C Y N 452 
TYR CE1  C Y N 453 
TYR CE2  C Y N 454 
TYR CZ   C Y N 455 
TYR OH   O N N 456 
TYR OXT  O N N 457 
TYR H    H N N 458 
TYR H2   H N N 459 
TYR HA   H N N 460 
TYR HB2  H N N 461 
TYR HB3  H N N 462 
TYR HD1  H N N 463 
TYR HD2  H N N 464 
TYR HE1  H N N 465 
TYR HE2  H N N 466 
TYR HH   H N N 467 
TYR HXT  H N N 468 
VAL N    N N N 469 
VAL CA   C N S 470 
VAL C    C N N 471 
VAL O    O N N 472 
VAL CB   C N N 473 
VAL CG1  C N N 474 
VAL CG2  C N N 475 
VAL OXT  O N N 476 
VAL H    H N N 477 
VAL H2   H N N 478 
VAL HA   H N N 479 
VAL HB   H N N 480 
VAL HG11 H N N 481 
VAL HG12 H N N 482 
VAL HG13 H N N 483 
VAL HG21 H N N 484 
VAL HG22 H N N 485 
VAL HG23 H N N 486 
VAL HXT  H N N 487 
# 
loop_
_chem_comp_bond.comp_id 
_chem_comp_bond.atom_id_1 
_chem_comp_bond.atom_id_2 
_chem_comp_bond.value_order 
_chem_comp_bond.pdbx_aromatic_flag 
_chem_comp_bond.pdbx_stereo_config 
_chem_comp_bond.pdbx_ordinal 
ALA N   CA   sing N N 1   
ALA N   H    sing N N 2   
ALA N   H2   sing N N 3   
ALA CA  C    sing N N 4   
ALA CA  CB   sing N N 5   
ALA CA  HA   sing N N 6   
ALA C   O    doub N N 7   
ALA C   OXT  sing N N 8   
ALA CB  HB1  sing N N 9   
ALA CB  HB2  sing N N 10  
ALA CB  HB3  sing N N 11  
ALA OXT HXT  sing N N 12  
ARG N   CA   sing N N 13  
ARG N   H    sing N N 14  
ARG N   H2   sing N N 15  
ARG CA  C    sing N N 16  
ARG CA  CB   sing N N 17  
ARG CA  HA   sing N N 18  
ARG C   O    doub N N 19  
ARG C   OXT  sing N N 20  
ARG CB  CG   sing N N 21  
ARG CB  HB2  sing N N 22  
ARG CB  HB3  sing N N 23  
ARG CG  CD   sing N N 24  
ARG CG  HG2  sing N N 25  
ARG CG  HG3  sing N N 26  
ARG CD  NE   sing N N 27  
ARG CD  HD2  sing N N 28  
ARG CD  HD3  sing N N 29  
ARG NE  CZ   sing N N 30  
ARG NE  HE   sing N N 31  
ARG CZ  NH1  sing N N 32  
ARG CZ  NH2  doub N N 33  
ARG NH1 HH11 sing N N 34  
ARG NH1 HH12 sing N N 35  
ARG NH2 HH21 sing N N 36  
ARG NH2 HH22 sing N N 37  
ARG OXT HXT  sing N N 38  
ASN N   CA   sing N N 39  
ASN N   H    sing N N 40  
ASN N   H2   sing N N 41  
ASN CA  C    sing N N 42  
ASN CA  CB   sing N N 43  
ASN CA  HA   sing N N 44  
ASN C   O    doub N N 45  
ASN C   OXT  sing N N 46  
ASN CB  CG   sing N N 47  
ASN CB  HB2  sing N N 48  
ASN CB  HB3  sing N N 49  
ASN CG  OD1  doub N N 50  
ASN CG  ND2  sing N N 51  
ASN ND2 HD21 sing N N 52  
ASN ND2 HD22 sing N N 53  
ASN OXT HXT  sing N N 54  
ASP N   CA   sing N N 55  
ASP N   H    sing N N 56  
ASP N   H2   sing N N 57  
ASP CA  C    sing N N 58  
ASP CA  CB   sing N N 59  
ASP CA  HA   sing N N 60  
ASP C   O    doub N N 61  
ASP C   OXT  sing N N 62  
ASP CB  CG   sing N N 63  
ASP CB  HB2  sing N N 64  
ASP CB  HB3  sing N N 65  
ASP CG  OD1  doub N N 66  
ASP CG  OD2  sing N N 67  
ASP OD2 HD2  sing N N 68  
ASP OXT HXT  sing N N 69  
FME N   CN   sing N N 70  
FME N   CA   sing N N 71  
FME N   H    sing N N 72  
FME CN  O1   doub N N 73  
FME CN  HCN  sing N N 74  
FME CA  CB   sing N N 75  
FME CA  C    sing N N 76  
FME CA  HA   sing N N 77  
FME CB  CG   sing N N 78  
FME CB  HB2  sing N N 79  
FME CB  HB3  sing N N 80  
FME CG  SD   sing N N 81  
FME CG  HG2  sing N N 82  
FME CG  HG3  sing N N 83  
FME SD  CE   sing N N 84  
FME CE  HE1  sing N N 85  
FME CE  HE2  sing N N 86  
FME CE  HE3  sing N N 87  
FME C   O    doub N N 88  
FME C   OXT  sing N N 89  
FME OXT HXT  sing N N 90  
G3P O1  C1   sing N N 91  
G3P C1  C2   sing N N 92  
G3P C2  O2   sing N N 93  
G3P C2  C3   sing N N 94  
G3P C3  O1P  sing N N 95  
G3P O1P P    sing N N 96  
G3P O4P P    sing N N 97  
G3P O2P P    doub N N 98  
G3P O3P P    sing N N 99  
G3P O1  HO1  sing N N 100 
G3P C1  H11  sing N N 101 
G3P C1  H12  sing N N 102 
G3P C2  H2   sing N N 103 
G3P O2  HO2  sing N N 104 
G3P C3  H31  sing N N 105 
G3P C3  H32  sing N N 106 
G3P O3P HOP3 sing N N 107 
G3P O4P HOP4 sing N N 108 
GLN N   CA   sing N N 109 
GLN N   H    sing N N 110 
GLN N   H2   sing N N 111 
GLN CA  C    sing N N 112 
GLN CA  CB   sing N N 113 
GLN CA  HA   sing N N 114 
GLN C   O    doub N N 115 
GLN C   OXT  sing N N 116 
GLN CB  CG   sing N N 117 
GLN CB  HB2  sing N N 118 
GLN CB  HB3  sing N N 119 
GLN CG  CD   sing N N 120 
GLN CG  HG2  sing N N 121 
GLN CG  HG3  sing N N 122 
GLN CD  OE1  doub N N 123 
GLN CD  NE2  sing N N 124 
GLN NE2 HE21 sing N N 125 
GLN NE2 HE22 sing N N 126 
GLN OXT HXT  sing N N 127 
GLU N   CA   sing N N 128 
GLU N   H    sing N N 129 
GLU N   H2   sing N N 130 
GLU CA  C    sing N N 131 
GLU CA  CB   sing N N 132 
GLU CA  HA   sing N N 133 
GLU C   O    doub N N 134 
GLU C   OXT  sing N N 135 
GLU CB  CG   sing N N 136 
GLU CB  HB2  sing N N 137 
GLU CB  HB3  sing N N 138 
GLU CG  CD   sing N N 139 
GLU CG  HG2  sing N N 140 
GLU CG  HG3  sing N N 141 
GLU CD  OE1  doub N N 142 
GLU CD  OE2  sing N N 143 
GLU OE2 HE2  sing N N 144 
GLU OXT HXT  sing N N 145 
GLY N   CA   sing N N 146 
GLY N   H    sing N N 147 
GLY N   H2   sing N N 148 
GLY CA  C    sing N N 149 
GLY CA  HA2  sing N N 150 
GLY CA  HA3  sing N N 151 
GLY C   O    doub N N 152 
GLY C   OXT  sing N N 153 
GLY OXT HXT  sing N N 154 
HIS N   CA   sing N N 155 
HIS N   H    sing N N 156 
HIS N   H2   sing N N 157 
HIS CA  C    sing N N 158 
HIS CA  CB   sing N N 159 
HIS CA  HA   sing N N 160 
HIS C   O    doub N N 161 
HIS C   OXT  sing N N 162 
HIS CB  CG   sing N N 163 
HIS CB  HB2  sing N N 164 
HIS CB  HB3  sing N N 165 
HIS CG  ND1  sing Y N 166 
HIS CG  CD2  doub Y N 167 
HIS ND1 CE1  doub Y N 168 
HIS ND1 HD1  sing N N 169 
HIS CD2 NE2  sing Y N 170 
HIS CD2 HD2  sing N N 171 
HIS CE1 NE2  sing Y N 172 
HIS CE1 HE1  sing N N 173 
HIS NE2 HE2  sing N N 174 
HIS OXT HXT  sing N N 175 
HOH O   H1   sing N N 176 
HOH O   H2   sing N N 177 
ILE N   CA   sing N N 178 
ILE N   H    sing N N 179 
ILE N   H2   sing N N 180 
ILE CA  C    sing N N 181 
ILE CA  CB   sing N N 182 
ILE CA  HA   sing N N 183 
ILE C   O    doub N N 184 
ILE C   OXT  sing N N 185 
ILE CB  CG1  sing N N 186 
ILE CB  CG2  sing N N 187 
ILE CB  HB   sing N N 188 
ILE CG1 CD1  sing N N 189 
ILE CG1 HG12 sing N N 190 
ILE CG1 HG13 sing N N 191 
ILE CG2 HG21 sing N N 192 
ILE CG2 HG22 sing N N 193 
ILE CG2 HG23 sing N N 194 
ILE CD1 HD11 sing N N 195 
ILE CD1 HD12 sing N N 196 
ILE CD1 HD13 sing N N 197 
ILE OXT HXT  sing N N 198 
LEU N   CA   sing N N 199 
LEU N   H    sing N N 200 
LEU N   H2   sing N N 201 
LEU CA  C    sing N N 202 
LEU CA  CB   sing N N 203 
LEU CA  HA   sing N N 204 
LEU C   O    doub N N 205 
LEU C   OXT  sing N N 206 
LEU CB  CG   sing N N 207 
LEU CB  HB2  sing N N 208 
LEU CB  HB3  sing N N 209 
LEU CG  CD1  sing N N 210 
LEU CG  CD2  sing N N 211 
LEU CG  HG   sing N N 212 
LEU CD1 HD11 sing N N 213 
LEU CD1 HD12 sing N N 214 
LEU CD1 HD13 sing N N 215 
LEU CD2 HD21 sing N N 216 
LEU CD2 HD22 sing N N 217 
LEU CD2 HD23 sing N N 218 
LEU OXT HXT  sing N N 219 
LYS N   CA   sing N N 220 
LYS N   H    sing N N 221 
LYS N   H2   sing N N 222 
LYS CA  C    sing N N 223 
LYS CA  CB   sing N N 224 
LYS CA  HA   sing N N 225 
LYS C   O    doub N N 226 
LYS C   OXT  sing N N 227 
LYS CB  CG   sing N N 228 
LYS CB  HB2  sing N N 229 
LYS CB  HB3  sing N N 230 
LYS CG  CD   sing N N 231 
LYS CG  HG2  sing N N 232 
LYS CG  HG3  sing N N 233 
LYS CD  CE   sing N N 234 
LYS CD  HD2  sing N N 235 
LYS CD  HD3  sing N N 236 
LYS CE  NZ   sing N N 237 
LYS CE  HE2  sing N N 238 
LYS CE  HE3  sing N N 239 
LYS NZ  HZ1  sing N N 240 
LYS NZ  HZ2  sing N N 241 
LYS NZ  HZ3  sing N N 242 
LYS OXT HXT  sing N N 243 
MET N   CA   sing N N 244 
MET N   H    sing N N 245 
MET N   H2   sing N N 246 
MET CA  C    sing N N 247 
MET CA  CB   sing N N 248 
MET CA  HA   sing N N 249 
MET C   O    doub N N 250 
MET C   OXT  sing N N 251 
MET CB  CG   sing N N 252 
MET CB  HB2  sing N N 253 
MET CB  HB3  sing N N 254 
MET CG  SD   sing N N 255 
MET CG  HG2  sing N N 256 
MET CG  HG3  sing N N 257 
MET SD  CE   sing N N 258 
MET CE  HE1  sing N N 259 
MET CE  HE2  sing N N 260 
MET CE  HE3  sing N N 261 
MET OXT HXT  sing N N 262 
OLC C18 C17  sing N N 263 
OLC C10 C9   doub N N 264 
OLC C10 C11  sing N N 265 
OLC C9  C8   sing N N 266 
OLC C17 C16  sing N Z 267 
OLC C11 C12  sing N N 268 
OLC C8  C7   sing N N 269 
OLC C24 C22  sing N N 270 
OLC C24 O25  sing N N 271 
OLC C16 C15  sing N N 272 
OLC C12 C13  sing N N 273 
OLC C7  C6   sing N N 274 
OLC C15 C14  sing N N 275 
OLC C13 C14  sing N N 276 
OLC C6  C5   sing N N 277 
OLC C5  C4   sing N N 278 
OLC C4  C3   sing N N 279 
OLC C3  C2   sing N N 280 
OLC C2  C1   sing N N 281 
OLC C21 C22  sing N N 282 
OLC C21 O20  sing N N 283 
OLC C1  O19  doub N N 284 
OLC C1  O20  sing N N 285 
OLC C22 O23  sing N N 286 
OLC C18 H18  sing N N 287 
OLC C18 H18A sing N N 288 
OLC C18 H18B sing N N 289 
OLC C10 H10  sing N N 290 
OLC C9  H9   sing N N 291 
OLC C17 H17  sing N N 292 
OLC C17 H17A sing N N 293 
OLC C11 H11  sing N N 294 
OLC C11 H11A sing N N 295 
OLC C8  H8   sing N N 296 
OLC C8  H8A  sing N N 297 
OLC C24 H24  sing N N 298 
OLC C24 H24A sing N N 299 
OLC C16 H16  sing N N 300 
OLC C16 H16A sing N N 301 
OLC C12 H12  sing N N 302 
OLC C12 H12A sing N N 303 
OLC C7  H7   sing N N 304 
OLC C7  H7A  sing N N 305 
OLC C15 H15  sing N N 306 
OLC C15 H15A sing N N 307 
OLC C13 H13  sing N N 308 
OLC C13 H13A sing N N 309 
OLC C6  H6   sing N N 310 
OLC C6  H6A  sing N N 311 
OLC C14 H14  sing N N 312 
OLC C14 H14A sing N N 313 
OLC C5  H5   sing N N 314 
OLC C5  H5A  sing N N 315 
OLC C4  H4   sing N N 316 
OLC C4  H4A  sing N N 317 
OLC C3  H3   sing N N 318 
OLC C3  H3A  sing N N 319 
OLC C2  H2   sing N N 320 
OLC C2  H2A  sing N N 321 
OLC C21 H21  sing N N 322 
OLC C21 H21A sing N N 323 
OLC C22 H22  sing N N 324 
OLC O25 HO25 sing N N 325 
OLC O23 HO23 sing N N 326 
PHE N   CA   sing N N 327 
PHE N   H    sing N N 328 
PHE N   H2   sing N N 329 
PHE CA  C    sing N N 330 
PHE CA  CB   sing N N 331 
PHE CA  HA   sing N N 332 
PHE C   O    doub N N 333 
PHE C   OXT  sing N N 334 
PHE CB  CG   sing N N 335 
PHE CB  HB2  sing N N 336 
PHE CB  HB3  sing N N 337 
PHE CG  CD1  doub Y N 338 
PHE CG  CD2  sing Y N 339 
PHE CD1 CE1  sing Y N 340 
PHE CD1 HD1  sing N N 341 
PHE CD2 CE2  doub Y N 342 
PHE CD2 HD2  sing N N 343 
PHE CE1 CZ   doub Y N 344 
PHE CE1 HE1  sing N N 345 
PHE CE2 CZ   sing Y N 346 
PHE CE2 HE2  sing N N 347 
PHE CZ  HZ   sing N N 348 
PHE OXT HXT  sing N N 349 
PO4 P   O1   doub N N 350 
PO4 P   O2   sing N N 351 
PO4 P   O3   sing N N 352 
PO4 P   O4   sing N N 353 
PRO N   CA   sing N N 354 
PRO N   CD   sing N N 355 
PRO N   H    sing N N 356 
PRO CA  C    sing N N 357 
PRO CA  CB   sing N N 358 
PRO CA  HA   sing N N 359 
PRO C   O    doub N N 360 
PRO C   OXT  sing N N 361 
PRO CB  CG   sing N N 362 
PRO CB  HB2  sing N N 363 
PRO CB  HB3  sing N N 364 
PRO CG  CD   sing N N 365 
PRO CG  HG2  sing N N 366 
PRO CG  HG3  sing N N 367 
PRO CD  HD2  sing N N 368 
PRO CD  HD3  sing N N 369 
PRO OXT HXT  sing N N 370 
SER N   CA   sing N N 371 
SER N   H    sing N N 372 
SER N   H2   sing N N 373 
SER CA  C    sing N N 374 
SER CA  CB   sing N N 375 
SER CA  HA   sing N N 376 
SER C   O    doub N N 377 
SER C   OXT  sing N N 378 
SER CB  OG   sing N N 379 
SER CB  HB2  sing N N 380 
SER CB  HB3  sing N N 381 
SER OG  HG   sing N N 382 
SER OXT HXT  sing N N 383 
THR N   CA   sing N N 384 
THR N   H    sing N N 385 
THR N   H2   sing N N 386 
THR CA  C    sing N N 387 
THR CA  CB   sing N N 388 
THR CA  HA   sing N N 389 
THR C   O    doub N N 390 
THR C   OXT  sing N N 391 
THR CB  OG1  sing N N 392 
THR CB  CG2  sing N N 393 
THR CB  HB   sing N N 394 
THR OG1 HG1  sing N N 395 
THR CG2 HG21 sing N N 396 
THR CG2 HG22 sing N N 397 
THR CG2 HG23 sing N N 398 
THR OXT HXT  sing N N 399 
TRP N   CA   sing N N 400 
TRP N   H    sing N N 401 
TRP N   H2   sing N N 402 
TRP CA  C    sing N N 403 
TRP CA  CB   sing N N 404 
TRP CA  HA   sing N N 405 
TRP C   O    doub N N 406 
TRP C   OXT  sing N N 407 
TRP CB  CG   sing N N 408 
TRP CB  HB2  sing N N 409 
TRP CB  HB3  sing N N 410 
TRP CG  CD1  doub Y N 411 
TRP CG  CD2  sing Y N 412 
TRP CD1 NE1  sing Y N 413 
TRP CD1 HD1  sing N N 414 
TRP CD2 CE2  doub Y N 415 
TRP CD2 CE3  sing Y N 416 
TRP NE1 CE2  sing Y N 417 
TRP NE1 HE1  sing N N 418 
TRP CE2 CZ2  sing Y N 419 
TRP CE3 CZ3  doub Y N 420 
TRP CE3 HE3  sing N N 421 
TRP CZ2 CH2  doub Y N 422 
TRP CZ2 HZ2  sing N N 423 
TRP CZ3 CH2  sing Y N 424 
TRP CZ3 HZ3  sing N N 425 
TRP CH2 HH2  sing N N 426 
TRP OXT HXT  sing N N 427 
TYR N   CA   sing N N 428 
TYR N   H    sing N N 429 
TYR N   H2   sing N N 430 
TYR CA  C    sing N N 431 
TYR CA  CB   sing N N 432 
TYR CA  HA   sing N N 433 
TYR C   O    doub N N 434 
TYR C   OXT  sing N N 435 
TYR CB  CG   sing N N 436 
TYR CB  HB2  sing N N 437 
TYR CB  HB3  sing N N 438 
TYR CG  CD1  doub Y N 439 
TYR CG  CD2  sing Y N 440 
TYR CD1 CE1  sing Y N 441 
TYR CD1 HD1  sing N N 442 
TYR CD2 CE2  doub Y N 443 
TYR CD2 HD2  sing N N 444 
TYR CE1 CZ   doub Y N 445 
TYR CE1 HE1  sing N N 446 
TYR CE2 CZ   sing Y N 447 
TYR CE2 HE2  sing N N 448 
TYR CZ  OH   sing N N 449 
TYR OH  HH   sing N N 450 
TYR OXT HXT  sing N N 451 
VAL N   CA   sing N N 452 
VAL N   H    sing N N 453 
VAL N   H2   sing N N 454 
VAL CA  C    sing N N 455 
VAL CA  CB   sing N N 456 
VAL CA  HA   sing N N 457 
VAL C   O    doub N N 458 
VAL C   OXT  sing N N 459 
VAL CB  CG1  sing N N 460 
VAL CB  CG2  sing N N 461 
VAL CB  HB   sing N N 462 
VAL CG1 HG11 sing N N 463 
VAL CG1 HG12 sing N N 464 
VAL CG1 HG13 sing N N 465 
VAL CG2 HG21 sing N N 466 
VAL CG2 HG22 sing N N 467 
VAL CG2 HG23 sing N N 468 
VAL OXT HXT  sing N N 469 
# 
loop_
_pdbx_audit_support.funding_organization 
_pdbx_audit_support.country 
_pdbx_audit_support.grant_number 
_pdbx_audit_support.ordinal 
'1000 Yount Talent Program'                                    China 2015                1 
'National Natural Science Foundation of China'                 China 31570748            2 
'National Natural Science Foundation of China'                 China U1632127            3 
'Chinese Academy of Sciences Shanghai Science Research Center' China CAS-SSRC-YJ-2015-02 4 
'Key Program of CAS Frontier Science'                          China QYZDB-SSW-SMC037    5 
# 
_atom_sites.entry_id                    5XJ6 
_atom_sites.fract_transf_matrix[1][1]   -0.00475667 
_atom_sites.fract_transf_matrix[1][2]   0.00089733 
_atom_sites.fract_transf_matrix[1][3]   -0.02322697 
_atom_sites.fract_transf_matrix[2][1]   0.00093300 
_atom_sites.fract_transf_matrix[2][2]   -0.01855138 
_atom_sites.fract_transf_matrix[2][3]   -0.00090777 
_atom_sites.fract_transf_matrix[3][1]   -0.01115781 
_atom_sites.fract_transf_matrix[3][2]   -0.00067170 
_atom_sites.fract_transf_matrix[3][3]   0.00225907 
_atom_sites.fract_transf_vector[1]      1.208630 
_atom_sites.fract_transf_vector[2]      0.279896 
_atom_sites.fract_transf_vector[3]      1.182800 
# 
loop_
_atom_type.symbol 
C 
N 
O 
P 
S 
# 
loop_
_atom_site.group_PDB 
_atom_site.id 
_atom_site.type_symbol 
_atom_site.label_atom_id 
_atom_site.label_alt_id 
_atom_site.label_comp_id 
_atom_site.label_asym_id 
_atom_site.label_entity_id 
_atom_site.label_seq_id 
_atom_site.pdbx_PDB_ins_code 
_atom_site.Cartn_x 
_atom_site.Cartn_y 
_atom_site.Cartn_z 
_atom_site.occupancy 
_atom_site.B_iso_or_equiv 
_atom_site.pdbx_formal_charge 
_atom_site.auth_seq_id 
_atom_site.auth_comp_id 
_atom_site.auth_asym_id 
_atom_site.auth_atom_id 
_atom_site.pdbx_PDB_model_num 
ATOM   1    N N   . GLY A 1 2   ? -21.823 -14.786 -10.239 1.00 62.08 ? 1   GLY A N   1 
ATOM   2    C CA  . GLY A 1 2   ? -21.630 -14.267 -8.898  1.00 66.59 ? 1   GLY A CA  1 
ATOM   3    C C   . GLY A 1 2   ? -20.881 -12.953 -8.860  1.00 55.72 ? 1   GLY A C   1 
ATOM   4    O O   . GLY A 1 2   ? -19.651 -12.941 -8.907  1.00 62.78 ? 1   GLY A O   1 
ATOM   5    N N   . SER A 1 3   ? -21.625 -11.847 -8.769  1.00 47.49 ? 2   SER A N   1 
ATOM   6    C CA  . SER A 1 3   ? -20.999 -10.528 -8.804  1.00 50.86 ? 2   SER A CA  1 
ATOM   7    C C   . SER A 1 3   ? -19.984 -10.360 -7.680  1.00 53.41 ? 2   SER A C   1 
ATOM   8    O O   . SER A 1 3   ? -18.904 -9.796  -7.892  1.00 50.44 ? 2   SER A O   1 
ATOM   9    C CB  . SER A 1 3   ? -22.066 -9.433  -8.734  1.00 53.41 ? 2   SER A CB  1 
ATOM   10   O OG  . SER A 1 3   ? -23.154 -9.823  -7.916  1.00 65.96 ? 2   SER A OG  1 
ATOM   11   N N   . ALA A 1 4   ? -20.304 -10.846 -6.479  1.00 50.42 ? 3   ALA A N   1 
ATOM   12   C CA  . ALA A 1 4   ? -19.384 -10.711 -5.351  1.00 54.91 ? 3   ALA A CA  1 
ATOM   13   C C   . ALA A 1 4   ? -18.081 -11.460 -5.611  1.00 55.40 ? 3   ALA A C   1 
ATOM   14   O O   . ALA A 1 4   ? -16.990 -10.873 -5.585  1.00 54.38 ? 3   ALA A O   1 
ATOM   15   C CB  . ALA A 1 4   ? -20.050 -11.210 -4.068  1.00 39.42 ? 3   ALA A CB  1 
ATOM   16   N N   . LEU A 1 5   ? -18.181 -12.767 -5.866  1.00 46.82 ? 4   LEU A N   1 
ATOM   17   C CA  . LEU A 1 5   ? -16.991 -13.571 -6.131  1.00 56.58 ? 4   LEU A CA  1 
ATOM   18   C C   . LEU A 1 5   ? -16.223 -13.041 -7.334  1.00 52.27 ? 4   LEU A C   1 
ATOM   19   O O   . LEU A 1 5   ? -14.985 -12.992 -7.322  1.00 51.53 ? 4   LEU A O   1 
ATOM   20   C CB  . LEU A 1 5   ? -17.395 -15.028 -6.344  1.00 50.64 ? 4   LEU A CB  1 
ATOM   21   C CG  . LEU A 1 5   ? -16.271 -16.007 -6.671  1.00 49.47 ? 4   LEU A CG  1 
ATOM   22   C CD1 . LEU A 1 5   ? -15.392 -16.223 -5.450  1.00 49.25 ? 4   LEU A CD1 1 
ATOM   23   C CD2 . LEU A 1 5   ? -16.848 -17.320 -7.166  1.00 48.04 ? 4   LEU A CD2 1 
ATOM   24   N N   . PHE A 1 6   ? -16.944 -12.637 -8.385  1.00 55.18 ? 5   PHE A N   1 
ATOM   25   C CA  . PHE A 1 6   ? -16.299 -12.017 -9.537  1.00 55.15 ? 5   PHE A CA  1 
ATOM   26   C C   . PHE A 1 6   ? -15.480 -10.802 -9.118  1.00 58.43 ? 5   PHE A C   1 
ATOM   27   O O   . PHE A 1 6   ? -14.345 -10.624 -9.573  1.00 45.12 ? 5   PHE A O   1 
ATOM   28   C CB  . PHE A 1 6   ? -17.356 -11.646 -10.592 1.00 50.24 ? 5   PHE A CB  1 
ATOM   29   C CG  . PHE A 1 6   ? -16.967 -10.492 -11.493 1.00 61.97 ? 5   PHE A CG  1 
ATOM   30   C CD1 . PHE A 1 6   ? -17.163 -9.172  -11.096 1.00 67.76 ? 5   PHE A CD1 1 
ATOM   31   C CD2 . PHE A 1 6   ? -16.391 -10.730 -12.730 1.00 67.98 ? 5   PHE A CD2 1 
ATOM   32   C CE1 . PHE A 1 6   ? -16.804 -8.115  -11.925 1.00 73.02 ? 5   PHE A CE1 1 
ATOM   33   C CE2 . PHE A 1 6   ? -16.027 -9.684  -13.555 1.00 67.13 ? 5   PHE A CE2 1 
ATOM   34   C CZ  . PHE A 1 6   ? -16.232 -8.374  -13.154 1.00 74.85 ? 5   PHE A CZ  1 
ATOM   35   N N   . LEU A 1 7   ? -16.032 -9.966  -8.234  1.00 54.31 ? 6   LEU A N   1 
ATOM   36   C CA  . LEU A 1 7   ? -15.354 -8.728  -7.868  1.00 52.43 ? 6   LEU A CA  1 
ATOM   37   C C   . LEU A 1 7   ? -14.146 -8.996  -6.979  1.00 53.05 ? 6   LEU A C   1 
ATOM   38   O O   . LEU A 1 7   ? -13.140 -8.278  -7.058  1.00 47.29 ? 6   LEU A O   1 
ATOM   39   C CB  . LEU A 1 7   ? -16.332 -7.778  -7.182  1.00 40.83 ? 6   LEU A CB  1 
ATOM   40   C CG  . LEU A 1 7   ? -15.710 -6.485  -6.658  1.00 47.55 ? 6   LEU A CG  1 
ATOM   41   C CD1 . LEU A 1 7   ? -15.247 -5.596  -7.804  1.00 39.29 ? 6   LEU A CD1 1 
ATOM   42   C CD2 . LEU A 1 7   ? -16.709 -5.753  -5.789  1.00 44.47 ? 6   LEU A CD2 1 
ATOM   43   N N   . VAL A 1 8   ? -14.224 -10.016 -6.122  1.00 44.63 ? 7   VAL A N   1 
ATOM   44   C CA  . VAL A 1 8   ? -13.054 -10.403 -5.336  1.00 39.10 ? 7   VAL A CA  1 
ATOM   45   C C   . VAL A 1 8   ? -11.944 -10.900 -6.258  1.00 48.53 ? 7   VAL A C   1 
ATOM   46   O O   . VAL A 1 8   ? -10.780 -10.491 -6.141  1.00 39.10 ? 7   VAL A O   1 
ATOM   47   C CB  . VAL A 1 8   ? -13.437 -11.460 -4.286  1.00 39.59 ? 7   VAL A CB  1 
ATOM   48   C CG1 . VAL A 1 8   ? -12.235 -11.836 -3.432  1.00 45.19 ? 7   VAL A CG1 1 
ATOM   49   C CG2 . VAL A 1 8   ? -14.566 -10.944 -3.414  1.00 36.18 ? 7   VAL A CG2 1 
ATOM   50   N N   . ILE A 1 9   ? -12.298 -11.777 -7.204  1.00 51.18 ? 8   ILE A N   1 
ATOM   51   C CA  . ILE A 1 9   ? -11.304 -12.279 -8.153  1.00 49.24 ? 8   ILE A CA  1 
ATOM   52   C C   . ILE A 1 9   ? -10.700 -11.128 -8.954  1.00 47.47 ? 8   ILE A C   1 
ATOM   53   O O   . ILE A 1 9   ? -9.488  -11.094 -9.204  1.00 45.25 ? 8   ILE A O   1 
ATOM   54   C CB  . ILE A 1 9   ? -11.927 -13.346 -9.075  1.00 43.53 ? 8   ILE A CB  1 
ATOM   55   C CG1 . ILE A 1 9   ? -12.397 -14.565 -8.275  1.00 45.26 ? 8   ILE A CG1 1 
ATOM   56   C CG2 . ILE A 1 9   ? -10.929 -13.772 -10.145 1.00 42.73 ? 8   ILE A CG2 1 
ATOM   57   C CD1 . ILE A 1 9   ? -11.509 -14.933 -7.102  1.00 51.58 ? 8   ILE A CD1 1 
ATOM   58   N N   . PHE A 1 10  ? -11.531 -10.161 -9.352  1.00 41.69 ? 9   PHE A N   1 
ATOM   59   C CA  . PHE A 1 10  ? -11.038 -9.036  -10.139 1.00 45.80 ? 9   PHE A CA  1 
ATOM   60   C C   . PHE A 1 10  ? -10.126 -8.143  -9.313  1.00 50.06 ? 9   PHE A C   1 
ATOM   61   O O   . PHE A 1 10  ? -9.130  -7.625  -9.829  1.00 51.30 ? 9   PHE A O   1 
ATOM   62   C CB  . PHE A 1 10  ? -12.203 -8.224  -10.702 1.00 47.04 ? 9   PHE A CB  1 
ATOM   63   C CG  . PHE A 1 10  ? -11.811 -6.840  -11.142 1.00 50.01 ? 9   PHE A CG  1 
ATOM   64   C CD1 . PHE A 1 10  ? -11.019 -6.657  -12.262 1.00 47.53 ? 9   PHE A CD1 1 
ATOM   65   C CD2 . PHE A 1 10  ? -12.225 -5.724  -10.431 1.00 47.72 ? 9   PHE A CD2 1 
ATOM   66   C CE1 . PHE A 1 10  ? -10.651 -5.392  -12.667 1.00 40.02 ? 9   PHE A CE1 1 
ATOM   67   C CE2 . PHE A 1 10  ? -11.860 -4.453  -10.832 1.00 38.04 ? 9   PHE A CE2 1 
ATOM   68   C CZ  . PHE A 1 10  ? -11.072 -4.288  -11.953 1.00 44.02 ? 9   PHE A CZ  1 
ATOM   69   N N   . ALA A 1 11  ? -10.460 -7.927  -8.039  1.00 49.31 ? 10  ALA A N   1 
ATOM   70   C CA  . ALA A 1 11  ? -9.567  -7.184  -7.158  1.00 40.12 ? 10  ALA A CA  1 
ATOM   71   C C   . ALA A 1 11  ? -8.216  -7.876  -7.046  1.00 44.67 ? 10  ALA A C   1 
ATOM   72   O O   . ALA A 1 11  ? -7.167  -7.215  -7.051  1.00 39.93 ? 10  ALA A O   1 
ATOM   73   C CB  . ALA A 1 11  ? -10.205 -7.019  -5.779  1.00 32.17 ? 10  ALA A CB  1 
ATOM   74   N N   . TYR A 1 12  ? -8.217  -9.210  -6.965  1.00 38.36 ? 11  TYR A N   1 
ATOM   75   C CA  . TYR A 1 12  ? -6.948  -9.925  -6.862  1.00 44.31 ? 11  TYR A CA  1 
ATOM   76   C C   . TYR A 1 12  ? -6.144  -9.832  -8.154  1.00 47.51 ? 11  TYR A C   1 
ATOM   77   O O   . TYR A 1 12  ? -4.922  -9.634  -8.124  1.00 40.53 ? 11  TYR A O   1 
ATOM   78   C CB  . TYR A 1 12  ? -7.174  -11.389 -6.498  1.00 34.81 ? 11  TYR A CB  1 
ATOM   79   C CG  . TYR A 1 12  ? -5.883  -12.172 -6.547  1.00 43.52 ? 11  TYR A CG  1 
ATOM   80   C CD1 . TYR A 1 12  ? -4.946  -12.060 -5.530  1.00 44.64 ? 11  TYR A CD1 1 
ATOM   81   C CD2 . TYR A 1 12  ? -5.582  -12.988 -7.631  1.00 42.60 ? 11  TYR A CD2 1 
ATOM   82   C CE1 . TYR A 1 12  ? -3.755  -12.757 -5.576  1.00 47.46 ? 11  TYR A CE1 1 
ATOM   83   C CE2 . TYR A 1 12  ? -4.394  -13.686 -7.687  1.00 43.74 ? 11  TYR A CE2 1 
ATOM   84   C CZ  . TYR A 1 12  ? -3.485  -13.569 -6.656  1.00 44.68 ? 11  TYR A CZ  1 
ATOM   85   O OH  . TYR A 1 12  ? -2.299  -14.262 -6.707  1.00 57.07 ? 11  TYR A OH  1 
ATOM   86   N N   . LEU A 1 13  ? -6.804  -10.004 -9.301  1.00 44.14 ? 12  LEU A N   1 
ATOM   87   C CA  . LEU A 1 13  ? -6.082  -9.976  -10.569 1.00 42.00 ? 12  LEU A CA  1 
ATOM   88   C C   . LEU A 1 13  ? -5.566  -8.575  -10.882 1.00 45.41 ? 12  LEU A C   1 
ATOM   89   O O   . LEU A 1 13  ? -4.424  -8.413  -11.330 1.00 49.21 ? 12  LEU A O   1 
ATOM   90   C CB  . LEU A 1 13  ? -6.981  -10.491 -11.692 1.00 41.71 ? 12  LEU A CB  1 
ATOM   91   C CG  . LEU A 1 13  ? -7.349  -11.976 -11.638 1.00 39.52 ? 12  LEU A CG  1 
ATOM   92   C CD1 . LEU A 1 13  ? -8.257  -12.345 -12.798 1.00 44.68 ? 12  LEU A CD1 1 
ATOM   93   C CD2 . LEU A 1 13  ? -6.105  -12.854 -11.631 1.00 38.27 ? 12  LEU A CD2 1 
ATOM   94   N N   . LEU A 1 14  ? -6.390  -7.553  -10.653 1.00 41.33 ? 13  LEU A N   1 
ATOM   95   C CA  . LEU A 1 14  ? -5.937  -6.180  -10.846 1.00 51.69 ? 13  LEU A CA  1 
ATOM   96   C C   . LEU A 1 14  ? -4.801  -5.838  -9.889  1.00 42.54 ? 13  LEU A C   1 
ATOM   97   O O   . LEU A 1 14  ? -3.838  -5.164  -10.275 1.00 49.37 ? 13  LEU A O   1 
ATOM   98   C CB  . LEU A 1 14  ? -7.104  -5.209  -10.660 1.00 44.16 ? 13  LEU A CB  1 
ATOM   99   C CG  . LEU A 1 14  ? -6.803  -3.733  -10.935 1.00 49.32 ? 13  LEU A CG  1 
ATOM   100  C CD1 . LEU A 1 14  ? -6.527  -3.496  -12.413 1.00 39.57 ? 13  LEU A CD1 1 
ATOM   101  C CD2 . LEU A 1 14  ? -7.941  -2.854  -10.444 1.00 44.15 ? 13  LEU A CD2 1 
ATOM   102  N N   . GLY A 1 15  ? -4.897  -6.289  -8.637  1.00 42.65 ? 14  GLY A N   1 
ATOM   103  C CA  . GLY A 1 15  ? -3.820  -6.049  -7.689  1.00 38.11 ? 14  GLY A CA  1 
ATOM   104  C C   . GLY A 1 15  ? -2.520  -6.718  -8.086  1.00 41.90 ? 14  GLY A C   1 
ATOM   105  O O   . GLY A 1 15  ? -1.438  -6.211  -7.778  1.00 41.73 ? 14  GLY A O   1 
ATOM   106  N N   . SER A 1 16  ? -2.606  -7.856  -8.782  1.00 38.52 ? 15  SER A N   1 
ATOM   107  C CA  . SER A 1 16  ? -1.431  -8.572  -9.263  1.00 37.51 ? 15  SER A CA  1 
ATOM   108  C C   . SER A 1 16  ? -0.629  -7.779  -10.285 1.00 42.32 ? 15  SER A C   1 
ATOM   109  O O   . SER A 1 16  ? 0.494   -8.179  -10.609 1.00 58.88 ? 15  SER A O   1 
ATOM   110  C CB  . SER A 1 16  ? -1.849  -9.908  -9.877  1.00 41.77 ? 15  SER A CB  1 
ATOM   111  O OG  . SER A 1 16  ? -2.338  -10.795 -8.888  1.00 45.00 ? 15  SER A OG  1 
ATOM   112  N N   . ILE A 1 17  ? -1.171  -6.681  -10.806 1.00 50.46 ? 16  ILE A N   1 
ATOM   113  C CA  . ILE A 1 17  ? -0.442  -5.830  -11.738 1.00 52.27 ? 16  ILE A CA  1 
ATOM   114  C C   . ILE A 1 17  ? 0.432   -4.867  -10.944 1.00 51.96 ? 16  ILE A C   1 
ATOM   115  O O   . ILE A 1 17  ? 0.023   -3.740  -10.650 1.00 40.88 ? 16  ILE A O   1 
ATOM   116  C CB  . ILE A 1 17  ? -1.404  -5.065  -12.665 1.00 41.19 ? 16  ILE A CB  1 
ATOM   117  C CG1 . ILE A 1 17  ? -2.352  -6.034  -13.372 1.00 46.76 ? 16  ILE A CG1 1 
ATOM   118  C CG2 . ILE A 1 17  ? -0.623  -4.248  -13.686 1.00 48.85 ? 16  ILE A CG2 1 
ATOM   119  C CD1 . ILE A 1 17  ? -3.351  -5.347  -14.269 1.00 50.55 ? 16  ILE A CD1 1 
ATOM   120  N N   . THR A 1 18  ? 1.635   -5.304  -10.577 1.00 51.25 ? 17  THR A N   1 
ATOM   121  C CA  . THR A 1 18  ? 2.571   -4.433  -9.870  1.00 55.33 ? 17  THR A CA  1 
ATOM   122  C C   . THR A 1 18  ? 3.146   -3.443  -10.874 1.00 49.64 ? 17  THR A C   1 
ATOM   123  O O   . THR A 1 18  ? 4.031   -3.777  -11.665 1.00 52.33 ? 17  THR A O   1 
ATOM   124  C CB  . THR A 1 18  ? 3.671   -5.240  -9.191  1.00 52.14 ? 17  THR A CB  1 
ATOM   125  O OG1 . THR A 1 18  ? 4.155   -6.246  -10.089 1.00 54.35 ? 17  THR A OG1 1 
ATOM   126  C CG2 . THR A 1 18  ? 3.139   -5.900  -7.926  1.00 51.76 ? 17  THR A CG2 1 
ATOM   127  N N   . PHE A 1 19  ? 2.637   -2.212  -10.841 1.00 44.46 ? 18  PHE A N   1 
ATOM   128  C CA  . PHE A 1 19  ? 3.000   -1.226  -11.848 1.00 52.71 ? 18  PHE A CA  1 
ATOM   129  C C   . PHE A 1 19  ? 4.443   -0.751  -11.719 1.00 52.40 ? 18  PHE A C   1 
ATOM   130  O O   . PHE A 1 19  ? 4.988   -0.211  -12.687 1.00 49.85 ? 18  PHE A O   1 
ATOM   131  C CB  . PHE A 1 19  ? 2.039   -0.037  -11.781 1.00 51.08 ? 18  PHE A CB  1 
ATOM   132  C CG  . PHE A 1 19  ? 0.662   -0.344  -12.303 1.00 49.28 ? 18  PHE A CG  1 
ATOM   133  C CD1 . PHE A 1 19  ? 0.418   -0.367  -13.666 1.00 53.81 ? 18  PHE A CD1 1 
ATOM   134  C CD2 . PHE A 1 19  ? -0.386  -0.607  -11.436 1.00 50.81 ? 18  PHE A CD2 1 
ATOM   135  C CE1 . PHE A 1 19  ? -0.846  -0.650  -14.157 1.00 56.31 ? 18  PHE A CE1 1 
ATOM   136  C CE2 . PHE A 1 19  ? -1.654  -0.887  -11.923 1.00 49.41 ? 18  PHE A CE2 1 
ATOM   137  C CZ  . PHE A 1 19  ? -1.882  -0.910  -13.283 1.00 48.76 ? 18  PHE A CZ  1 
ATOM   138  N N   . GLY A 1 20  ? 5.073   -0.932  -10.558 1.00 46.47 ? 19  GLY A N   1 
ATOM   139  C CA  . GLY A 1 20  ? 6.495   -0.641  -10.459 1.00 48.75 ? 19  GLY A CA  1 
ATOM   140  C C   . GLY A 1 20  ? 7.328   -1.612  -11.269 1.00 54.74 ? 19  GLY A C   1 
ATOM   141  O O   . GLY A 1 20  ? 8.252   -1.211  -11.986 1.00 56.58 ? 19  GLY A O   1 
ATOM   142  N N   . GLU A 1 21  ? 7.011   -2.903  -11.165 1.00 53.95 ? 20  GLU A N   1 
ATOM   143  C CA  . GLU A 1 21  ? 7.620   -3.907  -12.026 1.00 56.19 ? 20  GLU A CA  1 
ATOM   144  C C   . GLU A 1 21  ? 7.372   -3.590  -13.496 1.00 59.57 ? 20  GLU A C   1 
ATOM   145  O O   . GLU A 1 21  ? 8.286   -3.662  -14.324 1.00 55.75 ? 20  GLU A O   1 
ATOM   146  C CB  . GLU A 1 21  ? 7.058   -5.285  -11.678 1.00 62.36 ? 20  GLU A CB  1 
ATOM   147  C CG  . GLU A 1 21  ? 7.696   -6.442  -12.424 1.00 61.18 ? 20  GLU A CG  1 
ATOM   148  C CD  . GLU A 1 21  ? 9.009   -6.878  -11.806 1.00 68.91 ? 20  GLU A CD  1 
ATOM   149  O OE1 . GLU A 1 21  ? 9.929   -6.043  -11.694 1.00 63.33 ? 20  GLU A OE1 1 
ATOM   150  O OE2 . GLU A 1 21  ? 9.117   -8.060  -11.421 1.00 72.06 ? 20  GLU A OE2 1 
ATOM   151  N N   . VAL A 1 22  ? 6.128   -3.240  -13.832 1.00 56.55 ? 21  VAL A N   1 
ATOM   152  C CA  . VAL A 1 22  ? 5.764   -3.000  -15.227 1.00 57.65 ? 21  VAL A CA  1 
ATOM   153  C C   . VAL A 1 22  ? 6.558   -1.830  -15.789 1.00 58.45 ? 21  VAL A C   1 
ATOM   154  O O   . VAL A 1 22  ? 7.248   -1.953  -16.810 1.00 63.64 ? 21  VAL A O   1 
ATOM   155  C CB  . VAL A 1 22  ? 4.247   -2.762  -15.345 1.00 50.22 ? 21  VAL A CB  1 
ATOM   156  C CG1 . VAL A 1 22  ? 3.913   -2.087  -16.663 1.00 61.86 ? 21  VAL A CG1 1 
ATOM   157  C CG2 . VAL A 1 22  ? 3.487   -4.077  -15.206 1.00 58.06 ? 21  VAL A CG2 1 
ATOM   158  N N   . ILE A 1 23  ? 6.486   -0.680  -15.117 1.00 55.66 ? 22  ILE A N   1 
ATOM   159  C CA  . ILE A 1 23  ? 7.120   0.532   -15.620 1.00 60.52 ? 22  ILE A CA  1 
ATOM   160  C C   . ILE A 1 23  ? 8.639   0.416   -15.578 1.00 61.65 ? 22  ILE A C   1 
ATOM   161  O O   . ILE A 1 23  ? 9.332   0.942   -16.457 1.00 62.58 ? 22  ILE A O   1 
ATOM   162  C CB  . ILE A 1 23  ? 6.606   1.745   -14.822 1.00 55.32 ? 22  ILE A CB  1 
ATOM   163  C CG1 . ILE A 1 23  ? 5.164   2.055   -15.233 1.00 50.59 ? 22  ILE A CG1 1 
ATOM   164  C CG2 . ILE A 1 23  ? 7.503   2.957   -15.027 1.00 63.85 ? 22  ILE A CG2 1 
ATOM   165  C CD1 . ILE A 1 23  ? 4.562   3.234   -14.526 1.00 52.96 ? 22  ILE A CD1 1 
ATOM   166  N N   . ALA A 1 24  ? 9.184   -0.280  -14.578 1.00 63.32 ? 23  ALA A N   1 
ATOM   167  C CA  . ALA A 1 24  ? 10.632  -0.445  -14.501 1.00 63.96 ? 23  ALA A CA  1 
ATOM   168  C C   . ALA A 1 24  ? 11.144  -1.356  -15.610 1.00 63.51 ? 23  ALA A C   1 
ATOM   169  O O   . ALA A 1 24  ? 12.124  -1.031  -16.291 1.00 63.44 ? 23  ALA A O   1 
ATOM   170  C CB  . ALA A 1 24  ? 11.029  -0.997  -13.135 1.00 57.35 ? 23  ALA A CB  1 
ATOM   171  N N   . LYS A 1 25  ? 10.497  -2.507  -15.802 1.00 68.71 ? 24  LYS A N   1 
ATOM   172  C CA  . LYS A 1 25  ? 10.941  -3.430  -16.839 1.00 67.64 ? 24  LYS A CA  1 
ATOM   173  C C   . LYS A 1 25  ? 10.757  -2.830  -18.226 1.00 68.17 ? 24  LYS A C   1 
ATOM   174  O O   . LYS A 1 25  ? 11.598  -3.025  -19.111 1.00 75.70 ? 24  LYS A O   1 
ATOM   175  C CB  . LYS A 1 25  ? 10.195  -4.758  -16.717 1.00 67.24 ? 24  LYS A CB  1 
ATOM   176  C CG  . LYS A 1 25  ? 11.114  -5.961  -16.620 1.00 77.48 ? 24  LYS A CG  1 
ATOM   177  C CD  . LYS A 1 25  ? 11.812  -6.014  -15.273 1.00 67.91 ? 24  LYS A CD  1 
ATOM   178  C CE  . LYS A 1 25  ? 12.134  -7.443  -14.876 1.00 67.04 ? 24  LYS A CE  1 
ATOM   179  N NZ  . LYS A 1 25  ? 12.757  -7.520  -13.528 1.00 72.15 ? 24  LYS A NZ  1 
ATOM   180  N N   . LEU A 1 26  ? 9.671   -2.088  -18.435 1.00 65.86 ? 25  LEU A N   1 
ATOM   181  C CA  . LEU A 1 26  ? 9.491   -1.409  -19.712 1.00 68.84 ? 25  LEU A CA  1 
ATOM   182  C C   . LEU A 1 26  ? 10.387  -0.184  -19.847 1.00 74.86 ? 25  LEU A C   1 
ATOM   183  O O   . LEU A 1 26  ? 10.554  0.325   -20.960 1.00 82.01 ? 25  LEU A O   1 
ATOM   184  C CB  . LEU A 1 26  ? 8.022   -1.023  -19.902 1.00 66.60 ? 25  LEU A CB  1 
ATOM   185  C CG  . LEU A 1 26  ? 7.117   -2.222  -20.202 1.00 71.61 ? 25  LEU A CG  1 
ATOM   186  C CD1 . LEU A 1 26  ? 5.669   -1.951  -19.817 1.00 61.85 ? 25  LEU A CD1 1 
ATOM   187  C CD2 . LEU A 1 26  ? 7.226   -2.635  -21.663 1.00 67.54 ? 25  LEU A CD2 1 
ATOM   188  N N   . LYS A 1 27  ? 10.961  0.300   -18.744 1.00 75.57 ? 26  LYS A N   1 
ATOM   189  C CA  . LYS A 1 27  ? 12.025  1.293   -18.800 1.00 68.53 ? 26  LYS A CA  1 
ATOM   190  C C   . LYS A 1 27  ? 13.410  0.660   -18.822 1.00 68.43 ? 26  LYS A C   1 
ATOM   191  O O   . LYS A 1 27  ? 14.400  1.377   -18.999 1.00 74.52 ? 26  LYS A O   1 
ATOM   192  C CB  . LYS A 1 27  ? 11.927  2.258   -17.612 1.00 69.36 ? 26  LYS A CB  1 
ATOM   193  C CG  . LYS A 1 27  ? 11.249  3.586   -17.930 1.00 68.43 ? 26  LYS A CG  1 
ATOM   194  C CD  . LYS A 1 27  ? 11.907  4.283   -19.111 1.00 75.72 ? 26  LYS A CD  1 
ATOM   195  C CE  . LYS A 1 27  ? 12.010  5.784   -18.878 1.00 70.94 ? 26  LYS A CE  1 
ATOM   196  N NZ  . LYS A 1 27  ? 12.956  6.435   -19.827 1.00 64.33 ? 26  LYS A NZ  1 
ATOM   197  N N   . GLY A 1 28  ? 13.499  -0.655  -18.635 1.00 71.01 ? 27  GLY A N   1 
ATOM   198  C CA  . GLY A 1 28  ? 14.757  -1.362  -18.756 1.00 68.29 ? 27  GLY A CA  1 
ATOM   199  C C   . GLY A 1 28  ? 15.512  -1.589  -17.467 1.00 72.26 ? 27  GLY A C   1 
ATOM   200  O O   . GLY A 1 28  ? 16.747  -1.666  -17.492 1.00 69.11 ? 27  GLY A O   1 
ATOM   201  N N   . VAL A 1 29  ? 14.815  -1.707  -16.337 1.00 77.24 ? 28  VAL A N   1 
ATOM   202  C CA  . VAL A 1 29  ? 15.449  -1.841  -15.032 1.00 73.76 ? 28  VAL A CA  1 
ATOM   203  C C   . VAL A 1 29  ? 14.835  -3.018  -14.286 1.00 73.31 ? 28  VAL A C   1 
ATOM   204  O O   . VAL A 1 29  ? 13.644  -3.314  -14.423 1.00 66.39 ? 28  VAL A O   1 
ATOM   205  C CB  . VAL A 1 29  ? 15.322  -0.541  -14.201 1.00 64.89 ? 28  VAL A CB  1 
ATOM   206  C CG1 . VAL A 1 29  ? 16.189  -0.606  -12.956 1.00 63.96 ? 28  VAL A CG1 1 
ATOM   207  C CG2 . VAL A 1 29  ? 15.712  0.660   -15.042 1.00 61.05 ? 28  VAL A CG2 1 
ATOM   208  N N   . ASP A 1 30  ? 15.667  -3.701  -13.498 1.00 65.70 ? 29  ASP A N   1 
ATOM   209  C CA  . ASP A 1 30  ? 15.226  -4.761  -12.600 1.00 64.07 ? 29  ASP A CA  1 
ATOM   210  C C   . ASP A 1 30  ? 15.222  -4.190  -11.185 1.00 63.24 ? 29  ASP A C   1 
ATOM   211  O O   . ASP A 1 30  ? 16.283  -3.941  -10.605 1.00 60.96 ? 29  ASP A O   1 
ATOM   212  C CB  . ASP A 1 30  ? 16.141  -5.981  -12.703 1.00 65.45 ? 29  ASP A CB  1 
ATOM   213  C CG  . ASP A 1 30  ? 15.611  -7.190  -11.937 1.00 73.38 ? 29  ASP A CG  1 
ATOM   214  O OD1 . ASP A 1 30  ? 14.871  -7.013  -10.944 1.00 60.07 ? 29  ASP A OD1 1 
ATOM   215  O OD2 . ASP A 1 30  ? 15.944  -8.330  -12.329 1.00 71.84 ? 29  ASP A OD2 1 
ATOM   216  N N   . LEU A 1 31  ? 14.024  -3.990  -10.631 1.00 68.47 ? 30  LEU A N   1 
ATOM   217  C CA  . LEU A 1 31  ? 13.910  -3.376  -9.311  1.00 59.13 ? 30  LEU A CA  1 
ATOM   218  C C   . LEU A 1 31  ? 14.500  -4.256  -8.217  1.00 62.28 ? 30  LEU A C   1 
ATOM   219  O O   . LEU A 1 31  ? 14.906  -3.745  -7.166  1.00 62.67 ? 30  LEU A O   1 
ATOM   220  C CB  . LEU A 1 31  ? 12.445  -3.068  -9.000  1.00 52.24 ? 30  LEU A CB  1 
ATOM   221  C CG  . LEU A 1 31  ? 11.797  -1.967  -9.835  1.00 52.28 ? 30  LEU A CG  1 
ATOM   222  C CD1 . LEU A 1 31  ? 10.367  -1.738  -9.394  1.00 50.36 ? 30  LEU A CD1 1 
ATOM   223  C CD2 . LEU A 1 31  ? 12.594  -0.676  -9.746  1.00 43.37 ? 30  LEU A CD2 1 
ATOM   224  N N   . ARG A 1 32  ? 14.562  -5.571  -8.442  1.00 52.84 ? 31  ARG A N   1 
ATOM   225  C CA  . ARG A 1 32  ? 15.084  -6.475  -7.423  1.00 62.83 ? 31  ARG A CA  1 
ATOM   226  C C   . ARG A 1 32  ? 16.549  -6.204  -7.112  1.00 60.88 ? 31  ARG A C   1 
ATOM   227  O O   . ARG A 1 32  ? 17.016  -6.556  -6.023  1.00 64.09 ? 31  ARG A O   1 
ATOM   228  C CB  . ARG A 1 32  ? 14.900  -7.927  -7.871  1.00 65.12 ? 31  ARG A CB  1 
ATOM   229  C CG  . ARG A 1 32  ? 14.982  -8.944  -6.747  1.00 74.07 ? 31  ARG A CG  1 
ATOM   230  C CD  . ARG A 1 32  ? 13.598  -9.306  -6.233  1.00 75.74 ? 31  ARG A CD  1 
ATOM   231  N NE  . ARG A 1 32  ? 12.700  -9.671  -7.324  1.00 79.54 ? 31  ARG A NE  1 
ATOM   232  C CZ  . ARG A 1 32  ? 12.270  -10.908 -7.553  1.00 72.32 ? 31  ARG A CZ  1 
ATOM   233  N NH1 . ARG A 1 32  ? 11.453  -11.150 -8.569  1.00 73.35 ? 31  ARG A NH1 1 
ATOM   234  N NH2 . ARG A 1 32  ? 12.655  -11.902 -6.762  1.00 71.39 ? 31  ARG A NH2 1 
ATOM   235  N N   . ASN A 1 33  ? 17.280  -5.575  -8.034  1.00 60.10 ? 32  ASN A N   1 
ATOM   236  C CA  . ASN A 1 33  ? 18.693  -5.290  -7.828  1.00 70.80 ? 32  ASN A CA  1 
ATOM   237  C C   . ASN A 1 33  ? 18.931  -3.982  -7.084  1.00 67.08 ? 32  ASN A C   1 
ATOM   238  O O   . ASN A 1 33  ? 19.914  -3.866  -6.341  1.00 62.54 ? 32  ASN A O   1 
ATOM   239  C CB  . ASN A 1 33  ? 19.424  -5.234  -9.174  1.00 59.95 ? 32  ASN A CB  1 
ATOM   240  C CG  . ASN A 1 33  ? 19.502  -6.582  -9.860  1.00 61.06 ? 32  ASN A CG  1 
ATOM   241  O OD1 . ASN A 1 33  ? 19.602  -7.620  -9.209  1.00 67.05 ? 32  ASN A OD1 1 
ATOM   242  N ND2 . ASN A 1 33  ? 19.471  -6.572  -11.187 1.00 60.19 ? 32  ASN A ND2 1 
ATOM   243  N N   . VAL A 1 34  ? 18.053  -2.991  -7.264  1.00 56.57 ? 33  VAL A N   1 
ATOM   244  C CA  . VAL A 1 34  ? 18.285  -1.634  -6.781  1.00 57.79 ? 33  VAL A CA  1 
ATOM   245  C C   . VAL A 1 34  ? 17.536  -1.410  -5.475  1.00 57.96 ? 33  VAL A C   1 
ATOM   246  O O   . VAL A 1 34  ? 16.491  -2.018  -5.211  1.00 57.57 ? 33  VAL A O   1 
ATOM   247  C CB  . VAL A 1 34  ? 17.870  -0.592  -7.842  1.00 54.68 ? 33  VAL A CB  1 
ATOM   248  C CG1 . VAL A 1 34  ? 18.370  -1.007  -9.215  1.00 56.87 ? 33  VAL A CG1 1 
ATOM   249  C CG2 . VAL A 1 34  ? 16.364  -0.427  -7.859  1.00 58.36 ? 33  VAL A CG2 1 
ATOM   250  N N   . GLY A 1 35  ? 18.092  -0.528  -4.647  1.00 57.74 ? 34  GLY A N   1 
ATOM   251  C CA  . GLY A 1 35  ? 17.407  -0.083  -3.443  1.00 50.53 ? 34  GLY A CA  1 
ATOM   252  C C   . GLY A 1 35  ? 17.074  -1.227  -2.505  1.00 50.18 ? 34  GLY A C   1 
ATOM   253  O O   . GLY A 1 35  ? 17.908  -2.087  -2.212  1.00 63.39 ? 34  GLY A O   1 
ATOM   254  N N   . SER A 1 36  ? 15.832  -1.239  -2.023  1.00 51.10 ? 35  SER A N   1 
ATOM   255  C CA  . SER A 1 36  ? 15.377  -2.260  -1.086  1.00 56.32 ? 35  SER A CA  1 
ATOM   256  C C   . SER A 1 36  ? 14.928  -3.544  -1.771  1.00 49.05 ? 35  SER A C   1 
ATOM   257  O O   . SER A 1 36  ? 14.508  -4.478  -1.081  1.00 51.50 ? 35  SER A O   1 
ATOM   258  C CB  . SER A 1 36  ? 14.228  -1.712  -0.233  1.00 52.47 ? 35  SER A CB  1 
ATOM   259  O OG  . SER A 1 36  ? 13.156  -1.263  -1.045  1.00 36.73 ? 35  SER A OG  1 
ATOM   260  N N   . GLY A 1 37  ? 15.011  -3.619  -3.097  1.00 50.77 ? 36  GLY A N   1 
ATOM   261  C CA  . GLY A 1 37  ? 14.457  -4.735  -3.833  1.00 51.92 ? 36  GLY A CA  1 
ATOM   262  C C   . GLY A 1 37  ? 12.956  -4.692  -4.010  1.00 51.72 ? 36  GLY A C   1 
ATOM   263  O O   . GLY A 1 37  ? 12.406  -5.563  -4.695  1.00 59.54 ? 36  GLY A O   1 
ATOM   264  N N   . ASN A 1 38  ? 12.277  -3.711  -3.420  1.00 46.77 ? 37  ASN A N   1 
ATOM   265  C CA  . ASN A 1 38  ? 10.830  -3.605  -3.507  1.00 46.13 ? 37  ASN A CA  1 
ATOM   266  C C   . ASN A 1 38  ? 10.409  -3.064  -4.871  1.00 41.94 ? 37  ASN A C   1 
ATOM   267  O O   . ASN A 1 38  ? 11.202  -2.479  -5.613  1.00 44.36 ? 37  ASN A O   1 
ATOM   268  C CB  . ASN A 1 38  ? 10.289  -2.705  -2.395  1.00 41.19 ? 37  ASN A CB  1 
ATOM   269  C CG  . ASN A 1 38  ? 8.821   -2.953  -2.109  1.00 46.57 ? 37  ASN A CG  1 
ATOM   270  O OD1 . ASN A 1 38  ? 8.392   -4.096  -1.968  1.00 50.99 ? 37  ASN A OD1 1 
ATOM   271  N ND2 . ASN A 1 38  ? 8.042   -1.881  -2.028  1.00 31.94 ? 37  ASN A ND2 1 
ATOM   272  N N   . VAL A 1 39  ? 9.136   -3.271  -5.198  1.00 43.79 ? 38  VAL A N   1 
ATOM   273  C CA  . VAL A 1 39  ? 8.585   -2.863  -6.482  1.00 37.66 ? 38  VAL A CA  1 
ATOM   274  C C   . VAL A 1 39  ? 7.667   -1.655  -6.343  1.00 42.26 ? 38  VAL A C   1 
ATOM   275  O O   . VAL A 1 39  ? 7.014   -1.261  -7.314  1.00 37.85 ? 38  VAL A O   1 
ATOM   276  C CB  . VAL A 1 39  ? 7.858   -4.030  -7.174  1.00 48.44 ? 38  VAL A CB  1 
ATOM   277  C CG1 . VAL A 1 39  ? 8.853   -5.113  -7.577  1.00 43.48 ? 38  VAL A CG1 1 
ATOM   278  C CG2 . VAL A 1 39  ? 6.774   -4.601  -6.269  1.00 46.26 ? 38  VAL A CG2 1 
ATOM   279  N N   . GLY A 1 40  ? 7.617   -1.042  -5.163  1.00 39.48 ? 39  GLY A N   1 
ATOM   280  C CA  . GLY A 1 40  ? 6.713   0.057   -4.907  1.00 43.43 ? 39  GLY A CA  1 
ATOM   281  C C   . GLY A 1 40  ? 7.289   1.415   -5.253  1.00 48.13 ? 39  GLY A C   1 
ATOM   282  O O   . GLY A 1 40  ? 8.394   1.548   -5.790  1.00 44.59 ? 39  GLY A O   1 
ATOM   283  N N   . ALA A 1 41  ? 6.518   2.449   -4.909  1.00 41.89 ? 40  ALA A N   1 
ATOM   284  C CA  . ALA A 1 41  ? 6.842   3.811   -5.318  1.00 50.93 ? 40  ALA A CA  1 
ATOM   285  C C   . ALA A 1 41  ? 8.178   4.283   -4.765  1.00 45.66 ? 40  ALA A C   1 
ATOM   286  O O   . ALA A 1 41  ? 8.877   5.059   -5.425  1.00 46.66 ? 40  ALA A O   1 
ATOM   287  C CB  . ALA A 1 41  ? 5.731   4.766   -4.883  1.00 39.33 ? 40  ALA A CB  1 
ATOM   288  N N   . THR A 1 42  ? 8.546   3.852   -3.557  1.00 45.06 ? 41  THR A N   1 
ATOM   289  C CA  . THR A 1 42  ? 9.801   4.311   -2.968  1.00 50.86 ? 41  THR A CA  1 
ATOM   290  C C   . THR A 1 42  ? 10.995  3.777   -3.750  1.00 45.82 ? 41  THR A C   1 
ATOM   291  O O   . THR A 1 42  ? 11.879  4.540   -4.161  1.00 51.23 ? 41  THR A O   1 
ATOM   292  C CB  . THR A 1 42  ? 9.881   3.888   -1.499  1.00 45.42 ? 41  THR A CB  1 
ATOM   293  O OG1 . THR A 1 42  ? 8.657   4.218   -0.832  1.00 52.21 ? 41  THR A OG1 1 
ATOM   294  C CG2 . THR A 1 42  ? 11.035  4.591   -0.806  1.00 45.81 ? 41  THR A CG2 1 
ATOM   295  N N   . ASN A 1 43  ? 11.031  2.463   -3.977  1.00 44.82 ? 42  ASN A N   1 
ATOM   296  C CA  . ASN A 1 43  ? 12.132  1.876   -4.730  1.00 48.27 ? 42  ASN A CA  1 
ATOM   297  C C   . ASN A 1 43  ? 12.112  2.321   -6.187  1.00 50.13 ? 42  ASN A C   1 
ATOM   298  O O   . ASN A 1 43  ? 13.176  2.527   -6.784  1.00 51.81 ? 42  ASN A O   1 
ATOM   299  C CB  . ASN A 1 43  ? 12.072  0.354   -4.631  1.00 46.36 ? 42  ASN A CB  1 
ATOM   300  C CG  . ASN A 1 43  ? 13.441  -0.287  -4.707  1.00 52.42 ? 42  ASN A CG  1 
ATOM   301  O OD1 . ASN A 1 43  ? 14.376  0.143   -4.032  1.00 53.82 ? 42  ASN A OD1 1 
ATOM   302  N ND2 . ASN A 1 43  ? 13.566  -1.322  -5.530  1.00 41.90 ? 42  ASN A ND2 1 
ATOM   303  N N   . VAL A 1 44  ? 10.923  2.475   -6.776  1.00 44.18 ? 43  VAL A N   1 
ATOM   304  C CA  . VAL A 1 44  ? 10.835  3.014   -8.130  1.00 49.75 ? 43  VAL A CA  1 
ATOM   305  C C   . VAL A 1 44  ? 11.408  4.425   -8.172  1.00 57.44 ? 43  VAL A C   1 
ATOM   306  O O   . VAL A 1 44  ? 12.029  4.829   -9.162  1.00 50.63 ? 43  VAL A O   1 
ATOM   307  C CB  . VAL A 1 44  ? 9.378   2.975   -8.632  1.00 49.23 ? 43  VAL A CB  1 
ATOM   308  C CG1 . VAL A 1 44  ? 9.224   3.802   -9.899  1.00 54.21 ? 43  VAL A CG1 1 
ATOM   309  C CG2 . VAL A 1 44  ? 8.946   1.545   -8.893  1.00 46.04 ? 43  VAL A CG2 1 
ATOM   310  N N   . THR A 1 45  ? 11.215  5.194   -7.099  1.00 51.97 ? 44  THR A N   1 
ATOM   311  C CA  . THR A 1 45  ? 11.807  6.527   -7.031  1.00 51.21 ? 44  THR A CA  1 
ATOM   312  C C   . THR A 1 45  ? 13.326  6.448   -6.939  1.00 55.62 ? 44  THR A C   1 
ATOM   313  O O   . THR A 1 45  ? 14.033  7.221   -7.595  1.00 47.41 ? 44  THR A O   1 
ATOM   314  C CB  . THR A 1 45  ? 11.233  7.302   -5.844  1.00 55.27 ? 44  THR A CB  1 
ATOM   315  O OG1 . THR A 1 45  ? 9.847   7.584   -6.077  1.00 52.22 ? 44  THR A OG1 1 
ATOM   316  C CG2 . THR A 1 45  ? 11.983  8.615   -5.648  1.00 52.96 ? 44  THR A CG2 1 
ATOM   317  N N   . ARG A 1 46  ? 13.847  5.515   -6.134  1.00 57.58 ? 45  ARG A N   1 
ATOM   318  C CA  . ARG A 1 46  ? 15.292  5.308   -6.090  1.00 48.59 ? 45  ARG A CA  1 
ATOM   319  C C   . ARG A 1 46  ? 15.843  4.945   -7.465  1.00 47.77 ? 45  ARG A C   1 
ATOM   320  O O   . ARG A 1 46  ? 16.941  5.377   -7.836  1.00 59.40 ? 45  ARG A O   1 
ATOM   321  C CB  . ARG A 1 46  ? 15.645  4.209   -5.085  1.00 55.61 ? 45  ARG A CB  1 
ATOM   322  C CG  . ARG A 1 46  ? 15.374  4.523   -3.623  1.00 42.66 ? 45  ARG A CG  1 
ATOM   323  C CD  . ARG A 1 46  ? 15.901  3.396   -2.742  1.00 41.14 ? 45  ARG A CD  1 
ATOM   324  N NE  . ARG A 1 46  ? 15.526  3.545   -1.339  1.00 47.57 ? 45  ARG A NE  1 
ATOM   325  C CZ  . ARG A 1 46  ? 14.496  2.923   -0.771  1.00 53.41 ? 45  ARG A CZ  1 
ATOM   326  N NH1 . ARG A 1 46  ? 13.733  2.105   -1.486  1.00 40.75 ? 45  ARG A NH1 1 
ATOM   327  N NH2 . ARG A 1 46  ? 14.228  3.117   0.513   1.00 44.47 ? 45  ARG A NH2 1 
ATOM   328  N N   . ALA A 1 47  ? 15.093  4.157   -8.238  1.00 56.57 ? 46  ALA A N   1 
ATOM   329  C CA  . ALA A 1 47  ? 15.624  3.560   -9.459  1.00 53.81 ? 46  ALA A CA  1 
ATOM   330  C C   . ALA A 1 47  ? 15.453  4.445   -10.689 1.00 51.73 ? 46  ALA A C   1 
ATOM   331  O O   . ALA A 1 47  ? 16.315  4.441   -11.573 1.00 55.20 ? 46  ALA A O   1 
ATOM   332  C CB  . ALA A 1 47  ? 14.953  2.208   -9.710  1.00 49.53 ? 46  ALA A CB  1 
ATOM   333  N N   . LEU A 1 48  ? 14.358  5.201   -10.768 1.00 54.74 ? 47  LEU A N   1 
ATOM   334  C CA  . LEU A 1 48  ? 13.982  5.889   -11.995 1.00 50.54 ? 47  LEU A CA  1 
ATOM   335  C C   . LEU A 1 48  ? 13.674  7.366   -11.811 1.00 52.86 ? 47  LEU A C   1 
ATOM   336  O O   . LEU A 1 48  ? 13.298  8.027   -12.786 1.00 58.21 ? 47  LEU A O   1 
ATOM   337  C CB  . LEU A 1 48  ? 12.757  5.212   -12.628 1.00 60.31 ? 47  LEU A CB  1 
ATOM   338  C CG  . LEU A 1 48  ? 12.888  3.732   -12.975 1.00 62.60 ? 47  LEU A CG  1 
ATOM   339  C CD1 . LEU A 1 48  ? 11.538  3.156   -13.369 1.00 53.68 ? 47  LEU A CD1 1 
ATOM   340  C CD2 . LEU A 1 48  ? 13.895  3.563   -14.094 1.00 64.80 ? 47  LEU A CD2 1 
ATOM   341  N N   . GLY A 1 49  ? 13.809  7.900   -10.604 1.00 55.57 ? 48  GLY A N   1 
ATOM   342  C CA  . GLY A 1 49  ? 13.468  9.280   -10.340 1.00 51.78 ? 48  GLY A CA  1 
ATOM   343  C C   . GLY A 1 49  ? 12.089  9.424   -9.724  1.00 54.70 ? 48  GLY A C   1 
ATOM   344  O O   . GLY A 1 49  ? 11.303  8.478   -9.630  1.00 60.24 ? 48  GLY A O   1 
ATOM   345  N N   . LYS A 1 50  ? 11.786  10.656  -9.320  1.00 53.27 ? 49  LYS A N   1 
ATOM   346  C CA  . LYS A 1 50  ? 10.569  10.916  -8.559  1.00 54.70 ? 49  LYS A CA  1 
ATOM   347  C C   . LYS A 1 50  ? 9.321   10.865  -9.440  1.00 60.67 ? 49  LYS A C   1 
ATOM   348  O O   . LYS A 1 50  ? 8.249   10.453  -8.977  1.00 57.41 ? 49  LYS A O   1 
ATOM   349  C CB  . LYS A 1 50  ? 10.696  12.272  -7.870  1.00 57.21 ? 49  LYS A CB  1 
ATOM   350  C CG  . LYS A 1 50  ? 9.688   12.533  -6.773  1.00 63.29 ? 49  LYS A CG  1 
ATOM   351  C CD  . LYS A 1 50  ? 10.121  13.726  -5.931  1.00 68.97 ? 49  LYS A CD  1 
ATOM   352  C CE  . LYS A 1 50  ? 10.669  14.854  -6.792  1.00 65.23 ? 49  LYS A CE  1 
ATOM   353  N NZ  . LYS A 1 50  ? 10.468  16.181  -6.148  1.00 63.98 ? 49  LYS A NZ  1 
ATOM   354  N N   . LYS A 1 51  ? 9.446   11.262  -10.712 1.00 64.75 ? 50  LYS A N   1 
ATOM   355  C CA  . LYS A 1 51  ? 8.308   11.235  -11.632 1.00 57.41 ? 50  LYS A CA  1 
ATOM   356  C C   . LYS A 1 51  ? 7.682   9.847   -11.705 1.00 60.58 ? 50  LYS A C   1 
ATOM   357  O O   . LYS A 1 51  ? 6.462   9.698   -11.573 1.00 55.24 ? 50  LYS A O   1 
ATOM   358  C CB  . LYS A 1 51  ? 8.746   11.714  -13.023 1.00 62.24 ? 50  LYS A CB  1 
ATOM   359  C CG  . LYS A 1 51  ? 7.600   12.017  -13.993 1.00 67.55 ? 50  LYS A CG  1 
ATOM   360  C CD  . LYS A 1 51  ? 7.066   10.748  -14.671 1.00 74.24 ? 50  LYS A CD  1 
ATOM   361  C CE  . LYS A 1 51  ? 5.759   10.989  -15.416 1.00 76.73 ? 50  LYS A CE  1 
ATOM   362  N NZ  . LYS A 1 51  ? 5.708   10.212  -16.689 1.00 76.58 ? 50  LYS A NZ  1 
ATOM   363  N N   . TYR A 1 52  ? 8.505   8.817   -11.898 1.00 61.60 ? 51  TYR A N   1 
ATOM   364  C CA  . TYR A 1 52  ? 7.957   7.481   -12.099 1.00 58.31 ? 51  TYR A CA  1 
ATOM   365  C C   . TYR A 1 52  ? 7.472   6.880   -10.789 1.00 57.31 ? 51  TYR A C   1 
ATOM   366  O O   . TYR A 1 52  ? 6.498   6.111   -10.772 1.00 57.26 ? 51  TYR A O   1 
ATOM   367  C CB  . TYR A 1 52  ? 9.004   6.595   -12.767 1.00 53.68 ? 51  TYR A CB  1 
ATOM   368  C CG  . TYR A 1 52  ? 9.284   7.006   -14.197 1.00 64.05 ? 51  TYR A CG  1 
ATOM   369  C CD1 . TYR A 1 52  ? 10.128  8.073   -14.480 1.00 70.78 ? 51  TYR A CD1 1 
ATOM   370  C CD2 . TYR A 1 52  ? 8.691   6.340   -15.263 1.00 67.33 ? 51  TYR A CD2 1 
ATOM   371  C CE1 . TYR A 1 52  ? 10.380  8.459   -15.781 1.00 63.47 ? 51  TYR A CE1 1 
ATOM   372  C CE2 . TYR A 1 52  ? 8.938   6.718   -16.570 1.00 70.36 ? 51  TYR A CE2 1 
ATOM   373  C CZ  . TYR A 1 52  ? 9.783   7.779   -16.821 1.00 72.85 ? 51  TYR A CZ  1 
ATOM   374  O OH  . TYR A 1 52  ? 10.034  8.166   -18.116 1.00 79.15 ? 51  TYR A OH  1 
ATOM   375  N N   . GLY A 1 53  ? 8.116   7.237   -9.677  1.00 58.14 ? 52  GLY A N   1 
ATOM   376  C CA  . GLY A 1 53  ? 7.638   6.788   -8.382  1.00 55.46 ? 52  GLY A CA  1 
ATOM   377  C C   . GLY A 1 53  ? 6.257   7.322   -8.052  1.00 54.71 ? 52  GLY A C   1 
ATOM   378  O O   . GLY A 1 53  ? 5.399   6.588   -7.557  1.00 49.26 ? 52  GLY A O   1 
ATOM   379  N N   . VAL A 1 54  ? 6.021   8.610   -8.319  1.00 55.02 ? 53  VAL A N   1 
ATOM   380  C CA  . VAL A 1 54  ? 4.700   9.152   -8.015  1.00 50.50 ? 53  VAL A CA  1 
ATOM   381  C C   . VAL A 1 54  ? 3.640   8.522   -8.919  1.00 55.16 ? 53  VAL A C   1 
ATOM   382  O O   . VAL A 1 54  ? 2.506   8.272   -8.481  1.00 55.08 ? 53  VAL A O   1 
ATOM   383  C CB  . VAL A 1 54  ? 4.704   10.693  -8.099  1.00 52.82 ? 53  VAL A CB  1 
ATOM   384  C CG1 . VAL A 1 54  ? 4.652   11.174  -9.538  1.00 57.02 ? 53  VAL A CG1 1 
ATOM   385  C CG2 . VAL A 1 54  ? 3.544   11.270  -7.300  1.00 60.18 ? 53  VAL A CG2 1 
ATOM   386  N N   . LEU A 1 55  ? 3.994   8.208   -10.169 1.00 49.55 ? 54  LEU A N   1 
ATOM   387  C CA  . LEU A 1 55  ? 3.041   7.557   -11.061 1.00 56.72 ? 54  LEU A CA  1 
ATOM   388  C C   . LEU A 1 55  ? 2.691   6.160   -10.559 1.00 55.07 ? 54  LEU A C   1 
ATOM   389  O O   . LEU A 1 55  ? 1.510   5.794   -10.492 1.00 52.22 ? 54  LEU A O   1 
ATOM   390  C CB  . LEU A 1 55  ? 3.599   7.496   -12.485 1.00 52.04 ? 54  LEU A CB  1 
ATOM   391  C CG  . LEU A 1 55  ? 2.760   6.686   -13.481 1.00 56.97 ? 54  LEU A CG  1 
ATOM   392  C CD1 . LEU A 1 55  ? 1.330   7.212   -13.559 1.00 48.36 ? 54  LEU A CD1 1 
ATOM   393  C CD2 . LEU A 1 55  ? 3.406   6.679   -14.858 1.00 50.40 ? 54  LEU A CD2 1 
ATOM   394  N N   . VAL A 1 56  ? 3.703   5.364   -10.196 1.00 42.74 ? 55  VAL A N   1 
ATOM   395  C CA  A VAL A 1 56  ? 3.402   4.018   -9.719  0.37 48.62 ? 55  VAL A CA  1 
ATOM   396  C CA  B VAL A 1 56  ? 3.448   4.016   -9.692  0.63 48.64 ? 55  VAL A CA  1 
ATOM   397  C C   . VAL A 1 56  ? 2.666   4.066   -8.386  1.00 46.25 ? 55  VAL A C   1 
ATOM   398  O O   . VAL A 1 56  ? 1.858   3.175   -8.093  1.00 44.10 ? 55  VAL A O   1 
ATOM   399  C CB  A VAL A 1 56  ? 4.674   3.151   -9.637  0.37 44.70 ? 55  VAL A CB  1 
ATOM   400  C CB  B VAL A 1 56  ? 4.779   3.254   -9.533  0.63 44.54 ? 55  VAL A CB  1 
ATOM   401  C CG1 A VAL A 1 56  ? 5.274   2.957   -11.017 0.37 46.63 ? 55  VAL A CG1 1 
ATOM   402  C CG1 B VAL A 1 56  ? 4.556   1.908   -8.860  0.63 43.72 ? 55  VAL A CG1 1 
ATOM   403  C CG2 A VAL A 1 56  ? 5.685   3.756   -8.699  0.37 47.94 ? 55  VAL A CG2 1 
ATOM   404  C CG2 B VAL A 1 56  ? 5.437   3.064   -10.889 0.63 46.69 ? 55  VAL A CG2 1 
ATOM   405  N N   . PHE A 1 57  ? 2.894   5.099   -7.571  1.00 49.19 ? 56  PHE A N   1 
ATOM   406  C CA  . PHE A 1 57  ? 2.098   5.243   -6.356  1.00 49.21 ? 56  PHE A CA  1 
ATOM   407  C C   . PHE A 1 57  ? 0.636   5.497   -6.697  1.00 41.67 ? 56  PHE A C   1 
ATOM   408  O O   . PHE A 1 57  ? -0.269  4.902   -6.100  1.00 42.88 ? 56  PHE A O   1 
ATOM   409  C CB  . PHE A 1 57  ? 2.633   6.374   -5.479  1.00 44.87 ? 56  PHE A CB  1 
ATOM   410  C CG  . PHE A 1 57  ? 1.780   6.640   -4.272  1.00 41.24 ? 56  PHE A CG  1 
ATOM   411  C CD1 . PHE A 1 57  ? 1.950   5.902   -3.118  1.00 44.69 ? 56  PHE A CD1 1 
ATOM   412  C CD2 . PHE A 1 57  ? 0.796   7.615   -4.298  1.00 44.54 ? 56  PHE A CD2 1 
ATOM   413  C CE1 . PHE A 1 57  ? 1.153   6.130   -2.013  1.00 46.28 ? 56  PHE A CE1 1 
ATOM   414  C CE2 . PHE A 1 57  ? 0.000   7.847   -3.192  1.00 43.05 ? 56  PHE A CE2 1 
ATOM   415  C CZ  . PHE A 1 57  ? 0.183   7.104   -2.049  1.00 41.50 ? 56  PHE A CZ  1 
ATOM   416  N N   . PHE A 1 58  ? 0.392   6.397   -7.651  1.00 44.94 ? 57  PHE A N   1 
ATOM   417  C CA  . PHE A 1 58  ? -0.971  6.669   -8.095  1.00 45.25 ? 57  PHE A CA  1 
ATOM   418  C C   . PHE A 1 58  ? -1.648  5.402   -8.609  1.00 47.54 ? 57  PHE A C   1 
ATOM   419  O O   . PHE A 1 58  ? -2.807  5.124   -8.274  1.00 50.51 ? 57  PHE A O   1 
ATOM   420  C CB  . PHE A 1 58  ? -0.936  7.756   -9.173  1.00 43.46 ? 57  PHE A CB  1 
ATOM   421  C CG  . PHE A 1 58  ? -2.283  8.151   -9.705  1.00 48.91 ? 57  PHE A CG  1 
ATOM   422  C CD1 . PHE A 1 58  ? -3.206  8.798   -8.898  1.00 55.02 ? 57  PHE A CD1 1 
ATOM   423  C CD2 . PHE A 1 58  ? -2.609  7.913   -11.029 1.00 47.30 ? 57  PHE A CD2 1 
ATOM   424  C CE1 . PHE A 1 58  ? -4.442  9.175   -9.395  1.00 51.82 ? 57  PHE A CE1 1 
ATOM   425  C CE2 . PHE A 1 58  ? -3.840  8.288   -11.535 1.00 53.64 ? 57  PHE A CE2 1 
ATOM   426  C CZ  . PHE A 1 58  ? -4.760  8.919   -10.716 1.00 50.62 ? 57  PHE A CZ  1 
ATOM   427  N N   . LEU A 1 59  ? -0.926  4.602   -9.397  1.00 47.49 ? 58  LEU A N   1 
ATOM   428  C CA  . LEU A 1 59  ? -1.526  3.414   -9.995  1.00 43.02 ? 58  LEU A CA  1 
ATOM   429  C C   . LEU A 1 59  ? -1.805  2.342   -8.949  1.00 46.84 ? 58  LEU A C   1 
ATOM   430  O O   . LEU A 1 59  ? -2.913  1.792   -8.892  1.00 49.92 ? 58  LEU A O   1 
ATOM   431  C CB  . LEU A 1 59  ? -0.620  2.876   -11.100 1.00 40.94 ? 58  LEU A CB  1 
ATOM   432  C CG  . LEU A 1 59  ? -0.444  3.850   -12.266 1.00 49.35 ? 58  LEU A CG  1 
ATOM   433  C CD1 . LEU A 1 59  ? 0.526   3.299   -13.296 1.00 47.73 ? 58  LEU A CD1 1 
ATOM   434  C CD2 . LEU A 1 59  ? -1.792  4.169   -12.898 1.00 47.99 ? 58  LEU A CD2 1 
ATOM   435  N N   . ASP A 1 60  ? -0.810  2.020   -8.115  1.00 45.68 ? 59  ASP A N   1 
ATOM   436  C CA  . ASP A 1 60  ? -1.031  1.033   -7.061  1.00 42.91 ? 59  ASP A CA  1 
ATOM   437  C C   . ASP A 1 60  ? -2.124  1.483   -6.101  1.00 40.29 ? 59  ASP A C   1 
ATOM   438  O O   . ASP A 1 60  ? -2.837  0.646   -5.536  1.00 38.85 ? 59  ASP A O   1 
ATOM   439  C CB  . ASP A 1 60  ? 0.267   0.767   -6.297  1.00 34.36 ? 59  ASP A CB  1 
ATOM   440  C CG  . ASP A 1 60  ? 1.215   -0.147  -7.051  1.00 46.50 ? 59  ASP A CG  1 
ATOM   441  O OD1 . ASP A 1 60  ? 0.739   -1.100  -7.701  1.00 51.32 ? 59  ASP A OD1 1 
ATOM   442  O OD2 . ASP A 1 60  ? 2.439   0.081   -6.985  1.00 47.32 ? 59  ASP A OD2 1 
ATOM   443  N N   . PHE A 1 61  ? -2.270  2.797   -5.909  1.00 35.01 ? 60  PHE A N   1 
ATOM   444  C CA  . PHE A 1 61  ? -3.377  3.321   -5.115  1.00 35.55 ? 60  PHE A CA  1 
ATOM   445  C C   . PHE A 1 61  ? -4.713  3.047   -5.796  1.00 40.36 ? 60  PHE A C   1 
ATOM   446  O O   . PHE A 1 61  ? -5.672  2.600   -5.150  1.00 38.83 ? 60  PHE A O   1 
ATOM   447  C CB  . PHE A 1 61  ? -3.169  4.821   -4.885  1.00 36.77 ? 60  PHE A CB  1 
ATOM   448  C CG  . PHE A 1 61  ? -4.364  5.538   -4.309  1.00 39.43 ? 60  PHE A CG  1 
ATOM   449  C CD1 . PHE A 1 61  ? -5.344  6.067   -5.138  1.00 34.45 ? 60  PHE A CD1 1 
ATOM   450  C CD2 . PHE A 1 61  ? -4.489  5.711   -2.940  1.00 40.92 ? 60  PHE A CD2 1 
ATOM   451  C CE1 . PHE A 1 61  ? -6.433  6.735   -4.611  1.00 37.29 ? 60  PHE A CE1 1 
ATOM   452  C CE2 . PHE A 1 61  ? -5.578  6.382   -2.405  1.00 41.50 ? 60  PHE A CE2 1 
ATOM   453  C CZ  . PHE A 1 61  ? -6.551  6.893   -3.242  1.00 37.07 ? 60  PHE A CZ  1 
ATOM   454  N N   . LEU A 1 62  ? -4.796  3.312   -7.103  1.00 40.66 ? 61  LEU A N   1 
ATOM   455  C CA  . LEU A 1 62  ? -6.033  3.056   -7.835  1.00 47.74 ? 61  LEU A CA  1 
ATOM   456  C C   . LEU A 1 62  ? -6.407  1.577   -7.792  1.00 47.71 ? 61  LEU A C   1 
ATOM   457  O O   . LEU A 1 62  ? -7.592  1.230   -7.689  1.00 48.85 ? 61  LEU A O   1 
ATOM   458  C CB  . LEU A 1 62  ? -5.887  3.531   -9.280  1.00 43.02 ? 61  LEU A CB  1 
ATOM   459  C CG  . LEU A 1 62  ? -6.151  5.017   -9.505  1.00 43.02 ? 61  LEU A CG  1 
ATOM   460  C CD1 . LEU A 1 62  ? -5.797  5.416   -10.927 1.00 42.47 ? 61  LEU A CD1 1 
ATOM   461  C CD2 . LEU A 1 62  ? -7.598  5.348   -9.191  1.00 42.57 ? 61  LEU A CD2 1 
ATOM   462  N N   . LYS A 1 63  ? -5.400  0.698   -7.865  1.00 43.01 ? 62  LYS A N   1 
ATOM   463  C CA  . LYS A 1 63  ? -5.613  -0.744  -7.774  1.00 49.02 ? 62  LYS A CA  1 
ATOM   464  C C   . LYS A 1 63  ? -6.468  -1.122  -6.576  1.00 49.59 ? 62  LYS A C   1 
ATOM   465  O O   . LYS A 1 63  ? -7.256  -2.074  -6.637  1.00 52.14 ? 62  LYS A O   1 
ATOM   466  C CB  . LYS A 1 63  ? -4.271  -1.466  -7.672  1.00 43.47 ? 62  LYS A CB  1 
ATOM   467  C CG  . LYS A 1 63  ? -3.802  -2.131  -8.941  1.00 49.92 ? 62  LYS A CG  1 
ATOM   468  C CD  . LYS A 1 63  ? -2.300  -2.323  -8.909  1.00 44.47 ? 62  LYS A CD  1 
ATOM   469  C CE  . LYS A 1 63  ? -1.844  -2.970  -7.613  1.00 43.72 ? 62  LYS A CE  1 
ATOM   470  N NZ  . LYS A 1 63  ? -0.384  -3.271  -7.651  1.00 40.19 ? 62  LYS A NZ  1 
ATOM   471  N N   . GLY A 1 64  ? -6.293  -0.419  -5.463  1.00 40.65 ? 63  GLY A N   1 
ATOM   472  C CA  . GLY A 1 64  ? -7.056  -0.720  -4.273  1.00 38.24 ? 63  GLY A CA  1 
ATOM   473  C C   . GLY A 1 64  ? -8.316  0.111   -4.183  1.00 39.95 ? 63  GLY A C   1 
ATOM   474  O O   . GLY A 1 64  ? -9.323  -0.336  -3.628  1.00 29.88 ? 63  GLY A O   1 
ATOM   475  N N   . PHE A 1 65  ? -8.274  1.321   -4.742  1.00 37.63 ? 64  PHE A N   1 
ATOM   476  C CA  . PHE A 1 65  ? -9.407  2.227   -4.597  1.00 39.74 ? 64  PHE A CA  1 
ATOM   477  C C   . PHE A 1 65  ? -10.600 1.778   -5.433  1.00 38.56 ? 64  PHE A C   1 
ATOM   478  O O   . PHE A 1 65  ? -11.736 1.788   -4.947  1.00 35.61 ? 64  PHE A O   1 
ATOM   479  C CB  . PHE A 1 65  ? -9.009  3.649   -4.977  1.00 40.09 ? 64  PHE A CB  1 
ATOM   480  C CG  . PHE A 1 65  ? -10.170 4.601   -5.031  1.00 36.48 ? 64  PHE A CG  1 
ATOM   481  C CD1 . PHE A 1 65  ? -10.791 5.022   -3.867  1.00 39.46 ? 64  PHE A CD1 1 
ATOM   482  C CD2 . PHE A 1 65  ? -10.647 5.069   -6.242  1.00 42.51 ? 64  PHE A CD2 1 
ATOM   483  C CE1 . PHE A 1 65  ? -11.867 5.895   -3.913  1.00 42.12 ? 64  PHE A CE1 1 
ATOM   484  C CE2 . PHE A 1 65  ? -11.719 5.944   -6.293  1.00 33.95 ? 64  PHE A CE2 1 
ATOM   485  C CZ  . PHE A 1 65  ? -12.327 6.358   -5.126  1.00 38.48 ? 64  PHE A CZ  1 
ATOM   486  N N   . ILE A 1 66  ? -10.373 1.396   -6.686  1.00 41.66 ? 65  ILE A N   1 
ATOM   487  C CA  . ILE A 1 66  ? -11.493 1.168   -7.599  1.00 38.69 ? 65  ILE A CA  1 
ATOM   488  C C   . ILE A 1 66  ? -12.287 -0.078  -7.200  1.00 41.82 ? 65  ILE A C   1 
ATOM   489  O O   . ILE A 1 66  ? -13.517 0.016   -7.050  1.00 39.12 ? 65  ILE A O   1 
ATOM   490  C CB  . ILE A 1 66  ? -11.015 1.105   -9.060  1.00 49.97 ? 65  ILE A CB  1 
ATOM   491  C CG1 . ILE A 1 66  ? -10.424 2.457   -9.473  1.00 40.60 ? 65  ILE A CG1 1 
ATOM   492  C CG2 . ILE A 1 66  ? -12.161 0.711   -9.981  1.00 44.32 ? 65  ILE A CG2 1 
ATOM   493  C CD1 . ILE A 1 66  ? -9.743  2.453   -10.822 1.00 46.83 ? 65  ILE A CD1 1 
ATOM   494  N N   . PRO A 1 67  ? -11.664 -1.251  -7.003  1.00 37.39 ? 66  PRO A N   1 
ATOM   495  C CA  . PRO A 1 67  ? -12.471 -2.409  -6.576  1.00 37.70 ? 66  PRO A CA  1 
ATOM   496  C C   . PRO A 1 67  ? -13.172 -2.186  -5.247  1.00 31.17 ? 66  PRO A C   1 
ATOM   497  O O   . PRO A 1 67  ? -14.337 -2.573  -5.092  1.00 36.47 ? 66  PRO A O   1 
ATOM   498  C CB  . PRO A 1 67  ? -11.439 -3.544  -6.499  1.00 33.63 ? 66  PRO A CB  1 
ATOM   499  C CG  . PRO A 1 67  ? -10.364 -3.129  -7.434  1.00 44.40 ? 66  PRO A CG  1 
ATOM   500  C CD  . PRO A 1 67  ? -10.265 -1.646  -7.250  1.00 37.28 ? 66  PRO A CD  1 
ATOM   501  N N   . ALA A 1 68  ? -12.500 -1.550  -4.285  1.00 35.22 ? 67  ALA A N   1 
ATOM   502  C CA  . ALA A 1 68  ? -13.135 -1.281  -2.998  1.00 32.93 ? 67  ALA A CA  1 
ATOM   503  C C   . ALA A 1 68  ? -14.304 -0.315  -3.148  1.00 37.08 ? 67  ALA A C   1 
ATOM   504  O O   . ALA A 1 68  ? -15.324 -0.454  -2.464  1.00 41.49 ? 67  ALA A O   1 
ATOM   505  C CB  . ALA A 1 68  ? -12.108 -0.735  -2.007  1.00 23.64 ? 67  ALA A CB  1 
ATOM   506  N N   . LEU A 1 69  ? -14.177 0.673   -4.038  1.00 31.42 ? 68  LEU A N   1 
ATOM   507  C CA  . LEU A 1 69  ? -15.289 1.587   -4.277  1.00 35.14 ? 68  LEU A CA  1 
ATOM   508  C C   . LEU A 1 69  ? -16.478 0.854   -4.883  1.00 39.54 ? 68  LEU A C   1 
ATOM   509  O O   . LEU A 1 69  ? -17.628 1.087   -4.483  1.00 41.07 ? 68  LEU A O   1 
ATOM   510  C CB  . LEU A 1 69  ? -14.848 2.735   -5.181  1.00 36.88 ? 68  LEU A CB  1 
ATOM   511  C CG  . LEU A 1 69  ? -15.908 3.816   -5.405  1.00 44.37 ? 68  LEU A CG  1 
ATOM   512  C CD1 . LEU A 1 69  ? -16.182 4.557   -4.108  1.00 37.75 ? 68  LEU A CD1 1 
ATOM   513  C CD2 . LEU A 1 69  ? -15.473 4.780   -6.497  1.00 35.63 ? 68  LEU A CD2 1 
ATOM   514  N N   . ILE A 1 70  ? -16.222 -0.035  -5.847  1.00 42.39 ? 69  ILE A N   1 
ATOM   515  C CA  . ILE A 1 70  ? -17.291 -0.876  -6.381  1.00 42.62 ? 69  ILE A CA  1 
ATOM   516  C C   . ILE A 1 70  ? -17.939 -1.684  -5.266  1.00 44.90 ? 69  ILE A C   1 
ATOM   517  O O   . ILE A 1 70  ? -19.165 -1.850  -5.229  1.00 44.01 ? 69  ILE A O   1 
ATOM   518  C CB  . ILE A 1 70  ? -16.750 -1.794  -7.492  1.00 48.70 ? 69  ILE A CB  1 
ATOM   519  C CG1 . ILE A 1 70  ? -16.201 -0.971  -8.657  1.00 33.78 ? 69  ILE A CG1 1 
ATOM   520  C CG2 . ILE A 1 70  ? -17.829 -2.758  -7.968  1.00 38.85 ? 69  ILE A CG2 1 
ATOM   521  C CD1 . ILE A 1 70  ? -15.730 -1.817  -9.807  1.00 41.73 ? 69  ILE A CD1 1 
ATOM   522  N N   . ALA A 1 71  ? -17.129 -2.190  -4.334  1.00 38.59 ? 70  ALA A N   1 
ATOM   523  C CA  . ALA A 1 71  ? -17.674 -3.009  -3.257  1.00 38.10 ? 70  ALA A CA  1 
ATOM   524  C C   . ALA A 1 71  ? -18.560 -2.190  -2.325  1.00 35.00 ? 70  ALA A C   1 
ATOM   525  O O   . ALA A 1 71  ? -19.654 -2.633  -1.955  1.00 45.43 ? 70  ALA A O   1 
ATOM   526  C CB  . ALA A 1 71  ? -16.543 -3.674  -2.474  1.00 37.53 ? 70  ALA A CB  1 
ATOM   527  N N   . VAL A 1 72  ? -18.113 -0.995  -1.932  1.00 38.15 ? 71  VAL A N   1 
ATOM   528  C CA  A VAL A 1 72  ? -18.899 -0.209  -0.989  0.46 37.28 ? 71  VAL A CA  1 
ATOM   529  C CA  B VAL A 1 72  ? -18.884 -0.175  -0.998  0.54 37.26 ? 71  VAL A CA  1 
ATOM   530  C C   . VAL A 1 72  ? -20.167 0.320   -1.653  1.00 35.65 ? 71  VAL A C   1 
ATOM   531  O O   . VAL A 1 72  ? -21.233 0.351   -1.030  1.00 34.52 ? 71  VAL A O   1 
ATOM   532  C CB  A VAL A 1 72  ? -18.047 0.920   -0.374  0.46 39.48 ? 71  VAL A CB  1 
ATOM   533  C CB  B VAL A 1 72  ? -18.029 1.000   -0.490  0.54 39.48 ? 71  VAL A CB  1 
ATOM   534  C CG1 A VAL A 1 72  ? -17.545 1.884   -1.433  0.46 39.33 ? 71  VAL A CG1 1 
ATOM   535  C CG1 B VAL A 1 72  ? -18.873 1.945   0.356   0.54 37.56 ? 71  VAL A CG1 1 
ATOM   536  C CG2 A VAL A 1 72  ? -18.838 1.660   0.696   0.46 38.17 ? 71  VAL A CG2 1 
ATOM   537  C CG2 B VAL A 1 72  ? -16.843 0.495   0.302   0.54 36.27 ? 71  VAL A CG2 1 
ATOM   538  N N   . LYS A 1 73  ? -20.084 0.719   -2.925  1.00 41.34 ? 72  LYS A N   1 
ATOM   539  C CA  . LYS A 1 73  ? -21.273 1.236   -3.595  1.00 36.84 ? 72  LYS A CA  1 
ATOM   540  C C   . LYS A 1 73  ? -22.266 0.119   -3.896  1.00 46.52 ? 72  LYS A C   1 
ATOM   541  O O   . LYS A 1 73  ? -23.482 0.320   -3.803  1.00 56.97 ? 72  LYS A O   1 
ATOM   542  C CB  . LYS A 1 73  ? -20.880 1.967   -4.880  1.00 39.37 ? 72  LYS A CB  1 
ATOM   543  C CG  . LYS A 1 73  ? -19.954 3.167   -4.681  1.00 51.23 ? 72  LYS A CG  1 
ATOM   544  C CD  . LYS A 1 73  ? -20.675 4.392   -4.132  1.00 46.33 ? 72  LYS A CD  1 
ATOM   545  C CE  . LYS A 1 73  ? -19.680 5.464   -3.690  1.00 55.88 ? 72  LYS A CE  1 
ATOM   546  N NZ  . LYS A 1 73  ? -20.316 6.797   -3.485  1.00 63.95 ? 72  LYS A NZ  1 
ATOM   547  N N   . SER A 1 74  ? -21.771 -1.070  -4.236  1.00 47.41 ? 73  SER A N   1 
ATOM   548  C CA  . SER A 1 74  ? -22.646 -2.134  -4.712  1.00 47.98 ? 73  SER A CA  1 
ATOM   549  C C   . SER A 1 74  ? -23.159 -3.043  -3.603  1.00 40.39 ? 73  SER A C   1 
ATOM   550  O O   . SER A 1 74  ? -24.216 -3.662  -3.766  1.00 45.15 ? 73  SER A O   1 
ATOM   551  C CB  . SER A 1 74  ? -21.917 -2.972  -5.766  1.00 42.96 ? 73  SER A CB  1 
ATOM   552  O OG  . SER A 1 74  ? -21.761 -2.238  -6.969  1.00 53.22 ? 73  SER A OG  1 
ATOM   553  N N   . PHE A 1 75  ? -22.451 -3.141  -2.481  1.00 40.19 ? 74  PHE A N   1 
ATOM   554  C CA  . PHE A 1 75  ? -22.850 -4.046  -1.413  1.00 33.95 ? 74  PHE A CA  1 
ATOM   555  C C   . PHE A 1 75  ? -22.944 -3.387  -0.047  1.00 32.91 ? 74  PHE A C   1 
ATOM   556  O O   . PHE A 1 75  ? -23.492 -4.002  0.873   1.00 42.69 ? 74  PHE A O   1 
ATOM   557  C CB  . PHE A 1 75  ? -21.879 -5.234  -1.325  1.00 40.17 ? 74  PHE A CB  1 
ATOM   558  C CG  . PHE A 1 75  ? -21.717 -5.978  -2.620  1.00 36.56 ? 74  PHE A CG  1 
ATOM   559  C CD1 . PHE A 1 75  ? -20.774 -5.575  -3.553  1.00 40.07 ? 74  PHE A CD1 1 
ATOM   560  C CD2 . PHE A 1 75  ? -22.513 -7.071  -2.911  1.00 40.11 ? 74  PHE A CD2 1 
ATOM   561  C CE1 . PHE A 1 75  ? -20.626 -6.250  -4.747  1.00 37.29 ? 74  PHE A CE1 1 
ATOM   562  C CE2 . PHE A 1 75  ? -22.371 -7.751  -4.104  1.00 44.80 ? 74  PHE A CE2 1 
ATOM   563  C CZ  . PHE A 1 75  ? -21.425 -7.340  -5.023  1.00 49.14 ? 74  PHE A CZ  1 
ATOM   564  N N   . GLY A 1 76  ? -22.439 -2.172  0.119   1.00 32.36 ? 75  GLY A N   1 
ATOM   565  C CA  . GLY A 1 76  ? -22.544 -1.482  1.383   1.00 32.21 ? 75  GLY A CA  1 
ATOM   566  C C   . GLY A 1 76  ? -21.249 -1.522  2.173   1.00 31.87 ? 75  GLY A C   1 
ATOM   567  O O   . GLY A 1 76  ? -20.396 -2.397  1.995   1.00 41.51 ? 75  GLY A O   1 
ATOM   568  N N   . ILE A 1 77  ? -21.108 -0.553  3.076   1.00 33.35 ? 76  ILE A N   1 
ATOM   569  C CA  . ILE A 1 77  ? -19.904 -0.467  3.888   1.00 34.76 ? 76  ILE A CA  1 
ATOM   570  C C   . ILE A 1 77  ? -19.800 -1.641  4.857   1.00 35.39 ? 76  ILE A C   1 
ATOM   571  O O   . ILE A 1 77  ? -18.695 -1.988  5.289   1.00 36.86 ? 76  ILE A O   1 
ATOM   572  C CB  . ILE A 1 77  ? -19.882 0.895   4.612   1.00 36.51 ? 76  ILE A CB  1 
ATOM   573  C CG1 . ILE A 1 77  ? -18.592 1.074   5.415   1.00 36.27 ? 76  ILE A CG1 1 
ATOM   574  C CG2 . ILE A 1 77  ? -21.127 1.067   5.483   1.00 36.06 ? 76  ILE A CG2 1 
ATOM   575  C CD1 . ILE A 1 77  ? -17.372 1.183   4.550   1.00 42.87 ? 76  ILE A CD1 1 
ATOM   576  N N   . ASP A 1 78  ? -20.917 -2.291  5.180   1.00 38.21 ? 77  ASP A N   1 
ATOM   577  C CA  . ASP A 1 78  ? -20.945 -3.382  6.147   1.00 37.40 ? 77  ASP A CA  1 
ATOM   578  C C   . ASP A 1 78  ? -20.882 -4.761  5.498   1.00 37.21 ? 77  ASP A C   1 
ATOM   579  O O   . ASP A 1 78  ? -21.014 -5.767  6.199   1.00 30.97 ? 77  ASP A O   1 
ATOM   580  C CB  . ASP A 1 78  ? -22.199 -3.279  7.018   1.00 35.98 ? 77  ASP A CB  1 
ATOM   581  C CG  . ASP A 1 78  ? -23.474 -3.175  6.199   1.00 38.01 ? 77  ASP A CG  1 
ATOM   582  O OD1 . ASP A 1 78  ? -23.414 -2.695  5.048   1.00 46.44 ? 77  ASP A OD1 1 
ATOM   583  O OD2 . ASP A 1 78  ? -24.539 -3.578  6.707   1.00 46.94 ? 77  ASP A OD2 1 
ATOM   584  N N   . SER A 1 79  ? -20.684 -4.833  4.186   1.00 39.58 ? 78  SER A N   1 
ATOM   585  C CA  . SER A 1 79  ? -20.632 -6.114  3.496   1.00 35.51 ? 78  SER A CA  1 
ATOM   586  C C   . SER A 1 79  ? -19.248 -6.746  3.611   1.00 40.77 ? 78  SER A C   1 
ATOM   587  O O   . SER A 1 79  ? -18.227 -6.055  3.572   1.00 32.33 ? 78  SER A O   1 
ATOM   588  C CB  . SER A 1 79  ? -20.999 -5.930  2.023   1.00 37.85 ? 78  SER A CB  1 
ATOM   589  O OG  . SER A 1 79  ? -20.923 -7.155  1.318   1.00 43.00 ? 78  SER A OG  1 
ATOM   590  N N   . TRP A 1 80  ? -19.222 -8.075  3.751   1.00 37.94 ? 79  TRP A N   1 
ATOM   591  C CA  . TRP A 1 80  ? -17.963 -8.812  3.763   1.00 33.29 ? 79  TRP A CA  1 
ATOM   592  C C   . TRP A 1 80  ? -17.355 -8.931  2.372   1.00 35.29 ? 79  TRP A C   1 
ATOM   593  O O   . TRP A 1 80  ? -16.175 -9.291  2.246   1.00 34.17 ? 79  TRP A O   1 
ATOM   594  C CB  . TRP A 1 80  ? -18.176 -10.198 4.376   1.00 34.02 ? 79  TRP A CB  1 
ATOM   595  C CG  . TRP A 1 80  ? -18.250 -10.147 5.870   1.00 36.26 ? 79  TRP A CG  1 
ATOM   596  C CD1 . TRP A 1 80  ? -19.362 -9.936  6.630   1.00 34.16 ? 79  TRP A CD1 1 
ATOM   597  C CD2 . TRP A 1 80  ? -17.159 -10.293 6.787   1.00 29.91 ? 79  TRP A CD2 1 
ATOM   598  N NE1 . TRP A 1 80  ? -19.033 -9.943  7.964   1.00 37.72 ? 79  TRP A NE1 1 
ATOM   599  C CE2 . TRP A 1 80  ? -17.685 -10.161 8.087   1.00 30.32 ? 79  TRP A CE2 1 
ATOM   600  C CE3 . TRP A 1 80  ? -15.790 -10.527 6.634   1.00 38.22 ? 79  TRP A CE3 1 
ATOM   601  C CZ2 . TRP A 1 80  ? -16.892 -10.256 9.227   1.00 36.40 ? 79  TRP A CZ2 1 
ATOM   602  C CZ3 . TRP A 1 80  ? -15.003 -10.621 7.768   1.00 35.40 ? 79  TRP A CZ3 1 
ATOM   603  C CH2 . TRP A 1 80  ? -15.555 -10.483 9.047   1.00 37.97 ? 79  TRP A CH2 1 
ATOM   604  N N   . VAL A 1 81  ? -18.135 -8.630  1.329   1.00 32.17 ? 80  VAL A N   1 
ATOM   605  C CA  . VAL A 1 81  ? -17.582 -8.494  -0.014  1.00 35.19 ? 80  VAL A CA  1 
ATOM   606  C C   . VAL A 1 81  ? -16.550 -7.376  -0.053  1.00 34.18 ? 80  VAL A C   1 
ATOM   607  O O   . VAL A 1 81  ? -15.571 -7.447  -0.805  1.00 43.22 ? 80  VAL A O   1 
ATOM   608  C CB  . VAL A 1 81  ? -18.715 -8.247  -1.029  1.00 39.28 ? 80  VAL A CB  1 
ATOM   609  C CG1 . VAL A 1 81  ? -18.167 -8.194  -2.448  1.00 38.15 ? 80  VAL A CG1 1 
ATOM   610  C CG2 . VAL A 1 81  ? -19.792 -9.316  -0.896  1.00 42.92 ? 80  VAL A CG2 1 
ATOM   611  N N   . LEU A 1 82  ? -16.751 -6.329  0.749   1.00 33.13 ? 81  LEU A N   1 
ATOM   612  C CA  . LEU A 1 82  ? -15.764 -5.260  0.841   1.00 32.82 ? 81  LEU A CA  1 
ATOM   613  C C   . LEU A 1 82  ? -14.499 -5.750  1.533   1.00 37.44 ? 81  LEU A C   1 
ATOM   614  O O   . LEU A 1 82  ? -13.384 -5.505  1.057   1.00 29.80 ? 81  LEU A O   1 
ATOM   615  C CB  . LEU A 1 82  ? -16.358 -4.061  1.584   1.00 28.25 ? 81  LEU A CB  1 
ATOM   616  C CG  . LEU A 1 82  ? -15.371 -2.992  2.059   1.00 33.29 ? 81  LEU A CG  1 
ATOM   617  C CD1 . LEU A 1 82  ? -14.665 -2.352  0.875   1.00 31.52 ? 81  LEU A CD1 1 
ATOM   618  C CD2 . LEU A 1 82  ? -16.078 -1.938  2.897   1.00 35.06 ? 81  LEU A CD2 1 
ATOM   619  N N   . THR A 1 83  ? -14.658 -6.442  2.665   1.00 32.47 ? 82  THR A N   1 
ATOM   620  C CA  . THR A 1 83  ? -13.516 -7.030  3.358   1.00 39.09 ? 82  THR A CA  1 
ATOM   621  C C   . THR A 1 83  ? -12.668 -7.863  2.405   1.00 35.65 ? 82  THR A C   1 
ATOM   622  O O   . THR A 1 83  ? -11.455 -7.653  2.281   1.00 39.30 ? 82  THR A O   1 
ATOM   623  C CB  . THR A 1 83  ? -14.004 -7.886  4.529   1.00 29.41 ? 82  THR A CB  1 
ATOM   624  O OG1 . THR A 1 83  ? -14.721 -7.063  5.454   1.00 33.68 ? 82  THR A OG1 1 
ATOM   625  C CG2 . THR A 1 83  ? -12.835 -8.554  5.241   1.00 26.96 ? 82  THR A CG2 1 
ATOM   626  N N   . PHE A 1 84  ? -13.306 -8.798  1.699   1.00 33.01 ? 83  PHE A N   1 
ATOM   627  C CA  . PHE A 1 84  ? -12.552 -9.686  0.821   1.00 39.34 ? 83  PHE A CA  1 
ATOM   628  C C   . PHE A 1 84  ? -12.054 -8.967  -0.427  1.00 32.43 ? 83  PHE A C   1 
ATOM   629  O O   . PHE A 1 84  ? -11.057 -9.388  -1.022  1.00 38.19 ? 83  PHE A O   1 
ATOM   630  C CB  . PHE A 1 84  ? -13.411 -10.892 0.447   1.00 34.37 ? 83  PHE A CB  1 
ATOM   631  C CG  . PHE A 1 84  ? -13.804 -11.732 1.626   1.00 37.53 ? 83  PHE A CG  1 
ATOM   632  C CD1 . PHE A 1 84  ? -12.861 -12.107 2.570   1.00 43.78 ? 83  PHE A CD1 1 
ATOM   633  C CD2 . PHE A 1 84  ? -15.113 -12.135 1.800   1.00 41.66 ? 83  PHE A CD2 1 
ATOM   634  C CE1 . PHE A 1 84  ? -13.217 -12.878 3.659   1.00 48.75 ? 83  PHE A CE1 1 
ATOM   635  C CE2 . PHE A 1 84  ? -15.476 -12.906 2.885   1.00 50.76 ? 83  PHE A CE2 1 
ATOM   636  C CZ  . PHE A 1 84  ? -14.526 -13.278 3.817   1.00 46.34 ? 83  PHE A CZ  1 
ATOM   637  N N   . THR A 1 85  ? -12.724 -7.894  -0.845  1.00 34.36 ? 84  THR A N   1 
ATOM   638  C CA  . THR A 1 85  ? -12.235 -7.135  -1.992  1.00 37.81 ? 84  THR A CA  1 
ATOM   639  C C   . THR A 1 85  ? -10.951 -6.389  -1.642  1.00 34.67 ? 84  THR A C   1 
ATOM   640  O O   . THR A 1 85  ? -9.946  -6.494  -2.356  1.00 26.86 ? 84  THR A O   1 
ATOM   641  C CB  . THR A 1 85  ? -13.311 -6.163  -2.481  1.00 37.06 ? 84  THR A CB  1 
ATOM   642  O OG1 . THR A 1 85  ? -14.444 -6.902  -2.951  1.00 31.89 ? 84  THR A OG1 1 
ATOM   643  C CG2 . THR A 1 85  ? -12.773 -5.303  -3.616  1.00 35.52 ? 84  THR A CG2 1 
ATOM   644  N N   . GLY A 1 86  ? -10.966 -5.638  -0.536  1.00 28.84 ? 85  GLY A N   1 
ATOM   645  C CA  . GLY A 1 86  ? -9.760  -4.952  -0.102  1.00 41.31 ? 85  GLY A CA  1 
ATOM   646  C C   . GLY A 1 86  ? -8.619  -5.908  0.191   1.00 31.94 ? 85  GLY A C   1 
ATOM   647  O O   . GLY A 1 86  ? -7.473  -5.660  -0.200  1.00 31.53 ? 85  GLY A O   1 
ATOM   648  N N   . LEU A 1 87  ? -8.921  -7.019  0.874   1.00 36.35 ? 86  LEU A N   1 
ATOM   649  C CA  . LEU A 1 87  ? -7.900  -8.036  1.103   1.00 33.40 ? 86  LEU A CA  1 
ATOM   650  C C   . LEU A 1 87  ? -7.371  -8.592  -0.212  1.00 39.50 ? 86  LEU A C   1 
ATOM   651  O O   . LEU A 1 87  ? -6.170  -8.840  -0.349  1.00 34.55 ? 86  LEU A O   1 
ATOM   652  C CB  . LEU A 1 87  ? -8.458  -9.168  1.964   1.00 36.47 ? 86  LEU A CB  1 
ATOM   653  C CG  . LEU A 1 87  ? -8.796  -8.850  3.419   1.00 38.03 ? 86  LEU A CG  1 
ATOM   654  C CD1 . LEU A 1 87  ? -9.287  -10.103 4.130   1.00 46.98 ? 86  LEU A CD1 1 
ATOM   655  C CD2 . LEU A 1 87  ? -7.584  -8.276  4.122   1.00 42.51 ? 86  LEU A CD2 1 
ATOM   656  N N   . ALA A 1 88  ? -8.255  -8.799  -1.188  1.00 38.74 ? 87  ALA A N   1 
ATOM   657  C CA  . ALA A 1 88  ? -7.826  -9.342  -2.471  1.00 34.17 ? 87  ALA A CA  1 
ATOM   658  C C   . ALA A 1 88  ? -6.896  -8.381  -3.195  1.00 38.24 ? 87  ALA A C   1 
ATOM   659  O O   . ALA A 1 88  ? -5.925  -8.808  -3.829  1.00 38.43 ? 87  ALA A O   1 
ATOM   660  C CB  . ALA A 1 88  ? -9.042  -9.662  -3.339  1.00 34.62 ? 87  ALA A CB  1 
ATOM   661  N N   . SER A 1 89  ? -7.182  -7.081  -3.126  1.00 28.37 ? 88  SER A N   1 
ATOM   662  C CA  . SER A 1 89  ? -6.297  -6.112  -3.763  1.00 32.52 ? 88  SER A CA  1 
ATOM   663  C C   . SER A 1 89  ? -4.940  -6.085  -3.074  1.00 36.56 ? 88  SER A C   1 
ATOM   664  O O   . SER A 1 89  ? -3.893  -6.126  -3.737  1.00 35.55 ? 88  SER A O   1 
ATOM   665  C CB  . SER A 1 89  ? -6.940  -4.725  -3.751  1.00 29.33 ? 88  SER A CB  1 
ATOM   666  O OG  . SER A 1 89  ? -7.954  -4.640  -4.736  1.00 45.29 ? 88  SER A OG  1 
ATOM   667  N N   . VAL A 1 90  ? -4.936  -6.039  -1.740  1.00 34.50 ? 89  VAL A N   1 
ATOM   668  C CA  . VAL A 1 90  ? -3.670  -5.966  -1.015  1.00 37.62 ? 89  VAL A CA  1 
ATOM   669  C C   . VAL A 1 90  ? -2.844  -7.233  -1.239  1.00 36.20 ? 89  VAL A C   1 
ATOM   670  O O   . VAL A 1 90  ? -1.640  -7.168  -1.512  1.00 36.02 ? 89  VAL A O   1 
ATOM   671  C CB  . VAL A 1 90  ? -3.930  -5.701  0.479   1.00 38.78 ? 89  VAL A CB  1 
ATOM   672  C CG1 . VAL A 1 90  ? -2.692  -6.004  1.303   1.00 38.34 ? 89  VAL A CG1 1 
ATOM   673  C CG2 . VAL A 1 90  ? -4.375  -4.258  0.680   1.00 38.15 ? 89  VAL A CG2 1 
ATOM   674  N N   . LEU A 1 91  ? -3.482  -8.404  -1.143  1.00 34.48 ? 90  LEU A N   1 
ATOM   675  C CA  . LEU A 1 91  ? -2.769  -9.665  -1.348  1.00 44.62 ? 90  LEU A CA  1 
ATOM   676  C C   . LEU A 1 91  ? -2.302  -9.811  -2.789  1.00 34.07 ? 90  LEU A C   1 
ATOM   677  O O   . LEU A 1 91  ? -1.227  -10.362 -3.048  1.00 35.55 ? 90  LEU A O   1 
ATOM   678  C CB  . LEU A 1 91  ? -3.658  -10.849 -0.970  1.00 28.39 ? 90  LEU A CB  1 
ATOM   679  C CG  . LEU A 1 91  ? -3.812  -11.181 0.513   1.00 38.14 ? 90  LEU A CG  1 
ATOM   680  C CD1 . LEU A 1 91  ? -5.065  -12.017 0.733   1.00 35.87 ? 90  LEU A CD1 1 
ATOM   681  C CD2 . LEU A 1 91  ? -2.577  -11.887 1.051   1.00 28.39 ? 90  LEU A CD2 1 
ATOM   682  N N   . GLY A 1 92  ? -3.113  -9.348  -3.741  1.00 37.25 ? 91  GLY A N   1 
ATOM   683  C CA  . GLY A 1 92  ? -2.692  -9.358  -5.128  1.00 35.34 ? 91  GLY A CA  1 
ATOM   684  C C   . GLY A 1 92  ? -1.479  -8.486  -5.368  1.00 42.26 ? 91  GLY A C   1 
ATOM   685  O O   . GLY A 1 92  ? -0.613  -8.828  -6.177  1.00 42.67 ? 91  GLY A O   1 
ATOM   686  N N   . HIS A 1 93  ? -1.392  -7.356  -4.663  1.00 36.76 ? 92  HIS A N   1 
ATOM   687  C CA  . HIS A 1 93  ? -0.200  -6.525  -4.777  1.00 37.20 ? 92  HIS A CA  1 
ATOM   688  C C   . HIS A 1 93  ? 0.995   -7.175  -4.093  1.00 35.42 ? 92  HIS A C   1 
ATOM   689  O O   . HIS A 1 93  ? 2.133   -7.031  -4.552  1.00 30.80 ? 92  HIS A O   1 
ATOM   690  C CB  . HIS A 1 93  ? -0.452  -5.141  -4.188  1.00 32.85 ? 92  HIS A CB  1 
ATOM   691  C CG  . HIS A 1 93  ? 0.775   -4.292  -4.136  1.00 35.12 ? 92  HIS A CG  1 
ATOM   692  N ND1 . HIS A 1 93  ? 1.282   -3.647  -5.243  1.00 40.17 ? 92  HIS A ND1 1 
ATOM   693  C CD2 . HIS A 1 93  ? 1.625   -4.017  -3.118  1.00 39.62 ? 92  HIS A CD2 1 
ATOM   694  C CE1 . HIS A 1 93  ? 2.379   -2.995  -4.906  1.00 42.87 ? 92  HIS A CE1 1 
ATOM   695  N NE2 . HIS A 1 93  ? 2.610   -3.203  -3.623  1.00 40.60 ? 92  HIS A NE2 1 
ATOM   696  N N   . MET A 1 94  ? 0.758   -7.891  -2.992  1.00 37.33 ? 93  MET A N   1 
ATOM   697  C CA  . MET A 1 94  ? 1.853   -8.514  -2.257  1.00 33.61 ? 93  MET A CA  1 
ATOM   698  C C   . MET A 1 94  ? 2.321   -9.805  -2.920  1.00 45.49 ? 93  MET A C   1 
ATOM   699  O O   . MET A 1 94  ? 3.526   -10.083 -2.960  1.00 40.46 ? 93  MET A O   1 
ATOM   700  C CB  . MET A 1 94  ? 1.424   -8.787  -0.816  1.00 33.22 ? 93  MET A CB  1 
ATOM   701  C CG  . MET A 1 94  ? 1.265   -7.543  0.037   1.00 39.55 ? 93  MET A CG  1 
ATOM   702  S SD  . MET A 1 94  ? 0.617   -7.940  1.671   1.00 39.59 ? 93  MET A SD  1 
ATOM   703  C CE  . MET A 1 94  ? 0.721   -6.341  2.476   1.00 35.58 ? 93  MET A CE  1 
ATOM   704  N N   . TYR A 1 95  ? 1.391   -10.605 -3.443  1.00 42.59 ? 94  TYR A N   1 
ATOM   705  C CA  . TYR A 1 95  ? 1.698   -11.899 -4.054  1.00 42.76 ? 94  TYR A CA  1 
ATOM   706  C C   . TYR A 1 95  ? 1.084   -11.931 -5.449  1.00 43.04 ? 94  TYR A C   1 
ATOM   707  O O   . TYR A 1 95  ? 0.034   -12.552 -5.666  1.00 47.69 ? 94  TYR A O   1 
ATOM   708  C CB  . TYR A 1 95  ? 1.197   -13.044 -3.174  1.00 40.81 ? 94  TYR A CB  1 
ATOM   709  C CG  . TYR A 1 95  ? 1.727   -12.979 -1.754  1.00 46.42 ? 94  TYR A CG  1 
ATOM   710  C CD1 . TYR A 1 95  ? 2.958   -13.536 -1.422  1.00 52.15 ? 94  TYR A CD1 1 
ATOM   711  C CD2 . TYR A 1 95  ? 1.007   -12.343 -0.750  1.00 43.97 ? 94  TYR A CD2 1 
ATOM   712  C CE1 . TYR A 1 95  ? 3.447   -13.473 -0.127  1.00 47.39 ? 94  TYR A CE1 1 
ATOM   713  C CE2 . TYR A 1 95  ? 1.489   -12.272 0.545   1.00 39.48 ? 94  TYR A CE2 1 
ATOM   714  C CZ  . TYR A 1 95  ? 2.708   -12.840 0.851   1.00 52.22 ? 94  TYR A CZ  1 
ATOM   715  O OH  . TYR A 1 95  ? 3.193   -12.773 2.138   1.00 58.08 ? 94  TYR A OH  1 
ATOM   716  N N   . PRO A 1 96  ? 1.723   -11.278 -6.423  1.00 42.73 ? 95  PRO A N   1 
ATOM   717  C CA  . PRO A 1 96  ? 1.105   -11.106 -7.748  1.00 37.29 ? 95  PRO A CA  1 
ATOM   718  C C   . PRO A 1 96  ? 1.158   -12.384 -8.574  1.00 50.55 ? 95  PRO A C   1 
ATOM   719  O O   . PRO A 1 96  ? 2.218   -12.994 -8.737  1.00 47.61 ? 95  PRO A O   1 
ATOM   720  C CB  . PRO A 1 96  ? 1.953   -10.000 -8.396  1.00 47.62 ? 95  PRO A CB  1 
ATOM   721  C CG  . PRO A 1 96  ? 2.818   -9.445  -7.286  1.00 42.17 ? 95  PRO A CG  1 
ATOM   722  C CD  . PRO A 1 96  ? 3.002   -10.559 -6.320  1.00 40.15 ? 95  PRO A CD  1 
ATOM   723  N N   . VAL A 1 97  ? 0.007   -12.769 -9.130  1.00 49.44 ? 96  VAL A N   1 
ATOM   724  C CA  . VAL A 1 97  ? -0.045  -13.974 -9.951  1.00 54.25 ? 96  VAL A CA  1 
ATOM   725  C C   . VAL A 1 97  ? 0.730   -13.785 -11.250 1.00 49.17 ? 96  VAL A C   1 
ATOM   726  O O   . VAL A 1 97  ? 1.214   -14.759 -11.839 1.00 53.54 ? 96  VAL A O   1 
ATOM   727  C CB  . VAL A 1 97  ? -1.508  -14.379 -10.219 1.00 39.79 ? 96  VAL A CB  1 
ATOM   728  C CG1 . VAL A 1 97  ? -2.174  -13.393 -11.168 1.00 44.44 ? 96  VAL A CG1 1 
ATOM   729  C CG2 . VAL A 1 97  ? -1.574  -15.790 -10.779 1.00 53.21 ? 96  VAL A CG2 1 
ATOM   730  N N   . PHE A 1 98  ? 0.877   -12.546 -11.716 1.00 48.80 ? 97  PHE A N   1 
ATOM   731  C CA  . PHE A 1 98  ? 1.525   -12.279 -12.991 1.00 46.85 ? 97  PHE A CA  1 
ATOM   732  C C   . PHE A 1 98  ? 3.032   -12.110 -12.881 1.00 52.12 ? 97  PHE A C   1 
ATOM   733  O O   . PHE A 1 98  ? 3.701   -11.998 -13.914 1.00 63.72 ? 97  PHE A O   1 
ATOM   734  C CB  . PHE A 1 98  ? 0.931   -11.020 -13.635 1.00 53.66 ? 97  PHE A CB  1 
ATOM   735  C CG  . PHE A 1 98  ? -0.500  -11.171 -14.058 1.00 51.20 ? 97  PHE A CG  1 
ATOM   736  C CD1 . PHE A 1 98  ? -0.843  -12.026 -15.090 1.00 51.02 ? 97  PHE A CD1 1 
ATOM   737  C CD2 . PHE A 1 98  ? -1.498  -10.446 -13.433 1.00 57.80 ? 97  PHE A CD2 1 
ATOM   738  C CE1 . PHE A 1 98  ? -2.159  -12.165 -15.486 1.00 49.55 ? 97  PHE A CE1 1 
ATOM   739  C CE2 . PHE A 1 98  ? -2.815  -10.580 -13.824 1.00 50.16 ? 97  PHE A CE2 1 
ATOM   740  C CZ  . PHE A 1 98  ? -3.145  -11.440 -14.853 1.00 57.23 ? 97  PHE A CZ  1 
ATOM   741  N N   . PHE A 1 99  ? 3.584   -12.087 -11.670 1.00 57.69 ? 98  PHE A N   1 
ATOM   742  C CA  . PHE A 1 99  ? 5.003   -11.802 -11.465 1.00 57.13 ? 98  PHE A CA  1 
ATOM   743  C C   . PHE A 1 99  ? 5.591   -12.732 -10.408 1.00 49.76 ? 98  PHE A C   1 
ATOM   744  O O   . PHE A 1 99  ? 6.283   -12.304 -9.483  1.00 58.48 ? 98  PHE A O   1 
ATOM   745  C CB  . PHE A 1 99  ? 5.210   -10.339 -11.075 1.00 46.99 ? 98  PHE A CB  1 
ATOM   746  C CG  . PHE A 1 99  ? 4.674   -9.356  -12.079 1.00 47.81 ? 98  PHE A CG  1 
ATOM   747  C CD1 . PHE A 1 99  ? 5.388   -9.062  -13.228 1.00 54.72 ? 98  PHE A CD1 1 
ATOM   748  C CD2 . PHE A 1 99  ? 3.464   -8.718  -11.868 1.00 50.83 ? 98  PHE A CD2 1 
ATOM   749  C CE1 . PHE A 1 99  ? 4.902   -8.157  -14.152 1.00 49.82 ? 98  PHE A CE1 1 
ATOM   750  C CE2 . PHE A 1 99  ? 2.974   -7.809  -12.787 1.00 55.60 ? 98  PHE A CE2 1 
ATOM   751  C CZ  . PHE A 1 99  ? 3.695   -7.531  -13.930 1.00 49.61 ? 98  PHE A CZ  1 
ATOM   752  N N   . GLY A 1 100 ? 5.314   -14.028 -10.535 1.00 46.70 ? 99  GLY A N   1 
ATOM   753  C CA  . GLY A 1 100 ? 5.911   -15.017 -9.653  1.00 42.22 ? 99  GLY A CA  1 
ATOM   754  C C   . GLY A 1 100 ? 5.580   -14.872 -8.183  1.00 53.92 ? 99  GLY A C   1 
ATOM   755  O O   . GLY A 1 100 ? 6.318   -15.391 -7.340  1.00 52.34 ? 99  GLY A O   1 
ATOM   756  N N   . PHE A 1 101 ? 4.491   -14.178 -7.851  1.00 47.63 ? 100 PHE A N   1 
ATOM   757  C CA  . PHE A 1 101 ? 4.008   -14.048 -6.472  1.00 39.70 ? 100 PHE A CA  1 
ATOM   758  C C   . PHE A 1 101 ? 5.014   -13.350 -5.562  1.00 46.09 ? 100 PHE A C   1 
ATOM   759  O O   . PHE A 1 101 ? 4.998   -13.538 -4.344  1.00 42.58 ? 100 PHE A O   1 
ATOM   760  C CB  . PHE A 1 101 ? 3.620   -15.407 -5.881  1.00 49.33 ? 100 PHE A CB  1 
ATOM   761  C CG  . PHE A 1 101 ? 2.470   -16.077 -6.592  1.00 52.85 ? 100 PHE A CG  1 
ATOM   762  C CD1 . PHE A 1 101 ? 1.164   -15.677 -6.356  1.00 43.85 ? 100 PHE A CD1 1 
ATOM   763  C CD2 . PHE A 1 101 ? 2.695   -17.123 -7.475  1.00 56.85 ? 100 PHE A CD2 1 
ATOM   764  C CE1 . PHE A 1 101 ? 0.109   -16.285 -7.003  1.00 48.23 ? 100 PHE A CE1 1 
ATOM   765  C CE2 . PHE A 1 101 ? 1.643   -17.738 -8.122  1.00 53.33 ? 100 PHE A CE2 1 
ATOM   766  C CZ  . PHE A 1 101 ? 0.347   -17.319 -7.885  1.00 49.09 ? 100 PHE A CZ  1 
ATOM   767  N N   . LYS A 1 102 ? 5.896   -12.541 -6.132  1.00 41.19 ? 101 LYS A N   1 
ATOM   768  C CA  . LYS A 1 102 ? 6.770   -11.671 -5.355  1.00 41.82 ? 101 LYS A CA  1 
ATOM   769  C C   . LYS A 1 102 ? 6.461   -10.239 -5.762  1.00 41.49 ? 101 LYS A C   1 
ATOM   770  O O   . LYS A 1 102 ? 6.741   -9.835  -6.900  1.00 41.68 ? 101 LYS A O   1 
ATOM   771  C CB  . LYS A 1 102 ? 8.245   -12.018 -5.558  1.00 57.97 ? 101 LYS A CB  1 
ATOM   772  C CG  . LYS A 1 102 ? 8.674   -13.282 -4.812  1.00 60.27 ? 101 LYS A CG  1 
ATOM   773  C CD  . LYS A 1 102 ? 10.183  -13.407 -4.692  1.00 63.08 ? 101 LYS A CD  1 
ATOM   774  C CE  . LYS A 1 102 ? 10.564  -13.693 -3.234  1.00 64.55 ? 101 LYS A CE  1 
ATOM   775  N NZ  . LYS A 1 102 ? 10.627  -15.146 -2.865  1.00 66.79 ? 101 LYS A NZ  1 
ATOM   776  N N   . GLY A 1 103 ? 5.871   -9.486  -4.834  1.00 46.80 ? 102 GLY A N   1 
ATOM   777  C CA  . GLY A 1 103 ? 5.488   -8.110  -5.073  1.00 38.36 ? 102 GLY A CA  1 
ATOM   778  C C   . GLY A 1 103 ? 5.877   -7.174  -3.945  1.00 44.68 ? 102 GLY A C   1 
ATOM   779  O O   . GLY A 1 103 ? 6.910   -7.364  -3.291  1.00 39.75 ? 102 GLY A O   1 
ATOM   780  N N   . GLY A 1 104 ? 5.036   -6.169  -3.698  1.00 40.91 ? 103 GLY A N   1 
ATOM   781  C CA  . GLY A 1 104 ? 5.344   -5.096  -2.775  1.00 37.49 ? 103 GLY A CA  1 
ATOM   782  C C   . GLY A 1 104 ? 4.888   -5.366  -1.358  1.00 41.53 ? 103 GLY A C   1 
ATOM   783  O O   . GLY A 1 104 ? 4.680   -6.509  -0.943  1.00 32.46 ? 103 GLY A O   1 
ATOM   784  N N   . LYS A 1 105 ? 4.735   -4.274  -0.606  1.00 39.03 ? 104 LYS A N   1 
ATOM   785  C CA  . LYS A 1 105 ? 4.370   -4.308  0.804   1.00 36.26 ? 104 LYS A CA  1 
ATOM   786  C C   . LYS A 1 105 ? 2.991   -3.719  1.073   1.00 32.33 ? 104 LYS A C   1 
ATOM   787  O O   . LYS A 1 105 ? 2.550   -3.721  2.227   1.00 42.70 ? 104 LYS A O   1 
ATOM   788  C CB  . LYS A 1 105 ? 5.436   -3.576  1.632   1.00 45.20 ? 104 LYS A CB  1 
ATOM   789  C CG  . LYS A 1 105 ? 6.845   -3.752  1.065   1.00 44.07 ? 104 LYS A CG  1 
ATOM   790  C CD  . LYS A 1 105 ? 7.954   -3.323  2.015   1.00 36.37 ? 104 LYS A CD  1 
ATOM   791  C CE  . LYS A 1 105 ? 9.306   -3.765  1.463   1.00 46.55 ? 104 LYS A CE  1 
ATOM   792  N NZ  . LYS A 1 105 ? 10.469  -3.259  2.243   1.00 45.40 ? 104 LYS A NZ  1 
ATOM   793  N N   . GLY A 1 106 ? 2.318   -3.186  0.051   1.00 36.45 ? 105 GLY A N   1 
ATOM   794  C CA  . GLY A 1 106 ? 0.885   -2.953  0.084   1.00 36.01 ? 105 GLY A CA  1 
ATOM   795  C C   . GLY A 1 106 ? 0.399   -1.631  0.641   1.00 38.75 ? 105 GLY A C   1 
ATOM   796  O O   . GLY A 1 106 ? -0.802  -1.502  0.898   1.00 33.28 ? 105 GLY A O   1 
ATOM   797  N N   . VAL A 1 107 ? 1.271   -0.635  0.808   1.00 42.07 ? 106 VAL A N   1 
ATOM   798  C CA  . VAL A 1 107 ? 0.873   0.585   1.510   1.00 31.19 ? 106 VAL A CA  1 
ATOM   799  C C   . VAL A 1 107 ? -0.035  1.449   0.638   1.00 35.52 ? 106 VAL A C   1 
ATOM   800  O O   . VAL A 1 107 ? -1.072  1.946   1.097   1.00 41.15 ? 106 VAL A O   1 
ATOM   801  C CB  . VAL A 1 107 ? 2.114   1.368   1.970   1.00 34.01 ? 106 VAL A CB  1 
ATOM   802  C CG1 . VAL A 1 107 ? 1.713   2.483   2.928   1.00 33.32 ? 106 VAL A CG1 1 
ATOM   803  C CG2 . VAL A 1 107 ? 3.116   0.427   2.614   1.00 33.49 ? 106 VAL A CG2 1 
ATOM   804  N N   . ALA A 1 108 ? 0.347   1.657   -0.623  1.00 32.41 ? 107 ALA A N   1 
ATOM   805  C CA  . ALA A 1 108 ? -0.441  2.523   -1.499  1.00 38.24 ? 107 ALA A CA  1 
ATOM   806  C C   . ALA A 1 108 ? -1.801  1.906   -1.806  1.00 39.22 ? 107 ALA A C   1 
ATOM   807  O O   . ALA A 1 108 ? -2.833  2.590   -1.761  1.00 42.10 ? 107 ALA A O   1 
ATOM   808  C CB  . ALA A 1 108 ? 0.328   2.801   -2.789  1.00 33.02 ? 107 ALA A CB  1 
ATOM   809  N N   . THR A 1 109 ? -1.816  0.611   -2.126  1.00 33.85 ? 108 THR A N   1 
ATOM   810  C CA  . THR A 1 109 ? -3.072  -0.081  -2.400  1.00 34.54 ? 108 THR A CA  1 
ATOM   811  C C   . THR A 1 109 ? -3.986  -0.044  -1.183  1.00 30.66 ? 108 THR A C   1 
ATOM   812  O O   . THR A 1 109 ? -5.180  0.265   -1.295  1.00 32.59 ? 108 THR A O   1 
ATOM   813  C CB  . THR A 1 109 ? -2.781  -1.521  -2.828  1.00 32.72 ? 108 THR A CB  1 
ATOM   814  O OG1 . THR A 1 109 ? -1.964  -1.507  -4.005  1.00 32.14 ? 108 THR A OG1 1 
ATOM   815  C CG2 . THR A 1 109 ? -4.067  -2.277  -3.117  1.00 33.57 ? 108 THR A CG2 1 
ATOM   816  N N   . ALA A 1 110 ? -3.433  -0.337  -0.001  1.00 30.60 ? 109 ALA A N   1 
ATOM   817  C CA  . ALA A 1 110 ? -4.208  -0.211  1.229   1.00 31.54 ? 109 ALA A CA  1 
ATOM   818  C C   . ALA A 1 110 ? -4.740  1.203   1.412   1.00 31.02 ? 109 ALA A C   1 
ATOM   819  O O   . ALA A 1 110 ? -5.843  1.384   1.936   1.00 31.92 ? 109 ALA A O   1 
ATOM   820  C CB  . ALA A 1 110 ? -3.362  -0.614  2.436   1.00 29.32 ? 109 ALA A CB  1 
ATOM   821  N N   . LEU A 1 111 ? -3.973  2.217   0.997   1.00 35.65 ? 110 LEU A N   1 
ATOM   822  C CA  . LEU A 1 111 ? -4.483  3.583   1.059   1.00 36.79 ? 110 LEU A CA  1 
ATOM   823  C C   . LEU A 1 111 ? -5.666  3.769   0.115   1.00 35.12 ? 110 LEU A C   1 
ATOM   824  O O   . LEU A 1 111 ? -6.626  4.476   0.444   1.00 31.62 ? 110 LEU A O   1 
ATOM   825  C CB  . LEU A 1 111 ? -3.370  4.584   0.742   1.00 35.63 ? 110 LEU A CB  1 
ATOM   826  C CG  . LEU A 1 111 ? -3.814  6.043   0.874   1.00 42.73 ? 110 LEU A CG  1 
ATOM   827  C CD1 . LEU A 1 111 ? -4.085  6.396   2.331   1.00 36.04 ? 110 LEU A CD1 1 
ATOM   828  C CD2 . LEU A 1 111 ? -2.788  6.993   0.272   1.00 40.18 ? 110 LEU A CD2 1 
ATOM   829  N N   . GLY A 1 112 ? -5.620  3.136   -1.060  1.00 32.76 ? 111 GLY A N   1 
ATOM   830  C CA  . GLY A 1 112 ? -6.783  3.155   -1.934  1.00 36.44 ? 111 GLY A CA  1 
ATOM   831  C C   . GLY A 1 112 ? -8.005  2.542   -1.275  1.00 36.69 ? 111 GLY A C   1 
ATOM   832  O O   . GLY A 1 112 ? -9.097  3.124   -1.287  1.00 32.72 ? 111 GLY A O   1 
ATOM   833  N N   . VAL A 1 113 ? -7.827  1.365   -0.669  1.00 31.02 ? 112 VAL A N   1 
ATOM   834  C CA  . VAL A 1 113 ? -8.934  0.677   -0.005  1.00 38.65 ? 112 VAL A CA  1 
ATOM   835  C C   . VAL A 1 113 ? -9.526  1.555   1.092   1.00 35.52 ? 112 VAL A C   1 
ATOM   836  O O   . VAL A 1 113 ? -10.745 1.776   1.153   1.00 33.92 ? 112 VAL A O   1 
ATOM   837  C CB  . VAL A 1 113 ? -8.460  -0.680  0.548   1.00 35.60 ? 112 VAL A CB  1 
ATOM   838  C CG1 . VAL A 1 113 ? -9.574  -1.367  1.322   1.00 31.74 ? 112 VAL A CG1 1 
ATOM   839  C CG2 . VAL A 1 113 ? -7.961  -1.577  -0.583  1.00 30.32 ? 112 VAL A CG2 1 
ATOM   840  N N   . VAL A 1 114 ? -8.667  2.081   1.971   1.00 28.66 ? 113 VAL A N   1 
ATOM   841  C CA  . VAL A 1 114 ? -9.152  2.893   3.079   1.00 34.02 ? 113 VAL A CA  1 
ATOM   842  C C   . VAL A 1 114 ? -9.779  4.196   2.591   1.00 38.68 ? 113 VAL A C   1 
ATOM   843  O O   . VAL A 1 114 ? -10.655 4.748   3.269   1.00 35.83 ? 113 VAL A O   1 
ATOM   844  C CB  . VAL A 1 114 ? -8.014  3.153   4.088   1.00 34.53 ? 113 VAL A CB  1 
ATOM   845  C CG1 . VAL A 1 114 ? -7.164  4.335   3.656   1.00 28.19 ? 113 VAL A CG1 1 
ATOM   846  C CG2 . VAL A 1 114 ? -8.586  3.391   5.479   1.00 39.52 ? 113 VAL A CG2 1 
ATOM   847  N N   . PHE A 1 115 ? -9.364  4.704   1.425   1.00 41.16 ? 114 PHE A N   1 
ATOM   848  C CA  . PHE A 1 115 ? -10.005 5.897   0.883   1.00 37.10 ? 114 PHE A CA  1 
ATOM   849  C C   . PHE A 1 115 ? -11.405 5.581   0.376   1.00 40.13 ? 114 PHE A C   1 
ATOM   850  O O   . PHE A 1 115 ? -12.348 6.343   0.625   1.00 34.91 ? 114 PHE A O   1 
ATOM   851  C CB  . PHE A 1 115 ? -9.156  6.501   -0.236  1.00 36.75 ? 114 PHE A CB  1 
ATOM   852  C CG  . PHE A 1 115 ? -9.623  7.861   -0.684  1.00 42.89 ? 114 PHE A CG  1 
ATOM   853  C CD1 . PHE A 1 115 ? -9.192  9.006   -0.036  1.00 39.69 ? 114 PHE A CD1 1 
ATOM   854  C CD2 . PHE A 1 115 ? -10.506 7.992   -1.745  1.00 44.25 ? 114 PHE A CD2 1 
ATOM   855  C CE1 . PHE A 1 115 ? -9.623  10.256  -0.447  1.00 42.67 ? 114 PHE A CE1 1 
ATOM   856  C CE2 . PHE A 1 115 ? -10.943 9.238   -2.160  1.00 37.61 ? 114 PHE A CE2 1 
ATOM   857  C CZ  . PHE A 1 115 ? -10.502 10.370  -1.512  1.00 37.07 ? 114 PHE A CZ  1 
ATOM   858  N N   . ALA A 1 116 ? -11.561 4.465   -0.342  1.00 39.16 ? 115 ALA A N   1 
ATOM   859  C CA  . ALA A 1 116 ? -12.896 4.055   -0.768  1.00 32.79 ? 115 ALA A CA  1 
ATOM   860  C C   . ALA A 1 116 ? -13.809 3.837   0.431   1.00 34.97 ? 115 ALA A C   1 
ATOM   861  O O   . ALA A 1 116 ? -15.009 4.133   0.371   1.00 34.33 ? 115 ALA A O   1 
ATOM   862  C CB  . ALA A 1 116 ? -12.812 2.789   -1.620  1.00 38.42 ? 115 ALA A CB  1 
ATOM   863  N N   . VAL A 1 117 ? -13.257 3.330   1.534   1.00 38.56 ? 116 VAL A N   1 
ATOM   864  C CA  . VAL A 1 117 ? -14.072 3.123   2.728   1.00 29.56 ? 116 VAL A CA  1 
ATOM   865  C C   . VAL A 1 117 ? -14.420 4.458   3.374   1.00 37.71 ? 116 VAL A C   1 
ATOM   866  O O   . VAL A 1 117 ? -15.582 4.729   3.696   1.00 36.70 ? 116 VAL A O   1 
ATOM   867  C CB  . VAL A 1 117 ? -13.352 2.189   3.714   1.00 36.48 ? 116 VAL A CB  1 
ATOM   868  C CG1 . VAL A 1 117 ? -14.000 2.272   5.091   1.00 36.69 ? 116 VAL A CG1 1 
ATOM   869  C CG2 . VAL A 1 117 ? -13.376 0.762   3.193   1.00 35.59 ? 116 VAL A CG2 1 
ATOM   870  N N   . SER A 1 118 ? -13.420 5.312   3.573   1.00 43.12 ? 117 SER A N   1 
ATOM   871  C CA  . SER A 1 118 ? -13.641 6.578   4.256   1.00 34.71 ? 117 SER A CA  1 
ATOM   872  C C   . SER A 1 118 ? -12.554 7.575   3.881   1.00 39.84 ? 117 SER A C   1 
ATOM   873  O O   . SER A 1 118 ? -11.412 7.450   4.345   1.00 41.61 ? 117 SER A O   1 
ATOM   874  C CB  . SER A 1 118 ? -13.668 6.367   5.771   1.00 38.14 ? 117 SER A CB  1 
ATOM   875  O OG  . SER A 1 118 ? -13.672 7.601   6.466   1.00 42.29 ? 117 SER A OG  1 
ATOM   876  N N   . PRO A 1 119 ? -12.865 8.569   3.047   1.00 32.66 ? 118 PRO A N   1 
ATOM   877  C CA  . PRO A 1 119 ? -11.827 9.536   2.655   1.00 37.76 ? 118 PRO A CA  1 
ATOM   878  C C   . PRO A 1 119 ? -11.210 10.281  3.830   1.00 39.71 ? 118 PRO A C   1 
ATOM   879  O O   . PRO A 1 119 ? -10.033 10.655  3.753   1.00 31.08 ? 118 PRO A O   1 
ATOM   880  C CB  . PRO A 1 119 ? -12.575 10.482  1.704   1.00 32.41 ? 118 PRO A CB  1 
ATOM   881  C CG  . PRO A 1 119 ? -13.719 9.666   1.181   1.00 29.83 ? 118 PRO A CG  1 
ATOM   882  C CD  . PRO A 1 119 ? -14.135 8.801   2.334   1.00 33.23 ? 118 PRO A CD  1 
ATOM   883  N N   . SER A 1 120 ? -11.953 10.482  4.925   1.00 33.63 ? 119 SER A N   1 
ATOM   884  C CA  . SER A 1 120 ? -11.423 11.244  6.056   1.00 35.70 ? 119 SER A CA  1 
ATOM   885  C C   . SER A 1 120 ? -10.422 10.422  6.865   1.00 34.70 ? 119 SER A C   1 
ATOM   886  O O   . SER A 1 120 ? -9.394  10.945  7.316   1.00 39.33 ? 119 SER A O   1 
ATOM   887  C CB  . SER A 1 120 ? -12.562 11.715  6.956   1.00 39.96 ? 119 SER A CB  1 
ATOM   888  O OG  . SER A 1 120 ? -13.596 12.354  6.233   1.00 60.35 ? 119 SER A OG  1 
ATOM   889  N N   . VAL A 1 121 ? -10.710 9.133   7.069   1.00 32.59 ? 120 VAL A N   1 
ATOM   890  C CA  . VAL A 1 121 ? -9.740  8.255   7.723   1.00 33.04 ? 120 VAL A CA  1 
ATOM   891  C C   . VAL A 1 121 ? -8.453  8.200   6.912   1.00 32.58 ? 120 VAL A C   1 
ATOM   892  O O   . VAL A 1 121 ? -7.350  8.284   7.461   1.00 32.45 ? 120 VAL A O   1 
ATOM   893  C CB  . VAL A 1 121 ? -10.333 6.849   7.944   1.00 40.29 ? 120 VAL A CB  1 
ATOM   894  C CG1 . VAL A 1 121 ? -9.238  5.862   8.306   1.00 25.91 ? 120 VAL A CG1 1 
ATOM   895  C CG2 . VAL A 1 121 ? -11.344 6.889   9.042   1.00 43.49 ? 120 VAL A CG2 1 
ATOM   896  N N   . ALA A 1 122 ? -8.579  8.077   5.589   1.00 31.12 ? 121 ALA A N   1 
ATOM   897  C CA  . ALA A 1 122 ? -7.405  8.116   4.727   1.00 24.89 ? 121 ALA A CA  1 
ATOM   898  C C   . ALA A 1 122 ? -6.688  9.453   4.830   1.00 33.66 ? 121 ALA A C   1 
ATOM   899  O O   . ALA A 1 122 ? -5.457  9.505   4.731   1.00 27.34 ? 121 ALA A O   1 
ATOM   900  C CB  . ALA A 1 122 ? -7.807  7.838   3.281   1.00 25.07 ? 121 ALA A CB  1 
ATOM   901  N N   . LEU A 1 123 ? -7.439  10.541  5.030   1.00 31.92 ? 122 LEU A N   1 
ATOM   902  C CA  . LEU A 1 123 ? -6.816  11.849  5.188   1.00 33.99 ? 122 LEU A CA  1 
ATOM   903  C C   . LEU A 1 123 ? -5.946  11.888  6.436   1.00 32.17 ? 122 LEU A C   1 
ATOM   904  O O   . LEU A 1 123 ? -4.750  12.195  6.364   1.00 29.22 ? 122 LEU A O   1 
ATOM   905  C CB  . LEU A 1 123 ? -7.883  12.947  5.240   1.00 31.43 ? 122 LEU A CB  1 
ATOM   906  C CG  . LEU A 1 123 ? -7.364  14.318  5.695   1.00 33.19 ? 122 LEU A CG  1 
ATOM   907  C CD1 . LEU A 1 123 ? -6.679  15.047  4.552   1.00 45.51 ? 122 LEU A CD1 1 
ATOM   908  C CD2 . LEU A 1 123 ? -8.475  15.168  6.278   1.00 37.33 ? 122 LEU A CD2 1 
ATOM   909  N N   . PHE A 1 124 ? -6.524  11.557  7.594   1.00 29.12 ? 123 PHE A N   1 
ATOM   910  C CA  . PHE A 1 124 ? -5.756  11.647  8.831   1.00 30.18 ? 123 PHE A CA  1 
ATOM   911  C C   . PHE A 1 124 ? -4.644  10.605  8.888   1.00 33.71 ? 123 PHE A C   1 
ATOM   912  O O   . PHE A 1 124 ? -3.584  10.862  9.474   1.00 32.46 ? 123 PHE A O   1 
ATOM   913  C CB  . PHE A 1 124 ? -6.688  11.520  10.036  1.00 30.23 ? 123 PHE A CB  1 
ATOM   914  C CG  . PHE A 1 124 ? -7.487  12.766  10.312  1.00 40.63 ? 123 PHE A CG  1 
ATOM   915  C CD1 . PHE A 1 124 ? -6.911  13.844  10.963  1.00 31.37 ? 123 PHE A CD1 1 
ATOM   916  C CD2 . PHE A 1 124 ? -8.813  12.859  9.918   1.00 33.27 ? 123 PHE A CD2 1 
ATOM   917  C CE1 . PHE A 1 124 ? -7.641  14.991  11.214  1.00 34.12 ? 123 PHE A CE1 1 
ATOM   918  C CE2 . PHE A 1 124 ? -9.548  14.004  10.171  1.00 34.48 ? 123 PHE A CE2 1 
ATOM   919  C CZ  . PHE A 1 124 ? -8.959  15.069  10.822  1.00 28.52 ? 123 PHE A CZ  1 
ATOM   920  N N   . SER A 1 125 ? -4.857  9.434   8.281   1.00 26.87 ? 124 SER A N   1 
ATOM   921  C CA  . SER A 1 125 ? -3.786  8.445   8.187   1.00 36.98 ? 124 SER A CA  1 
ATOM   922  C C   . SER A 1 125 ? -2.639  8.968   7.335   1.00 30.21 ? 124 SER A C   1 
ATOM   923  O O   . SER A 1 125 ? -1.462  8.769   7.665   1.00 29.29 ? 124 SER A O   1 
ATOM   924  C CB  . SER A 1 125 ? -4.328  7.136   7.610   1.00 32.37 ? 124 SER A CB  1 
ATOM   925  O OG  . SER A 1 125 ? -5.380  6.629   8.412   1.00 38.09 ? 124 SER A OG  1 
ATOM   926  N N   . PHE A 1 126 ? -2.966  9.649   6.233   1.00 33.70 ? 125 PHE A N   1 
ATOM   927  C CA  . PHE A 1 126 ? -1.922  10.266  5.425   1.00 33.51 ? 125 PHE A CA  1 
ATOM   928  C C   . PHE A 1 126 ? -1.206  11.366  6.195   1.00 30.76 ? 125 PHE A C   1 
ATOM   929  O O   . PHE A 1 126 ? -0.001  11.566  6.020   1.00 35.20 ? 125 PHE A O   1 
ATOM   930  C CB  . PHE A 1 126 ? -2.499  10.826  4.127   1.00 32.30 ? 125 PHE A CB  1 
ATOM   931  C CG  . PHE A 1 126 ? -1.488  11.577  3.314   1.00 38.34 ? 125 PHE A CG  1 
ATOM   932  C CD1 . PHE A 1 126 ? -0.516  10.894  2.601   1.00 42.82 ? 125 PHE A CD1 1 
ATOM   933  C CD2 . PHE A 1 126 ? -1.474  12.962  3.305   1.00 47.55 ? 125 PHE A CD2 1 
ATOM   934  C CE1 . PHE A 1 126 ? 0.433   11.576  1.865   1.00 42.70 ? 125 PHE A CE1 1 
ATOM   935  C CE2 . PHE A 1 126 ? -0.522  13.652  2.573   1.00 48.01 ? 125 PHE A CE2 1 
ATOM   936  C CZ  . PHE A 1 126 ? 0.431   12.957  1.852   1.00 39.32 ? 125 PHE A CZ  1 
ATOM   937  N N   . LEU A 1 127 ? -1.932  12.103  7.037   1.00 32.10 ? 126 LEU A N   1 
ATOM   938  C CA  . LEU A 1 127 ? -1.284  13.126  7.851   1.00 29.57 ? 126 LEU A CA  1 
ATOM   939  C C   . LEU A 1 127 ? -0.330  12.496  8.857   1.00 34.28 ? 126 LEU A C   1 
ATOM   940  O O   . LEU A 1 127 ? 0.740   13.053  9.139   1.00 31.68 ? 126 LEU A O   1 
ATOM   941  C CB  . LEU A 1 127 ? -2.334  13.982  8.558   1.00 25.87 ? 126 LEU A CB  1 
ATOM   942  C CG  . LEU A 1 127 ? -3.071  14.971  7.653   1.00 32.09 ? 126 LEU A CG  1 
ATOM   943  C CD1 . LEU A 1 127 ? -4.137  15.727  8.424   1.00 23.86 ? 126 LEU A CD1 1 
ATOM   944  C CD2 . LEU A 1 127 ? -2.082  15.935  7.020   1.00 24.26 ? 126 LEU A CD2 1 
ATOM   945  N N   . VAL A 1 128 ? -0.693  11.334  9.401   1.00 28.70 ? 127 VAL A N   1 
ATOM   946  C CA  . VAL A 1 128 ? 0.222   10.608  10.277  1.00 29.30 ? 127 VAL A CA  1 
ATOM   947  C C   . VAL A 1 128 ? 1.483   10.226  9.514   1.00 37.84 ? 127 VAL A C   1 
ATOM   948  O O   . VAL A 1 128 ? 2.609   10.508  9.951   1.00 35.30 ? 127 VAL A O   1 
ATOM   949  C CB  . VAL A 1 128 ? -0.475  9.372   10.877  1.00 33.47 ? 127 VAL A CB  1 
ATOM   950  C CG1 . VAL A 1 128 ? 0.533   8.491   11.598  1.00 28.03 ? 127 VAL A CG1 1 
ATOM   951  C CG2 . VAL A 1 128 ? -1.600  9.795   11.817  1.00 23.89 ? 127 VAL A CG2 1 
ATOM   952  N N   . TRP A 1 129 ? 1.311   9.589   8.350   1.00 33.54 ? 128 TRP A N   1 
ATOM   953  C CA  . TRP A 1 129 ? 2.463   9.210   7.535   1.00 34.98 ? 128 TRP A CA  1 
ATOM   954  C C   . TRP A 1 129 ? 3.349   10.415  7.244   1.00 31.36 ? 128 TRP A C   1 
ATOM   955  O O   . TRP A 1 129 ? 4.576   10.349  7.377   1.00 27.34 ? 128 TRP A O   1 
ATOM   956  C CB  . TRP A 1 129 ? 2.001   8.567   6.226   1.00 30.22 ? 128 TRP A CB  1 
ATOM   957  C CG  . TRP A 1 129 ? 3.133   8.039   5.395   1.00 39.97 ? 128 TRP A CG  1 
ATOM   958  C CD1 . TRP A 1 129 ? 3.573   6.749   5.336   1.00 29.60 ? 128 TRP A CD1 1 
ATOM   959  C CD2 . TRP A 1 129 ? 3.967   8.788   4.500   1.00 38.16 ? 128 TRP A CD2 1 
ATOM   960  N NE1 . TRP A 1 129 ? 4.629   6.647   4.466   1.00 28.62 ? 128 TRP A NE1 1 
ATOM   961  C CE2 . TRP A 1 129 ? 4.892   7.885   3.938   1.00 41.90 ? 128 TRP A CE2 1 
ATOM   962  C CE3 . TRP A 1 129 ? 4.021   10.133  4.119   1.00 36.35 ? 128 TRP A CE3 1 
ATOM   963  C CZ2 . TRP A 1 129 ? 5.864   8.285   3.018   1.00 44.09 ? 128 TRP A CZ2 1 
ATOM   964  C CZ3 . TRP A 1 129 ? 4.984   10.529  3.208   1.00 39.73 ? 128 TRP A CZ3 1 
ATOM   965  C CH2 . TRP A 1 129 ? 5.893   9.608   2.667   1.00 41.03 ? 128 TRP A CH2 1 
ATOM   966  N N   . LEU A 1 130 ? 2.730   11.525  6.841   1.00 33.55 ? 129 LEU A N   1 
ATOM   967  C CA  . LEU A 1 130 ? 3.480   12.726  6.488   1.00 34.22 ? 129 LEU A CA  1 
ATOM   968  C C   . LEU A 1 130 ? 4.247   13.266  7.686   1.00 32.74 ? 129 LEU A C   1 
ATOM   969  O O   . LEU A 1 130 ? 5.396   13.698  7.551   1.00 32.32 ? 129 LEU A O   1 
ATOM   970  C CB  . LEU A 1 130 ? 2.526   13.782  5.936   1.00 39.28 ? 129 LEU A CB  1 
ATOM   971  C CG  . LEU A 1 130 ? 3.114   15.006  5.236   1.00 46.04 ? 129 LEU A CG  1 
ATOM   972  C CD1 . LEU A 1 130 ? 4.077   14.600  4.135   1.00 41.01 ? 129 LEU A CD1 1 
ATOM   973  C CD2 . LEU A 1 130 ? 1.993   15.872  4.687   1.00 46.89 ? 129 LEU A CD2 1 
ATOM   974  N N   . GLY A 1 131 ? 3.635   13.238  8.870   1.00 25.40 ? 130 GLY A N   1 
ATOM   975  C CA  . GLY A 1 131 ? 4.334   13.712  10.051  1.00 30.07 ? 130 GLY A CA  1 
ATOM   976  C C   . GLY A 1 131 ? 5.531   12.856  10.402  1.00 34.53 ? 130 GLY A C   1 
ATOM   977  O O   . GLY A 1 131 ? 6.604   13.374  10.726  1.00 35.92 ? 130 GLY A O   1 
ATOM   978  N N   . ILE A 1 132 ? 5.371   11.532  10.338  1.00 33.35 ? 131 ILE A N   1 
ATOM   979  C CA  . ILE A 1 132 ? 6.486   10.653  10.667  1.00 32.41 ? 131 ILE A CA  1 
ATOM   980  C C   . ILE A 1 132 ? 7.605   10.797  9.641   1.00 34.05 ? 131 ILE A C   1 
ATOM   981  O O   . ILE A 1 132 ? 8.787   10.807  9.996   1.00 31.56 ? 131 ILE A O   1 
ATOM   982  C CB  . ILE A 1 132 ? 6.005   9.197   10.794  1.00 35.82 ? 131 ILE A CB  1 
ATOM   983  C CG1 . ILE A 1 132 ? 4.806   9.115   11.737  1.00 31.79 ? 131 ILE A CG1 1 
ATOM   984  C CG2 . ILE A 1 132 ? 7.127   8.312   11.306  1.00 27.53 ? 131 ILE A CG2 1 
ATOM   985  C CD1 . ILE A 1 132 ? 5.153   9.419   13.172  1.00 35.81 ? 131 ILE A CD1 1 
ATOM   986  N N   . PHE A 1 133 ? 7.256   10.928  8.356   1.00 33.23 ? 132 PHE A N   1 
ATOM   987  C CA  . PHE A 1 133 ? 8.294   11.048  7.335   1.00 30.16 ? 132 PHE A CA  1 
ATOM   988  C C   . PHE A 1 133 ? 9.005   12.395  7.414   1.00 34.41 ? 132 PHE A C   1 
ATOM   989  O O   . PHE A 1 133 ? 10.227  12.464  7.258   1.00 35.28 ? 132 PHE A O   1 
ATOM   990  C CB  . PHE A 1 133 ? 7.702   10.839  5.943   1.00 32.60 ? 132 PHE A CB  1 
ATOM   991  C CG  . PHE A 1 133 ? 8.738   10.762  4.854   1.00 31.98 ? 132 PHE A CG  1 
ATOM   992  C CD1 . PHE A 1 133 ? 9.862   9.970   5.011   1.00 35.40 ? 132 PHE A CD1 1 
ATOM   993  C CD2 . PHE A 1 133 ? 8.587   11.474  3.676   1.00 36.33 ? 132 PHE A CD2 1 
ATOM   994  C CE1 . PHE A 1 133 ? 10.824  9.898   4.015   1.00 35.47 ? 132 PHE A CE1 1 
ATOM   995  C CE2 . PHE A 1 133 ? 9.542   11.400  2.674   1.00 34.83 ? 132 PHE A CE2 1 
ATOM   996  C CZ  . PHE A 1 133 ? 10.660  10.609  2.845   1.00 33.47 ? 132 PHE A CZ  1 
ATOM   997  N N   . LEU A 1 134 ? 8.260   13.480  7.639   1.00 36.07 ? 133 LEU A N   1 
ATOM   998  C CA  . LEU A 1 134 ? 8.902   14.781  7.797   1.00 33.63 ? 133 LEU A CA  1 
ATOM   999  C C   . LEU A 1 134 ? 9.753   14.827  9.058   1.00 38.23 ? 133 LEU A C   1 
ATOM   1000 O O   . LEU A 1 134 ? 10.779  15.515  9.092   1.00 39.14 ? 133 LEU A O   1 
ATOM   1001 C CB  . LEU A 1 134 ? 7.853   15.894  7.827   1.00 38.75 ? 133 LEU A CB  1 
ATOM   1002 C CG  . LEU A 1 134 ? 7.097   16.236  6.540   1.00 38.91 ? 133 LEU A CG  1 
ATOM   1003 C CD1 . LEU A 1 134 ? 5.871   17.080  6.849   1.00 26.42 ? 133 LEU A CD1 1 
ATOM   1004 C CD2 . LEU A 1 134 ? 8.004   16.966  5.563   1.00 39.91 ? 133 LEU A CD2 1 
ATOM   1005 N N   . TRP A 1 135 ? 9.354   14.089  10.093  1.00 33.66 ? 134 TRP A N   1 
ATOM   1006 C CA  . TRP A 1 135 ? 10.066  14.136  11.365  1.00 32.60 ? 134 TRP A CA  1 
ATOM   1007 C C   . TRP A 1 135 ? 11.333  13.287  11.334  1.00 37.60 ? 134 TRP A C   1 
ATOM   1008 O O   . TRP A 1 135 ? 12.430  13.792  11.593  1.00 40.94 ? 134 TRP A O   1 
ATOM   1009 C CB  . TRP A 1 135 ? 9.132   13.682  12.489  1.00 39.52 ? 134 TRP A CB  1 
ATOM   1010 C CG  . TRP A 1 135 ? 9.792   13.530  13.825  1.00 40.88 ? 134 TRP A CG  1 
ATOM   1011 C CD1 . TRP A 1 135 ? 10.794  14.300  14.342  1.00 43.91 ? 134 TRP A CD1 1 
ATOM   1012 C CD2 . TRP A 1 135 ? 9.478   12.557  14.830  1.00 42.89 ? 134 TRP A CD2 1 
ATOM   1013 N NE1 . TRP A 1 135 ? 11.131  13.858  15.599  1.00 37.56 ? 134 TRP A NE1 1 
ATOM   1014 C CE2 . TRP A 1 135 ? 10.338  12.789  15.921  1.00 38.96 ? 134 TRP A CE2 1 
ATOM   1015 C CE3 . TRP A 1 135 ? 8.557   11.506  14.907  1.00 44.73 ? 134 TRP A CE3 1 
ATOM   1016 C CZ2 . TRP A 1 135 ? 10.304  12.012  17.076  1.00 48.33 ? 134 TRP A CZ2 1 
ATOM   1017 C CZ3 . TRP A 1 135 ? 8.525   10.736  16.055  1.00 40.18 ? 134 TRP A CZ3 1 
ATOM   1018 C CH2 . TRP A 1 135 ? 9.392   10.993  17.123  1.00 45.88 ? 134 TRP A CH2 1 
ATOM   1019 N N   . LYS A 1 136 ? 11.209  11.996  11.012  1.00 33.97 ? 135 LYS A N   1 
ATOM   1020 C CA  . LYS A 1 136 ? 12.325  11.063  11.112  1.00 35.66 ? 135 LYS A CA  1 
ATOM   1021 C C   . LYS A 1 136 ? 12.927  10.660  9.773   1.00 33.95 ? 135 LYS A C   1 
ATOM   1022 O O   . LYS A 1 136 ? 14.006  10.055  9.763   1.00 37.92 ? 135 LYS A O   1 
ATOM   1023 C CB  . LYS A 1 136 ? 11.892  9.797   11.867  1.00 39.15 ? 135 LYS A CB  1 
ATOM   1024 C CG  . LYS A 1 136 ? 11.296  10.061  13.238  1.00 42.32 ? 135 LYS A CG  1 
ATOM   1025 C CD  . LYS A 1 136 ? 12.280  9.771   14.364  1.00 47.48 ? 135 LYS A CD  1 
ATOM   1026 C CE  . LYS A 1 136 ? 13.446  10.746  14.391  1.00 46.27 ? 135 LYS A CE  1 
ATOM   1027 N NZ  . LYS A 1 136 ? 14.129  10.760  15.715  1.00 57.11 ? 135 LYS A NZ  1 
ATOM   1028 N N   . ARG A 1 137 ? 12.261  10.956  8.656   1.00 33.51 ? 136 ARG A N   1 
ATOM   1029 C CA  . ARG A 1 137 ? 12.817  10.778  7.315   1.00 34.51 ? 136 ARG A CA  1 
ATOM   1030 C C   . ARG A 1 137 ? 13.049  9.307   6.962   1.00 34.60 ? 136 ARG A C   1 
ATOM   1031 O O   . ARG A 1 137 ? 13.895  8.988   6.124   1.00 40.21 ? 136 ARG A O   1 
ATOM   1032 C CB  . ARG A 1 137 ? 14.106  11.594  7.145   1.00 35.23 ? 136 ARG A CB  1 
ATOM   1033 C CG  . ARG A 1 137 ? 13.926  13.094  7.412   1.00 30.07 ? 136 ARG A CG  1 
ATOM   1034 C CD  . ARG A 1 137 ? 15.216  13.889  7.186   1.00 41.69 ? 136 ARG A CD  1 
ATOM   1035 N NE  . ARG A 1 137 ? 16.105  13.835  8.343   1.00 41.40 ? 136 ARG A NE  1 
ATOM   1036 C CZ  . ARG A 1 137 ? 17.326  13.309  8.328   1.00 41.14 ? 136 ARG A CZ  1 
ATOM   1037 N NH1 . ARG A 1 137 ? 17.815  12.795  7.208   1.00 52.56 ? 136 ARG A NH1 1 
ATOM   1038 N NH2 . ARG A 1 137 ? 18.061  13.301  9.433   1.00 48.55 ? 136 ARG A NH2 1 
ATOM   1039 N N   . TYR A 1 138 ? 12.293  8.406   7.586   1.00 33.31 ? 137 TYR A N   1 
ATOM   1040 C CA  . TYR A 1 138 ? 12.233  6.997   7.207   1.00 38.26 ? 137 TYR A CA  1 
ATOM   1041 C C   . TYR A 1 138 ? 10.867  6.725   6.590   1.00 31.30 ? 137 TYR A C   1 
ATOM   1042 O O   . TYR A 1 138 ? 9.841   6.948   7.239   1.00 32.19 ? 137 TYR A O   1 
ATOM   1043 C CB  . TYR A 1 138 ? 12.444  6.080   8.414   1.00 32.28 ? 137 TYR A CB  1 
ATOM   1044 C CG  . TYR A 1 138 ? 13.783  6.216   9.100   1.00 31.57 ? 137 TYR A CG  1 
ATOM   1045 C CD1 . TYR A 1 138 ? 14.944  5.760   8.495   1.00 34.21 ? 137 TYR A CD1 1 
ATOM   1046 C CD2 . TYR A 1 138 ? 13.882  6.787   10.362  1.00 35.77 ? 137 TYR A CD2 1 
ATOM   1047 C CE1 . TYR A 1 138 ? 16.168  5.872   9.124   1.00 39.49 ? 137 TYR A CE1 1 
ATOM   1048 C CE2 . TYR A 1 138 ? 15.100  6.906   10.998  1.00 36.61 ? 137 TYR A CE2 1 
ATOM   1049 C CZ  . TYR A 1 138 ? 16.240  6.447   10.374  1.00 38.48 ? 137 TYR A CZ  1 
ATOM   1050 O OH  . TYR A 1 138 ? 17.457  6.562   11.003  1.00 45.83 ? 137 TYR A OH  1 
ATOM   1051 N N   . VAL A 1 139 ? 10.851  6.237   5.348   1.00 27.51 ? 138 VAL A N   1 
ATOM   1052 C CA  . VAL A 1 139 ? 9.580   5.940   4.693   1.00 29.68 ? 138 VAL A CA  1 
ATOM   1053 C C   . VAL A 1 139 ? 8.869   4.788   5.397   1.00 33.48 ? 138 VAL A C   1 
ATOM   1054 O O   . VAL A 1 139 ? 7.659   4.845   5.650   1.00 31.58 ? 138 VAL A O   1 
ATOM   1055 C CB  . VAL A 1 139 ? 9.802   5.636   3.201   1.00 33.44 ? 138 VAL A CB  1 
ATOM   1056 C CG1 . VAL A 1 139 ? 8.559   5.009   2.601   1.00 42.88 ? 138 VAL A CG1 1 
ATOM   1057 C CG2 . VAL A 1 139 ? 10.165  6.896   2.444   1.00 38.16 ? 138 VAL A CG2 1 
ATOM   1058 N N   . SER A 1 140 ? 9.615   3.735   5.737   1.00 31.05 ? 139 SER A N   1 
ATOM   1059 C CA  . SER A 1 140 ? 9.006   2.542   6.318   1.00 34.27 ? 139 SER A CA  1 
ATOM   1060 C C   . SER A 1 140 ? 8.389   2.829   7.682   1.00 28.66 ? 139 SER A C   1 
ATOM   1061 O O   . SER A 1 140 ? 7.269   2.391   7.965   1.00 32.85 ? 139 SER A O   1 
ATOM   1062 C CB  . SER A 1 140 ? 10.049  1.430   6.414   1.00 29.19 ? 139 SER A CB  1 
ATOM   1063 O OG  . SER A 1 140 ? 11.081  1.780   7.323   1.00 34.10 ? 139 SER A OG  1 
ATOM   1064 N N   . LEU A 1 141 ? 9.105   3.556   8.545   1.00 30.21 ? 140 LEU A N   1 
ATOM   1065 C CA  . LEU A 1 141 ? 8.562   3.893   9.859   1.00 29.13 ? 140 LEU A CA  1 
ATOM   1066 C C   . LEU A 1 141 ? 7.254   4.667   9.734   1.00 31.63 ? 140 LEU A C   1 
ATOM   1067 O O   . LEU A 1 141 ? 6.282   4.395   10.457  1.00 32.72 ? 140 LEU A O   1 
ATOM   1068 C CB  . LEU A 1 141 ? 9.595   4.697   10.650  1.00 26.26 ? 140 LEU A CB  1 
ATOM   1069 C CG  . LEU A 1 141 ? 9.268   5.120   12.083  1.00 30.13 ? 140 LEU A CG  1 
ATOM   1070 C CD1 . LEU A 1 141 ? 9.369   3.950   13.046  1.00 23.17 ? 140 LEU A CD1 1 
ATOM   1071 C CD2 . LEU A 1 141 ? 10.201  6.243   12.511  1.00 27.89 ? 140 LEU A CD2 1 
ATOM   1072 N N   . ALA A 1 142 ? 7.206   5.622   8.801   1.00 29.84 ? 141 ALA A N   1 
ATOM   1073 C CA  . ALA A 1 142 ? 5.981   6.373   8.559   1.00 29.58 ? 141 ALA A CA  1 
ATOM   1074 C C   . ALA A 1 142 ? 4.862   5.465   8.069   1.00 32.56 ? 141 ALA A C   1 
ATOM   1075 O O   . ALA A 1 142 ? 3.707   5.611   8.486   1.00 27.96 ? 141 ALA A O   1 
ATOM   1076 C CB  . ALA A 1 142 ? 6.249   7.490   7.548   1.00 31.30 ? 141 ALA A CB  1 
ATOM   1077 N N   . SER A 1 143 ? 5.188   4.523   7.179   1.00 28.09 ? 142 SER A N   1 
ATOM   1078 C CA  A SER A 1 143 ? 4.168   3.628   6.642   0.28 30.57 ? 142 SER A CA  1 
ATOM   1079 C CA  B SER A 1 143 ? 4.166   3.628   6.642   0.72 31.12 ? 142 SER A CA  1 
ATOM   1080 C C   . SER A 1 143 ? 3.596   2.714   7.728   1.00 28.38 ? 142 SER A C   1 
ATOM   1081 O O   . SER A 1 143 ? 2.386   2.478   7.772   1.00 29.94 ? 142 SER A O   1 
ATOM   1082 C CB  A SER A 1 143 ? 4.754   2.804   5.500   0.28 29.74 ? 142 SER A CB  1 
ATOM   1083 C CB  B SER A 1 143 ? 4.739   2.803   5.491   0.72 29.72 ? 142 SER A CB  1 
ATOM   1084 O OG  A SER A 1 143 ? 4.030   1.603   5.326   0.28 29.35 ? 142 SER A OG  1 
ATOM   1085 O OG  B SER A 1 143 ? 5.121   3.632   4.407   0.72 29.35 ? 142 SER A OG  1 
ATOM   1086 N N   . ILE A 1 144 ? 4.461   2.205   8.604   1.00 27.09 ? 143 ILE A N   1 
ATOM   1087 C CA  . ILE A 1 144 ? 3.998   1.337   9.689   1.00 34.18 ? 143 ILE A CA  1 
ATOM   1088 C C   . ILE A 1 144 ? 3.100   2.115   10.638  1.00 35.11 ? 143 ILE A C   1 
ATOM   1089 O O   . ILE A 1 144 ? 1.983   1.679   10.975  1.00 37.26 ? 143 ILE A O   1 
ATOM   1090 C CB  . ILE A 1 144 ? 5.206   0.730   10.425  1.00 30.00 ? 143 ILE A CB  1 
ATOM   1091 C CG1 . ILE A 1 144 ? 6.026   -0.143  9.475   1.00 30.99 ? 143 ILE A CG1 1 
ATOM   1092 C CG2 . ILE A 1 144 ? 4.752   -0.065  11.638  1.00 31.27 ? 143 ILE A CG2 1 
ATOM   1093 C CD1 . ILE A 1 144 ? 7.368   -0.561  10.041  1.00 35.42 ? 143 ILE A CD1 1 
ATOM   1094 N N   . THR A 1 145 ? 3.571   3.286   11.085  1.00 31.63 ? 144 THR A N   1 
ATOM   1095 C CA  . THR A 1 145 ? 2.776   4.091   12.006  1.00 31.66 ? 144 THR A CA  1 
ATOM   1096 C C   . THR A 1 145 ? 1.437   4.469   11.389  1.00 29.00 ? 144 THR A C   1 
ATOM   1097 O O   . THR A 1 145 ? 0.398   4.379   12.049  1.00 32.50 ? 144 THR A O   1 
ATOM   1098 C CB  . THR A 1 145 ? 3.546   5.344   12.422  1.00 31.24 ? 144 THR A CB  1 
ATOM   1099 O OG1 . THR A 1 145 ? 4.919   5.009   12.655  1.00 35.83 ? 144 THR A OG1 1 
ATOM   1100 C CG2 . THR A 1 145 ? 2.952   5.937   13.691  1.00 34.11 ? 144 THR A CG2 1 
ATOM   1101 N N   . ALA A 1 146 ? 1.439   4.869   10.115  1.00 26.39 ? 145 ALA A N   1 
ATOM   1102 C CA  . ALA A 1 146 ? 0.201   5.293   9.471   1.00 27.15 ? 145 ALA A CA  1 
ATOM   1103 C C   . ALA A 1 146 ? -0.757  4.129   9.255   1.00 34.59 ? 145 ALA A C   1 
ATOM   1104 O O   . ALA A 1 146 ? -1.975  4.330   9.267   1.00 29.85 ? 145 ALA A O   1 
ATOM   1105 C CB  . ALA A 1 146 ? 0.504   5.979   8.141   1.00 27.00 ? 145 ALA A CB  1 
ATOM   1106 N N   . THR A 1 147 ? -0.239  2.919   9.033   1.00 32.47 ? 146 THR A N   1 
ATOM   1107 C CA  . THR A 1 147 ? -1.107  1.750   8.928   1.00 30.64 ? 146 THR A CA  1 
ATOM   1108 C C   . THR A 1 147 ? -1.805  1.473   10.256  1.00 31.11 ? 146 THR A C   1 
ATOM   1109 O O   . THR A 1 147 ? -3.045  1.379   10.331  1.00 32.88 ? 146 THR A O   1 
ATOM   1110 C CB  . THR A 1 147 ? -0.289  0.533   8.491   1.00 33.28 ? 146 THR A CB  1 
ATOM   1111 O OG1 . THR A 1 147 ? 0.359   0.808   7.242   1.00 26.43 ? 146 THR A OG1 1 
ATOM   1112 C CG2 . THR A 1 147 ? -1.193  -0.673  8.325   1.00 29.11 ? 146 THR A CG2 1 
ATOM   1113 N N   . ILE A 1 148 ? -1.008  1.344   11.325  1.00 29.15 ? 147 ILE A N   1 
ATOM   1114 C CA  . ILE A 1 148 ? -1.572  1.142   12.659  1.00 33.83 ? 147 ILE A CA  1 
ATOM   1115 C C   . ILE A 1 148 ? -2.577  2.240   12.987  1.00 33.76 ? 147 ILE A C   1 
ATOM   1116 O O   . ILE A 1 148 ? -3.638  1.987   13.576  1.00 36.98 ? 147 ILE A O   1 
ATOM   1117 C CB  . ILE A 1 148 ? -0.442  1.081   13.702  1.00 32.26 ? 147 ILE A CB  1 
ATOM   1118 C CG1 . ILE A 1 148 ? 0.453   -0.130  13.440  1.00 33.17 ? 147 ILE A CG1 1 
ATOM   1119 C CG2 . ILE A 1 148 ? -1.014  1.036   15.107  1.00 34.12 ? 147 ILE A CG2 1 
ATOM   1120 C CD1 . ILE A 1 148 ? 1.706   -0.147  14.285  1.00 29.95 ? 147 ILE A CD1 1 
ATOM   1121 N N   . SER A 1 149 ? -2.266  3.474   12.589  1.00 35.14 ? 148 SER A N   1 
ATOM   1122 C CA  A SER A 1 149 ? -3.164  4.586   12.868  0.45 33.51 ? 148 SER A CA  1 
ATOM   1123 C CA  B SER A 1 149 ? -3.163  4.591   12.862  0.55 33.22 ? 148 SER A CA  1 
ATOM   1124 C C   . SER A 1 149 ? -4.438  4.498   12.039  1.00 34.59 ? 148 SER A C   1 
ATOM   1125 O O   . SER A 1 149 ? -5.500  4.918   12.502  1.00 31.85 ? 148 SER A O   1 
ATOM   1126 C CB  A SER A 1 149 ? -2.443  5.910   12.620  0.45 31.63 ? 148 SER A CB  1 
ATOM   1127 C CB  B SER A 1 149 ? -2.459  5.921   12.589  0.55 32.35 ? 148 SER A CB  1 
ATOM   1128 O OG  A SER A 1 149 ? -1.214  5.939   13.324  0.45 29.24 ? 148 SER A OG  1 
ATOM   1129 O OG  B SER A 1 149 ? -2.542  6.276   11.218  0.55 31.02 ? 148 SER A OG  1 
ATOM   1130 N N   . ALA A 1 150 ? -4.358  3.960   10.821  1.00 35.69 ? 149 ALA A N   1 
ATOM   1131 C CA  . ALA A 1 150 ? -5.572  3.752   10.044  1.00 28.90 ? 149 ALA A CA  1 
ATOM   1132 C C   . ALA A 1 150 ? -6.514  2.818   10.782  1.00 38.35 ? 149 ALA A C   1 
ATOM   1133 O O   . ALA A 1 150 ? -7.724  3.085   10.882  1.00 38.37 ? 149 ALA A O   1 
ATOM   1134 C CB  . ALA A 1 150 ? -5.235  3.194   8.663   1.00 32.03 ? 149 ALA A CB  1 
ATOM   1135 N N   . PHE A 1 151 ? -5.971  1.733   11.345  1.00 35.36 ? 150 PHE A N   1 
ATOM   1136 C CA  . PHE A 1 151 ? -6.819  0.892   12.184  1.00 34.23 ? 150 PHE A CA  1 
ATOM   1137 C C   . PHE A 1 151 ? -7.373  1.673   13.372  1.00 36.46 ? 150 PHE A C   1 
ATOM   1138 O O   . PHE A 1 151 ? -8.571  1.602   13.666  1.00 41.53 ? 150 PHE A O   1 
ATOM   1139 C CB  . PHE A 1 151 ? -6.072  -0.341  12.678  1.00 40.27 ? 150 PHE A CB  1 
ATOM   1140 C CG  . PHE A 1 151 ? -6.853  -1.126  13.687  1.00 41.12 ? 150 PHE A CG  1 
ATOM   1141 C CD1 . PHE A 1 151 ? -8.011  -1.786  13.317  1.00 45.95 ? 150 PHE A CD1 1 
ATOM   1142 C CD2 . PHE A 1 151 ? -6.459  -1.172  15.011  1.00 49.26 ? 150 PHE A CD2 1 
ATOM   1143 C CE1 . PHE A 1 151 ? -8.751  -2.489  14.244  1.00 45.04 ? 150 PHE A CE1 1 
ATOM   1144 C CE2 . PHE A 1 151 ? -7.192  -1.881  15.943  1.00 47.19 ? 150 PHE A CE2 1 
ATOM   1145 C CZ  . PHE A 1 151 ? -8.339  -2.540  15.557  1.00 47.84 ? 150 PHE A CZ  1 
ATOM   1146 N N   . LEU A 1 152 ? -6.513  2.425   14.071  1.00 39.41 ? 151 LEU A N   1 
ATOM   1147 C CA  . LEU A 1 152 ? -6.971  3.164   15.249  1.00 40.94 ? 151 LEU A CA  1 
ATOM   1148 C C   . LEU A 1 152 ? -8.114  4.117   14.908  1.00 45.79 ? 151 LEU A C   1 
ATOM   1149 O O   . LEU A 1 152 ? -9.095  4.217   15.655  1.00 34.46 ? 151 LEU A O   1 
ATOM   1150 C CB  . LEU A 1 152 ? -5.806  3.933   15.878  1.00 42.69 ? 151 LEU A CB  1 
ATOM   1151 C CG  . LEU A 1 152 ? -6.178  5.085   16.825  1.00 51.81 ? 151 LEU A CG  1 
ATOM   1152 C CD1 . LEU A 1 152 ? -6.696  4.559   18.158  1.00 64.81 ? 151 LEU A CD1 1 
ATOM   1153 C CD2 . LEU A 1 152 ? -5.006  6.027   17.044  1.00 57.82 ? 151 LEU A CD2 1 
ATOM   1154 N N   . PHE A 1 153 ? -8.008  4.816   13.778  1.00 39.54 ? 152 PHE A N   1 
ATOM   1155 C CA  . PHE A 1 153 ? -9.041  5.763   13.373  1.00 35.30 ? 152 PHE A CA  1 
ATOM   1156 C C   . PHE A 1 153 ? -10.337 5.045   13.028  1.00 41.88 ? 152 PHE A C   1 
ATOM   1157 O O   . PHE A 1 153 ? -11.419 5.459   13.463  1.00 42.87 ? 152 PHE A O   1 
ATOM   1158 C CB  . PHE A 1 153 ? -8.560  6.590   12.179  1.00 34.62 ? 152 PHE A CB  1 
ATOM   1159 C CG  . PHE A 1 153 ? -7.337  7.423   12.457  1.00 39.72 ? 152 PHE A CG  1 
ATOM   1160 C CD1 . PHE A 1 153 ? -7.058  7.881   13.734  1.00 46.11 ? 152 PHE A CD1 1 
ATOM   1161 C CD2 . PHE A 1 153 ? -6.466  7.747   11.430  1.00 34.83 ? 152 PHE A CD2 1 
ATOM   1162 C CE1 . PHE A 1 153 ? -5.928  8.649   13.980  1.00 48.40 ? 152 PHE A CE1 1 
ATOM   1163 C CE2 . PHE A 1 153 ? -5.337  8.514   11.670  1.00 31.07 ? 152 PHE A CE2 1 
ATOM   1164 C CZ  . PHE A 1 153 ? -5.068  8.964   12.946  1.00 33.94 ? 152 PHE A CZ  1 
ATOM   1165 N N   . LEU A 1 154 ? -10.256 3.970   12.234  1.00 39.70 ? 153 LEU A N   1 
ATOM   1166 C CA  . LEU A 1 154 ? -11.469 3.224   11.912  1.00 39.85 ? 153 LEU A CA  1 
ATOM   1167 C C   . LEU A 1 154 ? -12.139 2.698   13.177  1.00 41.72 ? 153 LEU A C   1 
ATOM   1168 O O   . LEU A 1 154 ? -13.372 2.637   13.259  1.00 37.98 ? 153 LEU A O   1 
ATOM   1169 C CB  . LEU A 1 154 ? -11.152 2.074   10.954  1.00 36.90 ? 153 LEU A CB  1 
ATOM   1170 C CG  . LEU A 1 154 ? -10.802 2.456   9.514   1.00 37.94 ? 153 LEU A CG  1 
ATOM   1171 C CD1 . LEU A 1 154 ? -10.159 1.283   8.784   1.00 24.67 ? 153 LEU A CD1 1 
ATOM   1172 C CD2 . LEU A 1 154 ? -12.030 2.961   8.766   1.00 23.72 ? 153 LEU A CD2 1 
ATOM   1173 N N   . PHE A 1 155 ? -11.337 2.332   14.179  1.00 50.92 ? 154 PHE A N   1 
ATOM   1174 C CA  . PHE A 1 155 ? -11.867 1.835   15.444  1.00 38.96 ? 154 PHE A CA  1 
ATOM   1175 C C   . PHE A 1 155 ? -12.560 2.941   16.231  1.00 48.36 ? 154 PHE A C   1 
ATOM   1176 O O   . PHE A 1 155 ? -13.684 2.763   16.715  1.00 61.05 ? 154 PHE A O   1 
ATOM   1177 C CB  . PHE A 1 155 ? -10.724 1.226   16.258  1.00 48.74 ? 154 PHE A CB  1 
ATOM   1178 C CG  . PHE A 1 155 ? -11.166 0.515   17.501  1.00 60.05 ? 154 PHE A CG  1 
ATOM   1179 C CD1 . PHE A 1 155 ? -11.475 -0.833  17.469  1.00 56.07 ? 154 PHE A CD1 1 
ATOM   1180 C CD2 . PHE A 1 155 ? -11.245 1.190   18.709  1.00 63.68 ? 154 PHE A CD2 1 
ATOM   1181 C CE1 . PHE A 1 155 ? -11.873 -1.493  18.613  1.00 63.76 ? 154 PHE A CE1 1 
ATOM   1182 C CE2 . PHE A 1 155 ? -11.643 0.535   19.858  1.00 67.87 ? 154 PHE A CE2 1 
ATOM   1183 C CZ  . PHE A 1 155 ? -11.957 -0.809  19.810  1.00 58.44 ? 154 PHE A CZ  1 
ATOM   1184 N N   . VAL A 1 156 ? -11.898 4.091   16.375  1.00 51.46 ? 155 VAL A N   1 
ATOM   1185 C CA  . VAL A 1 156 ? -12.449 5.195   17.157  1.00 51.89 ? 155 VAL A CA  1 
ATOM   1186 C C   . VAL A 1 156 ? -13.721 5.738   16.515  1.00 53.31 ? 155 VAL A C   1 
ATOM   1187 O O   . VAL A 1 156 ? -14.612 6.242   17.212  1.00 61.80 ? 155 VAL A O   1 
ATOM   1188 C CB  . VAL A 1 156 ? -11.369 6.284   17.337  1.00 56.29 ? 155 VAL A CB  1 
ATOM   1189 C CG1 . VAL A 1 156 ? -11.981 7.674   17.497  1.00 61.12 ? 155 VAL A CG1 1 
ATOM   1190 C CG2 . VAL A 1 156 ? -10.480 5.950   18.525  1.00 56.35 ? 155 VAL A CG2 1 
ATOM   1191 N N   . ALA A 1 157 ? -13.843 5.627   15.195  1.00 55.18 ? 156 ALA A N   1 
ATOM   1192 C CA  . ALA A 1 157 ? -15.033 6.092   14.498  1.00 47.75 ? 156 ALA A CA  1 
ATOM   1193 C C   . ALA A 1 157 ? -16.199 5.119   14.588  1.00 42.52 ? 156 ALA A C   1 
ATOM   1194 O O   . ALA A 1 157 ? -17.288 5.441   14.102  1.00 43.88 ? 156 ALA A O   1 
ATOM   1195 C CB  . ALA A 1 157 ? -14.713 6.343   13.031  1.00 37.73 ? 156 ALA A CB  1 
ATOM   1196 N N   . GLY A 1 158 ? -16.001 3.948   15.182  1.00 46.44 ? 157 GLY A N   1 
ATOM   1197 C CA  . GLY A 1 158 ? -17.049 2.953   15.254  1.00 51.42 ? 157 GLY A CA  1 
ATOM   1198 C C   . GLY A 1 158 ? -17.423 2.386   13.900  1.00 44.16 ? 157 GLY A C   1 
ATOM   1199 O O   . GLY A 1 158 ? -18.601 2.376   13.534  1.00 43.86 ? 157 GLY A O   1 
ATOM   1200 N N   . TYR A 1 159 ? -16.432 1.920   13.139  1.00 37.49 ? 158 TYR A N   1 
ATOM   1201 C CA  . TYR A 1 159 ? -16.762 1.298   11.869  1.00 29.12 ? 158 TYR A CA  1 
ATOM   1202 C C   . TYR A 1 159 ? -17.128 -0.169  12.090  1.00 31.76 ? 158 TYR A C   1 
ATOM   1203 O O   . TYR A 1 159 ? -16.693 -0.781  13.069  1.00 39.12 ? 158 TYR A O   1 
ATOM   1204 C CB  . TYR A 1 159 ? -15.597 1.431   10.891  1.00 33.04 ? 158 TYR A CB  1 
ATOM   1205 C CG  . TYR A 1 159 ? -15.735 2.649   10.002  1.00 32.92 ? 158 TYR A CG  1 
ATOM   1206 C CD1 . TYR A 1 159 ? -15.504 3.924   10.502  1.00 33.60 ? 158 TYR A CD1 1 
ATOM   1207 C CD2 . TYR A 1 159 ? -16.128 2.528   8.676   1.00 33.13 ? 158 TYR A CD2 1 
ATOM   1208 C CE1 . TYR A 1 159 ? -15.643 5.044   9.702   1.00 34.41 ? 158 TYR A CE1 1 
ATOM   1209 C CE2 . TYR A 1 159 ? -16.270 3.644   7.867   1.00 36.40 ? 158 TYR A CE2 1 
ATOM   1210 C CZ  . TYR A 1 159 ? -16.026 4.900   8.388   1.00 40.70 ? 158 TYR A CZ  1 
ATOM   1211 O OH  . TYR A 1 159 ? -16.169 6.017   7.596   1.00 38.86 ? 158 TYR A OH  1 
ATOM   1212 N N   . PRO A 1 160 ? -17.953 -0.746  11.216  1.00 28.90 ? 159 PRO A N   1 
ATOM   1213 C CA  . PRO A 1 160 ? -18.479 -2.094  11.477  1.00 28.80 ? 159 PRO A CA  1 
ATOM   1214 C C   . PRO A 1 160 ? -17.377 -3.144  11.520  1.00 37.55 ? 159 PRO A C   1 
ATOM   1215 O O   . PRO A 1 160 ? -16.214 -2.900  11.191  1.00 31.22 ? 159 PRO A O   1 
ATOM   1216 C CB  . PRO A 1 160 ? -19.455 -2.338  10.317  1.00 29.68 ? 159 PRO A CB  1 
ATOM   1217 C CG  . PRO A 1 160 ? -19.120 -1.311  9.282   1.00 36.79 ? 159 PRO A CG  1 
ATOM   1218 C CD  . PRO A 1 160 ? -18.543 -0.139  10.010  1.00 33.56 ? 159 PRO A CD  1 
ATOM   1219 N N   . VAL A 1 161 ? -17.775 -4.350  11.939  1.00 39.79 ? 160 VAL A N   1 
ATOM   1220 C CA  . VAL A 1 161 ? -16.813 -5.399  12.267  1.00 29.16 ? 160 VAL A CA  1 
ATOM   1221 C C   . VAL A 1 161 ? -16.085 -5.887  11.020  1.00 38.47 ? 160 VAL A C   1 
ATOM   1222 O O   . VAL A 1 161 ? -14.890 -6.200  11.069  1.00 35.50 ? 160 VAL A O   1 
ATOM   1223 C CB  . VAL A 1 161 ? -17.521 -6.554  13.001  1.00 37.05 ? 160 VAL A CB  1 
ATOM   1224 C CG1 . VAL A 1 161 ? -18.717 -7.039  12.205  1.00 33.95 ? 160 VAL A CG1 1 
ATOM   1225 C CG2 . VAL A 1 161 ? -16.553 -7.701  13.251  1.00 35.82 ? 160 VAL A CG2 1 
ATOM   1226 N N   . ASN A 1 162 ? -16.788 -5.975  9.888   1.00 36.00 ? 161 ASN A N   1 
ATOM   1227 C CA  . ASN A 1 162 ? -16.134 -6.401  8.655   1.00 32.02 ? 161 ASN A CA  1 
ATOM   1228 C C   . ASN A 1 162 ? -14.993 -5.460  8.285   1.00 35.47 ? 161 ASN A C   1 
ATOM   1229 O O   . ASN A 1 162 ? -13.911 -5.910  7.882   1.00 33.77 ? 161 ASN A O   1 
ATOM   1230 C CB  . ASN A 1 162 ? -17.158 -6.482  7.523   1.00 34.20 ? 161 ASN A CB  1 
ATOM   1231 C CG  . ASN A 1 162 ? -17.811 -5.146  7.235   1.00 35.59 ? 161 ASN A CG  1 
ATOM   1232 O OD1 . ASN A 1 162 ? -18.406 -4.533  8.120   1.00 36.53 ? 161 ASN A OD1 1 
ATOM   1233 N ND2 . ASN A 1 162 ? -17.696 -4.680  5.994   1.00 32.09 ? 161 ASN A ND2 1 
ATOM   1234 N N   . VAL A 1 163 ? -15.208 -4.152  8.443   1.00 28.90 ? 162 VAL A N   1 
ATOM   1235 C CA  . VAL A 1 163 ? -14.195 -3.166  8.082   1.00 32.91 ? 162 VAL A CA  1 
ATOM   1236 C C   . VAL A 1 163 ? -13.026 -3.214  9.060   1.00 32.90 ? 162 VAL A C   1 
ATOM   1237 O O   . VAL A 1 163 ? -11.859 -3.116  8.659   1.00 28.37 ? 162 VAL A O   1 
ATOM   1238 C CB  . VAL A 1 163 ? -14.830 -1.764  8.016   1.00 32.55 ? 162 VAL A CB  1 
ATOM   1239 C CG1 . VAL A 1 163 ? -13.759 -0.685  7.918   1.00 28.53 ? 162 VAL A CG1 1 
ATOM   1240 C CG2 . VAL A 1 163 ? -15.798 -1.678  6.845   1.00 22.73 ? 162 VAL A CG2 1 
ATOM   1241 N N   . LEU A 1 164 ? -13.315 -3.369  10.355  1.00 35.47 ? 163 LEU A N   1 
ATOM   1242 C CA  . LEU A 1 164 ? -12.242 -3.452  11.342  1.00 30.95 ? 163 LEU A CA  1 
ATOM   1243 C C   . LEU A 1 164 ? -11.411 -4.710  11.138  1.00 38.30 ? 163 LEU A C   1 
ATOM   1244 O O   . LEU A 1 164 ? -10.187 -4.690  11.315  1.00 37.53 ? 163 LEU A O   1 
ATOM   1245 C CB  . LEU A 1 164 ? -12.814 -3.410  12.759  1.00 34.49 ? 163 LEU A CB  1 
ATOM   1246 C CG  . LEU A 1 164 ? -13.367 -2.074  13.265  1.00 41.85 ? 163 LEU A CG  1 
ATOM   1247 C CD1 . LEU A 1 164 ? -13.548 -2.099  14.778  1.00 41.54 ? 163 LEU A CD1 1 
ATOM   1248 C CD2 . LEU A 1 164 ? -12.473 -0.913  12.855  1.00 35.58 ? 163 LEU A CD2 1 
ATOM   1249 N N   . PHE A 1 165 ? -12.050 -5.814  10.754  1.00 36.43 ? 164 PHE A N   1 
ATOM   1250 C CA  . PHE A 1 165 ? -11.283 -7.015  10.456  1.00 33.20 ? 164 PHE A CA  1 
ATOM   1251 C C   . PHE A 1 165 ? -10.420 -6.813  9.218   1.00 26.92 ? 164 PHE A C   1 
ATOM   1252 O O   . PHE A 1 165 ? -9.239  -7.187  9.206   1.00 33.77 ? 164 PHE A O   1 
ATOM   1253 C CB  . PHE A 1 165 ? -12.201 -8.219  10.274  1.00 32.35 ? 164 PHE A CB  1 
ATOM   1254 C CG  . PHE A 1 165 ? -11.455 -9.475  9.954   1.00 30.82 ? 164 PHE A CG  1 
ATOM   1255 C CD1 . PHE A 1 165 ? -10.839 -10.199 10.960  1.00 30.02 ? 164 PHE A CD1 1 
ATOM   1256 C CD2 . PHE A 1 165 ? -11.344 -9.917  8.647   1.00 29.65 ? 164 PHE A CD2 1 
ATOM   1257 C CE1 . PHE A 1 165 ? -10.132 -11.348 10.672  1.00 23.40 ? 164 PHE A CE1 1 
ATOM   1258 C CE2 . PHE A 1 165 ? -10.643 -11.066 8.352   1.00 30.84 ? 164 PHE A CE2 1 
ATOM   1259 C CZ  . PHE A 1 165 ? -10.033 -11.781 9.366   1.00 29.60 ? 164 PHE A CZ  1 
ATOM   1260 N N   . MET A 1 166 ? -10.996 -6.226  8.163   1.00 28.48 ? 165 MET A N   1 
ATOM   1261 C CA  . MET A 1 166 ? -10.208 -5.907  6.976   1.00 31.44 ? 165 MET A CA  1 
ATOM   1262 C C   . MET A 1 166 ? -8.974  -5.090  7.340   1.00 29.13 ? 165 MET A C   1 
ATOM   1263 O O   . MET A 1 166 ? -7.869  -5.369  6.861   1.00 32.11 ? 165 MET A O   1 
ATOM   1264 C CB  . MET A 1 166 ? -11.067 -5.151  5.958   1.00 33.53 ? 165 MET A CB  1 
ATOM   1265 C CG  . MET A 1 166 ? -10.333 -4.773  4.678   1.00 31.75 ? 165 MET A CG  1 
ATOM   1266 S SD  . MET A 1 166 ? -11.406 -4.014  3.440   1.00 34.95 ? 165 MET A SD  1 
ATOM   1267 C CE  . MET A 1 166 ? -11.778 -2.445  4.218   1.00 33.06 ? 165 MET A CE  1 
ATOM   1268 N N   . ALA A 1 167 ? -9.141  -4.099  8.222   1.00 32.22 ? 166 ALA A N   1 
ATOM   1269 C CA  . ALA A 1 167 ? -8.025  -3.240  8.603   1.00 26.55 ? 166 ALA A CA  1 
ATOM   1270 C C   . ALA A 1 167 ? -7.000  -3.988  9.448   1.00 25.11 ? 166 ALA A C   1 
ATOM   1271 O O   . ALA A 1 167 ? -5.792  -3.766  9.298   1.00 28.14 ? 166 ALA A O   1 
ATOM   1272 C CB  . ALA A 1 167 ? -8.542  -2.010  9.349   1.00 27.16 ? 166 ALA A CB  1 
ATOM   1273 N N   . ILE A 1 168 ? -7.453  -4.863  10.351  1.00 30.81 ? 167 ILE A N   1 
ATOM   1274 C CA  . ILE A 1 168 ? -6.518  -5.654  11.151  1.00 29.00 ? 167 ILE A CA  1 
ATOM   1275 C C   . ILE A 1 168 ? -5.670  -6.542  10.250  1.00 28.87 ? 167 ILE A C   1 
ATOM   1276 O O   . ILE A 1 168 ? -4.449  -6.648  10.426  1.00 33.78 ? 167 ILE A O   1 
ATOM   1277 C CB  . ILE A 1 168 ? -7.272  -6.489  12.204  1.00 27.47 ? 167 ILE A CB  1 
ATOM   1278 C CG1 . ILE A 1 168 ? -7.900  -5.597  13.268  1.00 44.76 ? 167 ILE A CG1 1 
ATOM   1279 C CG2 . ILE A 1 168 ? -6.333  -7.469  12.882  1.00 47.01 ? 167 ILE A CG2 1 
ATOM   1280 C CD1 . ILE A 1 168 ? -8.763  -6.356  14.262  1.00 45.21 ? 167 ILE A CD1 1 
ATOM   1281 N N   . VAL A 1 169 ? -6.299  -7.190  9.267   1.00 27.17 ? 168 VAL A N   1 
ATOM   1282 C CA  . VAL A 1 169 ? -5.566  -8.144  8.439   1.00 33.19 ? 168 VAL A CA  1 
ATOM   1283 C C   . VAL A 1 169 ? -4.634  -7.422  7.478   1.00 33.35 ? 168 VAL A C   1 
ATOM   1284 O O   . VAL A 1 169 ? -3.483  -7.833  7.285   1.00 37.19 ? 168 VAL A O   1 
ATOM   1285 C CB  . VAL A 1 169 ? -6.538  -9.070  7.690   1.00 35.27 ? 168 VAL A CB  1 
ATOM   1286 C CG1 . VAL A 1 169 ? -5.762  -10.029 6.809   1.00 41.50 ? 168 VAL A CG1 1 
ATOM   1287 C CG2 . VAL A 1 169 ? -7.378  -9.831  8.678   1.00 34.65 ? 168 VAL A CG2 1 
ATOM   1288 N N   . ILE A 1 170 ? -5.115  -6.351  6.843   1.00 32.59 ? 169 ILE A N   1 
ATOM   1289 C CA  . ILE A 1 170 ? -4.244  -5.568  5.972   1.00 28.89 ? 169 ILE A CA  1 
ATOM   1290 C C   . ILE A 1 170 ? -3.064  -5.022  6.765   1.00 30.76 ? 169 ILE A C   1 
ATOM   1291 O O   . ILE A 1 170 ? -1.916  -5.073  6.310   1.00 35.57 ? 169 ILE A O   1 
ATOM   1292 C CB  . ILE A 1 170 ? -5.043  -4.449  5.279   1.00 34.17 ? 169 ILE A CB  1 
ATOM   1293 C CG1 . ILE A 1 170 ? -6.012  -5.047  4.254   1.00 30.83 ? 169 ILE A CG1 1 
ATOM   1294 C CG2 . ILE A 1 170 ? -4.112  -3.440  4.616   1.00 22.47 ? 169 ILE A CG2 1 
ATOM   1295 C CD1 . ILE A 1 170 ? -6.920  -4.028  3.600   1.00 31.12 ? 169 ILE A CD1 1 
ATOM   1296 N N   . GLY A 1 171 ? -3.322  -4.535  7.980   1.00 32.23 ? 170 GLY A N   1 
ATOM   1297 C CA  . GLY A 1 171 ? -2.246  -3.993  8.796   1.00 27.81 ? 170 GLY A CA  1 
ATOM   1298 C C   . GLY A 1 171 ? -1.206  -5.034  9.167   1.00 26.33 ? 170 GLY A C   1 
ATOM   1299 O O   . GLY A 1 171 ? 0.001   -4.798  9.041   1.00 29.68 ? 170 GLY A O   1 
ATOM   1300 N N   . ALA A 1 172 ? -1.659  -6.197  9.642   1.00 30.53 ? 171 ALA A N   1 
ATOM   1301 C CA  . ALA A 1 172 ? -0.722  -7.276  9.948   1.00 29.77 ? 171 ALA A CA  1 
ATOM   1302 C C   . ALA A 1 172 ? 0.078   -7.673  8.713   1.00 25.18 ? 171 ALA A C   1 
ATOM   1303 O O   . ALA A 1 172 ? 1.294   -7.892  8.793   1.00 31.51 ? 171 ALA A O   1 
ATOM   1304 C CB  . ALA A 1 172 ? -1.475  -8.479  10.519  1.00 28.59 ? 171 ALA A CB  1 
ATOM   1305 N N   . LEU A 1 173 ? -0.588  -7.748  7.555   1.00 31.17 ? 172 LEU A N   1 
ATOM   1306 C CA  . LEU A 1 173 ? 0.099   -8.025  6.296   1.00 28.73 ? 172 LEU A CA  1 
ATOM   1307 C C   . LEU A 1 173 ? 1.212   -7.017  6.035   1.00 33.12 ? 172 LEU A C   1 
ATOM   1308 O O   . LEU A 1 173 ? 2.341   -7.391  5.702   1.00 29.87 ? 172 LEU A O   1 
ATOM   1309 C CB  . LEU A 1 173 ? -0.903  -8.005  5.140   1.00 28.20 ? 172 LEU A CB  1 
ATOM   1310 C CG  . LEU A 1 173 ? -1.528  -9.288  4.594   1.00 44.54 ? 172 LEU A CG  1 
ATOM   1311 C CD1 . LEU A 1 173 ? -1.986  -10.207 5.702   1.00 44.09 ? 172 LEU A CD1 1 
ATOM   1312 C CD2 . LEU A 1 173 ? -2.686  -8.934  3.676   1.00 33.47 ? 172 LEU A CD2 1 
ATOM   1313 N N   . ILE A 1 174 ? 0.905   -5.726  6.182   1.00 28.69 ? 173 ILE A N   1 
ATOM   1314 C CA  . ILE A 1 174 ? 1.858   -4.678  5.821   1.00 32.52 ? 173 ILE A CA  1 
ATOM   1315 C C   . ILE A 1 174 ? 3.049   -4.675  6.777   1.00 28.83 ? 173 ILE A C   1 
ATOM   1316 O O   . ILE A 1 174 ? 4.205   -4.519  6.354   1.00 32.06 ? 173 ILE A O   1 
ATOM   1317 C CB  . ILE A 1 174 ? 1.144   -3.312  5.785   1.00 29.86 ? 173 ILE A CB  1 
ATOM   1318 C CG1 . ILE A 1 174 ? 0.146   -3.262  4.627   1.00 25.76 ? 173 ILE A CG1 1 
ATOM   1319 C CG2 . ILE A 1 174 ? 2.151   -2.183  5.650   1.00 23.93 ? 173 ILE A CG2 1 
ATOM   1320 C CD1 . ILE A 1 174 ? -0.628  -1.972  4.544   1.00 26.65 ? 173 ILE A CD1 1 
ATOM   1321 N N   . ILE A 1 175 ? 2.794   -4.859  8.075   1.00 27.24 ? 174 ILE A N   1 
ATOM   1322 C CA  . ILE A 1 175 ? 3.891   -4.914  9.041   1.00 31.56 ? 174 ILE A CA  1 
ATOM   1323 C C   . ILE A 1 175 ? 4.786   -6.116  8.756   1.00 36.76 ? 174 ILE A C   1 
ATOM   1324 O O   . ILE A 1 175 ? 6.020   -5.997  8.652   1.00 32.09 ? 174 ILE A O   1 
ATOM   1325 C CB  . ILE A 1 175 ? 3.336   -4.947  10.476  1.00 29.62 ? 174 ILE A CB  1 
ATOM   1326 C CG1 . ILE A 1 175 ? 2.774   -3.576  10.861  1.00 29.18 ? 174 ILE A CG1 1 
ATOM   1327 C CG2 . ILE A 1 175 ? 4.410   -5.386  11.455  1.00 38.22 ? 174 ILE A CG2 1 
ATOM   1328 C CD1 . ILE A 1 175 ? 2.069   -3.561  12.195  1.00 25.73 ? 174 ILE A CD1 1 
ATOM   1329 N N   . TYR A 1 176 ? 4.168   -7.293  8.611   1.00 28.60 ? 175 TYR A N   1 
ATOM   1330 C CA  . TYR A 1 176 ? 4.924   -8.490  8.265   1.00 32.07 ? 175 TYR A CA  1 
ATOM   1331 C C   . TYR A 1 176 ? 5.773   -8.262  7.021   1.00 32.62 ? 175 TYR A C   1 
ATOM   1332 O O   . TYR A 1 176 ? 6.962   -8.593  7.000   1.00 33.91 ? 175 TYR A O   1 
ATOM   1333 C CB  . TYR A 1 176 ? 3.974   -9.668  8.061   1.00 26.31 ? 175 TYR A CB  1 
ATOM   1334 C CG  . TYR A 1 176 ? 4.618   -10.829 7.350   1.00 31.62 ? 175 TYR A CG  1 
ATOM   1335 C CD1 . TYR A 1 176 ? 5.496   -11.672 8.019   1.00 41.00 ? 175 TYR A CD1 1 
ATOM   1336 C CD2 . TYR A 1 176 ? 4.347   -11.088 6.013   1.00 40.15 ? 175 TYR A CD2 1 
ATOM   1337 C CE1 . TYR A 1 176 ? 6.094   -12.733 7.374   1.00 38.60 ? 175 TYR A CE1 1 
ATOM   1338 C CE2 . TYR A 1 176 ? 4.939   -12.152 5.359   1.00 42.58 ? 175 TYR A CE2 1 
ATOM   1339 C CZ  . TYR A 1 176 ? 5.814   -12.968 6.044   1.00 41.61 ? 175 TYR A CZ  1 
ATOM   1340 O OH  . TYR A 1 176 ? 6.401   -14.029 5.399   1.00 47.82 ? 175 TYR A OH  1 
ATOM   1341 N N   . ARG A 1 177 ? 5.186   -7.669  5.979   1.00 32.54 ? 176 ARG A N   1 
ATOM   1342 C CA  . ARG A 1 177 ? 5.960   -7.364  4.782   1.00 30.70 ? 176 ARG A CA  1 
ATOM   1343 C C   . ARG A 1 177 ? 7.050   -6.337  5.054   1.00 39.05 ? 176 ARG A C   1 
ATOM   1344 O O   . ARG A 1 177 ? 7.974   -6.203  4.244   1.00 37.15 ? 176 ARG A O   1 
ATOM   1345 C CB  . ARG A 1 177 ? 5.046   -6.867  3.661   1.00 30.65 ? 176 ARG A CB  1 
ATOM   1346 C CG  . ARG A 1 177 ? 4.032   -7.895  3.180   1.00 41.16 ? 176 ARG A CG  1 
ATOM   1347 C CD  . ARG A 1 177 ? 4.687   -9.002  2.373   1.00 44.24 ? 176 ARG A CD  1 
ATOM   1348 N NE  . ARG A 1 177 ? 4.940   -8.591  0.996   1.00 39.65 ? 176 ARG A NE  1 
ATOM   1349 C CZ  . ARG A 1 177 ? 5.452   -9.385  0.060   1.00 46.98 ? 176 ARG A CZ  1 
ATOM   1350 N NH1 . ARG A 1 177 ? 5.762   -10.642 0.349   1.00 43.07 ? 176 ARG A NH1 1 
ATOM   1351 N NH2 . ARG A 1 177 ? 5.643   -8.925  -1.168  1.00 45.36 ? 176 ARG A NH2 1 
ATOM   1352 N N   . HIS A 1 178 ? 6.966   -5.614  6.171   1.00 33.34 ? 177 HIS A N   1 
ATOM   1353 C CA  . HIS A 1 178 ? 7.989   -4.647  6.545   1.00 34.16 ? 177 HIS A CA  1 
ATOM   1354 C C   . HIS A 1 178 ? 9.027   -5.197  7.517   1.00 33.41 ? 177 HIS A C   1 
ATOM   1355 O O   . HIS A 1 178 ? 9.918   -4.447  7.917   1.00 29.54 ? 177 HIS A O   1 
ATOM   1356 C CB  . HIS A 1 178 ? 7.341   -3.400  7.157   1.00 28.74 ? 177 HIS A CB  1 
ATOM   1357 C CG  . HIS A 1 178 ? 6.836   -2.424  6.143   1.00 30.22 ? 177 HIS A CG  1 
ATOM   1358 N ND1 . HIS A 1 178 ? 5.749   -2.686  5.339   1.00 29.52 ? 177 HIS A ND1 1 
ATOM   1359 C CD2 . HIS A 1 178 ? 7.285   -1.199  5.783   1.00 32.90 ? 177 HIS A CD2 1 
ATOM   1360 C CE1 . HIS A 1 178 ? 5.539   -1.657  4.537   1.00 32.74 ? 177 HIS A CE1 1 
ATOM   1361 N NE2 . HIS A 1 178 ? 6.458   -0.742  4.786   1.00 31.82 ? 177 HIS A NE2 1 
ATOM   1362 N N   . ARG A 1 179 ? 8.943   -6.478  7.900   1.00 27.96 ? 178 ARG A N   1 
ATOM   1363 C CA  . ARG A 1 179 ? 9.848   -7.023  8.922   1.00 31.41 ? 178 ARG A CA  1 
ATOM   1364 C C   . ARG A 1 179 ? 11.327  -6.711  8.659   1.00 42.88 ? 178 ARG A C   1 
ATOM   1365 O O   . ARG A 1 179 ? 12.080  -6.398  9.593   1.00 37.91 ? 178 ARG A O   1 
ATOM   1366 C CB  . ARG A 1 179 ? 9.652   -8.535  9.053   1.00 34.93 ? 178 ARG A CB  1 
ATOM   1367 C CG  . ARG A 1 179 ? 9.946   -9.349  7.801   1.00 36.74 ? 178 ARG A CG  1 
ATOM   1368 C CD  . ARG A 1 179 ? 9.137   -10.638 7.826   1.00 48.83 ? 178 ARG A CD  1 
ATOM   1369 N NE  . ARG A 1 179 ? 9.683   -11.678 6.960   1.00 45.53 ? 178 ARG A NE  1 
ATOM   1370 C CZ  . ARG A 1 179 ? 9.347   -11.842 5.684   1.00 44.72 ? 178 ARG A CZ  1 
ATOM   1371 N NH1 . ARG A 1 179 ? 8.457   -11.036 5.118   1.00 44.14 ? 178 ARG A NH1 1 
ATOM   1372 N NH2 . ARG A 1 179 ? 9.897   -12.819 4.977   1.00 51.88 ? 178 ARG A NH2 1 
ATOM   1373 N N   . GLU A 1 180 ? 11.773  -6.794  7.402   1.00 33.34 ? 179 GLU A N   1 
ATOM   1374 C CA  . GLU A 1 180 ? 13.186  -6.536  7.133   1.00 35.80 ? 179 GLU A CA  1 
ATOM   1375 C C   . GLU A 1 180 ? 13.508  -5.048  7.246   1.00 41.98 ? 179 GLU A C   1 
ATOM   1376 O O   . GLU A 1 180 ? 14.590  -4.676  7.723   1.00 38.56 ? 179 GLU A O   1 
ATOM   1377 C CB  . GLU A 1 180 ? 13.585  -7.105  5.767   1.00 36.55 ? 179 GLU A CB  1 
ATOM   1378 C CG  . GLU A 1 180 ? 13.374  -6.194  4.569   1.00 48.55 ? 179 GLU A CG  1 
ATOM   1379 C CD  . GLU A 1 180 ? 13.730  -6.875  3.255   1.00 67.29 ? 179 GLU A CD  1 
ATOM   1380 O OE1 . GLU A 1 180 ? 14.654  -6.392  2.565   1.00 74.97 ? 179 GLU A OE1 1 
ATOM   1381 O OE2 . GLU A 1 180 ? 13.091  -7.894  2.913   1.00 64.35 ? 179 GLU A OE2 1 
ATOM   1382 N N   . ASN A 1 181 ? 12.575  -4.178  6.838   1.00 43.26 ? 180 ASN A N   1 
ATOM   1383 C CA  . ASN A 1 181 ? 12.716  -2.755  7.139   1.00 35.97 ? 180 ASN A CA  1 
ATOM   1384 C C   . ASN A 1 181 ? 12.788  -2.521  8.640   1.00 36.72 ? 180 ASN A C   1 
ATOM   1385 O O   . ASN A 1 181 ? 13.486  -1.610  9.097   1.00 40.70 ? 180 ASN A O   1 
ATOM   1386 C CB  . ASN A 1 181 ? 11.545  -1.956  6.560   1.00 28.34 ? 180 ASN A CB  1 
ATOM   1387 C CG  . ASN A 1 181 ? 11.315  -2.225  5.090   1.00 34.89 ? 180 ASN A CG  1 
ATOM   1388 O OD1 . ASN A 1 181 ? 10.602  -3.158  4.726   1.00 33.81 ? 180 ASN A OD1 1 
ATOM   1389 N ND2 . ASN A 1 181 ? 11.881  -1.378  4.235   1.00 35.59 ? 180 ASN A ND2 1 
ATOM   1390 N N   . ILE A 1 182 ? 12.068  -3.331  9.416   1.00 39.88 ? 181 ILE A N   1 
ATOM   1391 C CA  . ILE A 1 182 ? 12.038  -3.156  10.863  1.00 44.67 ? 181 ILE A CA  1 
ATOM   1392 C C   . ILE A 1 182 ? 13.393  -3.490  11.463  1.00 39.77 ? 181 ILE A C   1 
ATOM   1393 O O   . ILE A 1 182 ? 13.955  -2.704  12.233  1.00 35.66 ? 181 ILE A O   1 
ATOM   1394 C CB  . ILE A 1 182 ? 10.919  -4.010  11.487  1.00 38.47 ? 181 ILE A CB  1 
ATOM   1395 C CG1 . ILE A 1 182 ? 9.547   -3.516  11.018  1.00 36.62 ? 181 ILE A CG1 1 
ATOM   1396 C CG2 . ILE A 1 182 ? 11.028  -3.995  13.005  1.00 33.10 ? 181 ILE A CG2 1 
ATOM   1397 C CD1 . ILE A 1 182 ? 8.406   -3.919  11.917  1.00 25.92 ? 181 ILE A CD1 1 
ATOM   1398 N N   . ASN A 1 183 ? 13.953  -4.651  11.115  1.00 39.59 ? 182 ASN A N   1 
ATOM   1399 C CA  . ASN A 1 183 ? 15.257  -4.976  11.684  1.00 35.71 ? 182 ASN A CA  1 
ATOM   1400 C C   . ASN A 1 183 ? 16.346  -4.046  11.144  1.00 46.05 ? 182 ASN A C   1 
ATOM   1401 O O   . ASN A 1 183 ? 17.306  -3.739  11.865  1.00 39.91 ? 182 ASN A O   1 
ATOM   1402 C CB  . ASN A 1 183 ? 15.581  -6.458  11.461  1.00 49.27 ? 182 ASN A CB  1 
ATOM   1403 C CG  . ASN A 1 183 ? 16.430  -6.708  10.234  1.00 61.73 ? 182 ASN A CG  1 
ATOM   1404 O OD1 . ASN A 1 183 ? 17.655  -6.810  10.323  1.00 59.36 ? 182 ASN A OD1 1 
ATOM   1405 N ND2 . ASN A 1 183 ? 15.780  -6.854  9.086   1.00 56.10 ? 182 ASN A ND2 1 
ATOM   1406 N N   . ARG A 1 184 ? 16.189  -3.541  9.915   1.00 40.47 ? 183 ARG A N   1 
ATOM   1407 C CA  . ARG A 1 184 ? 17.085  -2.489  9.437   1.00 34.85 ? 183 ARG A CA  1 
ATOM   1408 C C   . ARG A 1 184 ? 16.960  -1.225  10.282  1.00 44.52 ? 183 ARG A C   1 
ATOM   1409 O O   . ARG A 1 184 ? 17.954  -0.530  10.522  1.00 36.78 ? 183 ARG A O   1 
ATOM   1410 C CB  . ARG A 1 184 ? 16.808  -2.174  7.967   1.00 40.64 ? 183 ARG A CB  1 
ATOM   1411 C CG  . ARG A 1 184 ? 17.375  -3.197  6.992   1.00 45.10 ? 183 ARG A CG  1 
ATOM   1412 C CD  . ARG A 1 184 ? 17.593  -2.591  5.611   1.00 42.15 ? 183 ARG A CD  1 
ATOM   1413 N NE  . ARG A 1 184 ? 16.337  -2.213  4.964   1.00 40.36 ? 183 ARG A NE  1 
ATOM   1414 C CZ  . ARG A 1 184 ? 15.636  -3.011  4.165   1.00 47.22 ? 183 ARG A CZ  1 
ATOM   1415 N NH1 . ARG A 1 184 ? 16.057  -4.245  3.917   1.00 35.36 ? 183 ARG A NH1 1 
ATOM   1416 N NH2 . ARG A 1 184 ? 14.507  -2.579  3.618   1.00 40.94 ? 183 ARG A NH2 1 
ATOM   1417 N N   . LEU A 1 185 ? 15.745  -0.906  10.734  1.00 44.46 ? 184 LEU A N   1 
ATOM   1418 C CA  . LEU A 1 185 ? 15.559  0.260   11.591  1.00 39.29 ? 184 LEU A CA  1 
ATOM   1419 C C   . LEU A 1 185 ? 16.188  0.038   12.960  1.00 44.06 ? 184 LEU A C   1 
ATOM   1420 O O   . LEU A 1 185 ? 16.843  0.934   13.502  1.00 54.25 ? 184 LEU A O   1 
ATOM   1421 C CB  . LEU A 1 185 ? 14.068  0.576   11.728  1.00 47.19 ? 184 LEU A CB  1 
ATOM   1422 C CG  . LEU A 1 185 ? 13.421  1.437   10.637  1.00 44.26 ? 184 LEU A CG  1 
ATOM   1423 C CD1 . LEU A 1 185 ? 11.903  1.286   10.650  1.00 36.56 ? 184 LEU A CD1 1 
ATOM   1424 C CD2 . LEU A 1 185 ? 13.817  2.901   10.777  1.00 34.18 ? 184 LEU A CD2 1 
ATOM   1425 N N   . LEU A 1 186 ? 16.010  -1.154  13.528  1.00 49.68 ? 185 LEU A N   1 
ATOM   1426 C CA  . LEU A 1 186 ? 16.602  -1.491  14.817  1.00 48.68 ? 185 LEU A CA  1 
ATOM   1427 C C   . LEU A 1 186 ? 18.109  -1.682  14.738  1.00 49.81 ? 185 LEU A C   1 
ATOM   1428 O O   . LEU A 1 186 ? 18.758  -1.791  15.784  1.00 58.89 ? 185 LEU A O   1 
ATOM   1429 C CB  . LEU A 1 186 ? 15.962  -2.764  15.374  1.00 41.00 ? 185 LEU A CB  1 
ATOM   1430 C CG  . LEU A 1 186 ? 14.518  -2.656  15.851  1.00 42.18 ? 185 LEU A CG  1 
ATOM   1431 C CD1 . LEU A 1 186 ? 13.951  -4.044  16.108  1.00 42.70 ? 185 LEU A CD1 1 
ATOM   1432 C CD2 . LEU A 1 186 ? 14.437  -1.798  17.102  1.00 54.35 ? 185 LEU A CD2 1 
ATOM   1433 N N   . THR A 1 187 ? 18.674  -1.741  13.536  1.00 46.78 ? 186 THR A N   1 
ATOM   1434 C CA  . THR A 1 187 ? 20.104  -1.933  13.361  1.00 48.82 ? 186 THR A CA  1 
ATOM   1435 C C   . THR A 1 187 ? 20.803  -0.697  12.812  1.00 52.92 ? 186 THR A C   1 
ATOM   1436 O O   . THR A 1 187 ? 22.018  -0.733  12.589  1.00 54.24 ? 186 THR A O   1 
ATOM   1437 C CB  . THR A 1 187 ? 20.349  -3.145  12.451  1.00 43.64 ? 186 THR A CB  1 
ATOM   1438 O OG1 . THR A 1 187 ? 21.644  -3.697  12.716  1.00 68.24 ? 186 THR A OG1 1 
ATOM   1439 C CG2 . THR A 1 187 ? 20.241  -2.761  10.992  1.00 37.71 ? 186 THR A CG2 1 
ATOM   1440 N N   . GLY A 1 188 ? 20.077  0.404   12.616  1.00 48.53 ? 187 GLY A N   1 
ATOM   1441 C CA  . GLY A 1 188 ? 20.671  1.624   12.109  1.00 27.91 ? 187 GLY A CA  1 
ATOM   1442 C C   . GLY A 1 188 ? 21.063  1.587   10.651  1.00 42.69 ? 187 GLY A C   1 
ATOM   1443 O O   . GLY A 1 188 ? 21.783  2.482   10.195  1.00 36.41 ? 187 GLY A O   1 
ATOM   1444 N N   . ARG A 1 189 ? 20.611  0.583   9.901   1.00 33.94 ? 188 ARG A N   1 
ATOM   1445 C CA  . ARG A 1 189 ? 20.970  0.435   8.498   1.00 31.60 ? 188 ARG A CA  1 
ATOM   1446 C C   . ARG A 1 189 ? 19.808  0.719   7.560   1.00 25.50 ? 188 ARG A C   1 
ATOM   1447 O O   . ARG A 1 189 ? 19.921  0.470   6.356   1.00 32.63 ? 188 ARG A O   1 
ATOM   1448 C CB  . ARG A 1 189 ? 21.524  -0.966  8.239   1.00 33.75 ? 188 ARG A CB  1 
ATOM   1449 C CG  . ARG A 1 189 ? 22.818  -1.260  8.980   1.00 26.45 ? 188 ARG A CG  1 
ATOM   1450 C CD  . ARG A 1 189 ? 23.959  -0.439  8.403   1.00 29.86 ? 188 ARG A CD  1 
ATOM   1451 N NE  . ARG A 1 189 ? 24.177  -0.756  6.996   1.00 33.01 ? 188 ARG A NE  1 
ATOM   1452 C CZ  . ARG A 1 189 ? 24.857  -1.812  6.564   1.00 33.10 ? 188 ARG A CZ  1 
ATOM   1453 N NH1 . ARG A 1 189 ? 24.994  -2.021  5.262   1.00 30.78 ? 188 ARG A NH1 1 
ATOM   1454 N NH2 . ARG A 1 189 ? 25.402  -2.656  7.432   1.00 36.95 ? 188 ARG A NH2 1 
ATOM   1455 N N   . GLU A 1 190 ? 18.695  1.233   8.074   1.00 28.74 ? 189 GLU A N   1 
ATOM   1456 C CA  . GLU A 1 190 ? 17.564  1.563   7.225   1.00 30.92 ? 189 GLU A CA  1 
ATOM   1457 C C   . GLU A 1 190 ? 17.835  2.870   6.497   1.00 31.27 ? 189 GLU A C   1 
ATOM   1458 O O   . GLU A 1 190 ? 18.346  3.828   7.082   1.00 43.83 ? 189 GLU A O   1 
ATOM   1459 C CB  . GLU A 1 190 ? 16.280  1.668   8.053   1.00 34.43 ? 189 GLU A CB  1 
ATOM   1460 C CG  . GLU A 1 190 ? 15.092  2.314   7.335   1.00 34.93 ? 189 GLU A CG  1 
ATOM   1461 C CD  . GLU A 1 190 ? 14.418  1.399   6.319   1.00 45.66 ? 189 GLU A CD  1 
ATOM   1462 O OE1 . GLU A 1 190 ? 15.104  0.566   5.685   1.00 43.48 ? 189 GLU A OE1 1 
ATOM   1463 O OE2 . GLU A 1 190 ? 13.182  1.511   6.162   1.00 43.10 ? 189 GLU A OE2 1 
ATOM   1464 N N   . HIS A 1 191 ? 17.498  2.901   5.209   1.00 37.03 ? 190 HIS A N   1 
ATOM   1465 C CA  . HIS A 1 191 ? 17.739  4.093   4.410   1.00 33.22 ? 190 HIS A CA  1 
ATOM   1466 C C   . HIS A 1 191 ? 16.993  5.292   4.983   1.00 41.96 ? 190 HIS A C   1 
ATOM   1467 O O   . HIS A 1 191 ? 15.772  5.258   5.168   1.00 45.31 ? 190 HIS A O   1 
ATOM   1468 C CB  . HIS A 1 191 ? 17.314  3.862   2.962   1.00 44.96 ? 190 HIS A CB  1 
ATOM   1469 C CG  . HIS A 1 191 ? 17.568  5.037   2.073   1.00 49.01 ? 190 HIS A CG  1 
ATOM   1470 N ND1 . HIS A 1 191 ? 16.730  5.383   1.035   1.00 44.75 ? 190 HIS A ND1 1 
ATOM   1471 C CD2 . HIS A 1 191 ? 18.567  5.951   2.073   1.00 49.30 ? 190 HIS A CD2 1 
ATOM   1472 C CE1 . HIS A 1 191 ? 17.204  6.459   0.431   1.00 54.59 ? 190 HIS A CE1 1 
ATOM   1473 N NE2 . HIS A 1 191 ? 18.318  6.823   1.042   1.00 52.39 ? 190 HIS A NE2 1 
ATOM   1474 N N   . ARG A 1 192 ? 17.738  6.353   5.265   1.00 38.47 ? 191 ARG A N   1 
ATOM   1475 C CA  . ARG A 1 192 ? 17.181  7.609   5.747   1.00 37.58 ? 191 ARG A CA  1 
ATOM   1476 C C   . ARG A 1 192 ? 17.277  8.635   4.628   1.00 39.15 ? 191 ARG A C   1 
ATOM   1477 O O   . ARG A 1 192 ? 18.374  8.918   4.135   1.00 41.02 ? 191 ARG A O   1 
ATOM   1478 C CB  . ARG A 1 192 ? 17.920  8.097   6.992   1.00 33.01 ? 191 ARG A CB  1 
ATOM   1479 C CG  . ARG A 1 192 ? 17.159  9.147   7.777   1.00 40.21 ? 191 ARG A CG  1 
ATOM   1480 C CD  . ARG A 1 192 ? 17.845  9.481   9.090   1.00 40.74 ? 191 ARG A CD  1 
ATOM   1481 N NE  . ARG A 1 192 ? 16.919  10.125  10.016  1.00 46.49 ? 191 ARG A NE  1 
ATOM   1482 C CZ  . ARG A 1 192 ? 17.246  10.554  11.230  1.00 41.03 ? 191 ARG A CZ  1 
ATOM   1483 N NH1 . ARG A 1 192 ? 16.331  11.123  11.999  1.00 46.79 ? 191 ARG A NH1 1 
ATOM   1484 N NH2 . ARG A 1 192 ? 18.487  10.415  11.673  1.00 46.82 ? 191 ARG A NH2 1 
ATOM   1485 N N   . PHE A 1 193 ? 16.134  9.175   4.223   1.00 43.37 ? 192 PHE A N   1 
ATOM   1486 C CA  . PHE A 1 193 ? 16.129  10.217  3.208   1.00 42.05 ? 192 PHE A CA  1 
ATOM   1487 C C   . PHE A 1 193 ? 16.641  11.521  3.799   1.00 40.50 ? 192 PHE A C   1 
ATOM   1488 O O   . PHE A 1 193 ? 16.244  11.917  4.897   1.00 41.72 ? 192 PHE A O   1 
ATOM   1489 C CB  . PHE A 1 193 ? 14.725  10.398  2.643   1.00 36.90 ? 192 PHE A CB  1 
ATOM   1490 C CG  . PHE A 1 193 ? 14.387  9.421   1.564   1.00 41.82 ? 192 PHE A CG  1 
ATOM   1491 C CD1 . PHE A 1 193 ? 13.785  8.212   1.868   1.00 35.80 ? 192 PHE A CD1 1 
ATOM   1492 C CD2 . PHE A 1 193 ? 14.676  9.709   0.243   1.00 43.01 ? 192 PHE A CD2 1 
ATOM   1493 C CE1 . PHE A 1 193 ? 13.475  7.306   0.872   1.00 45.68 ? 192 PHE A CE1 1 
ATOM   1494 C CE2 . PHE A 1 193 ? 14.371  8.810   -0.760  1.00 45.93 ? 192 PHE A CE2 1 
ATOM   1495 C CZ  . PHE A 1 193 ? 13.767  7.605   -0.445  1.00 49.11 ? 192 PHE A CZ  1 
ATOM   1496 N N   . GLY A 1 194 ? 17.533  12.182  3.074   1.00 39.66 ? 193 GLY A N   1 
ATOM   1497 C CA  . GLY A 1 194 ? 18.133  13.405  3.555   1.00 33.37 ? 193 GLY A CA  1 
ATOM   1498 C C   . GLY A 1 194 ? 18.543  14.306  2.414   1.00 41.49 ? 193 GLY A C   1 
ATOM   1499 O O   . GLY A 1 194 ? 18.033  14.178  1.297   1.00 40.07 ? 193 GLY A O   1 
ATOM   1500 N N   . THR A 1 195 ? 19.478  15.219  2.678   1.00 33.12 ? 194 THR A N   1 
ATOM   1501 C CA  . THR A 1 195 ? 19.846  16.193  1.659   1.00 45.12 ? 194 THR A CA  1 
ATOM   1502 C C   . THR A 1 195 ? 20.605  15.565  0.497   1.00 34.88 ? 194 THR A C   1 
ATOM   1503 O O   . THR A 1 195 ? 20.751  16.211  -0.545  1.00 46.80 ? 194 THR A O   1 
ATOM   1504 C CB  . THR A 1 195 ? 20.665  17.326  2.278   1.00 37.17 ? 194 THR A CB  1 
ATOM   1505 O OG1 . THR A 1 195 ? 21.542  16.799  3.282   1.00 40.56 ? 194 THR A OG1 1 
ATOM   1506 C CG2 . THR A 1 195 ? 19.727  18.333  2.921   1.00 40.89 ? 194 THR A CG2 1 
ATOM   1507 N N   . LEU A 1 196 ? 21.073  14.324  0.642   1.00 32.70 ? 195 LEU A N   1 
ATOM   1508 C CA  . LEU A 1 196 ? 21.674  13.633  -0.495  1.00 43.55 ? 195 LEU A CA  1 
ATOM   1509 C C   . LEU A 1 196 ? 20.663  13.470  -1.622  1.00 44.58 ? 195 LEU A C   1 
ATOM   1510 O O   . LEU A 1 196 ? 20.965  13.746  -2.790  1.00 46.81 ? 195 LEU A O   1 
ATOM   1511 C CB  . LEU A 1 196 ? 22.220  12.273  -0.061  1.00 43.29 ? 195 LEU A CB  1 
ATOM   1512 C CG  . LEU A 1 196 ? 23.202  11.606  -1.027  1.00 41.74 ? 195 LEU A CG  1 
ATOM   1513 C CD1 . LEU A 1 196 ? 24.375  12.524  -1.326  1.00 43.46 ? 195 LEU A CD1 1 
ATOM   1514 C CD2 . LEU A 1 196 ? 23.685  10.281  -0.464  1.00 52.43 ? 195 LEU A CD2 1 
ATOM   1515 N N   . GLU A 1 197 ? 19.448  13.028  -1.289  1.00 47.35 ? 196 GLU A N   1 
ATOM   1516 C CA  . GLU A 1 197 ? 18.390  12.958  -2.291  1.00 50.71 ? 196 GLU A CA  1 
ATOM   1517 C C   . GLU A 1 197 ? 17.975  14.352  -2.751  1.00 52.24 ? 196 GLU A C   1 
ATOM   1518 O O   . GLU A 1 197 ? 17.704  14.564  -3.937  1.00 49.48 ? 196 GLU A O   1 
ATOM   1519 C CB  . GLU A 1 197 ? 17.187  12.192  -1.738  1.00 49.15 ? 196 GLU A CB  1 
ATOM   1520 C CG  . GLU A 1 197 ? 17.391  10.682  -1.629  1.00 52.76 ? 196 GLU A CG  1 
ATOM   1521 C CD  . GLU A 1 197 ? 18.316  10.287  -0.493  1.00 50.33 ? 196 GLU A CD  1 
ATOM   1522 O OE1 . GLU A 1 197 ? 18.363  11.024  0.511   1.00 57.70 ? 196 GLU A OE1 1 
ATOM   1523 O OE2 . GLU A 1 197 ? 18.989  9.240   -0.603  1.00 51.15 ? 196 GLU A OE2 1 
ATOM   1524 N N   . VAL A 1 198 ? 17.927  15.319  -1.828  1.00 48.25 ? 197 VAL A N   1 
ATOM   1525 C CA  . VAL A 1 198 ? 17.596  16.692  -2.206  1.00 53.13 ? 197 VAL A CA  1 
ATOM   1526 C C   . VAL A 1 198 ? 18.541  17.188  -3.294  1.00 56.34 ? 197 VAL A C   1 
ATOM   1527 O O   . VAL A 1 198 ? 18.141  17.935  -4.195  1.00 57.43 ? 197 VAL A O   1 
ATOM   1528 C CB  . VAL A 1 198 ? 17.624  17.612  -0.969  1.00 49.46 ? 197 VAL A CB  1 
ATOM   1529 C CG1 . VAL A 1 198 ? 17.680  19.075  -1.385  1.00 42.36 ? 197 VAL A CG1 1 
ATOM   1530 C CG2 . VAL A 1 198 ? 16.409  17.366  -0.096  1.00 44.92 ? 197 VAL A CG2 1 
ATOM   1531 N N   . LEU A 1 199 ? 19.803  16.758  -3.243  1.00 49.57 ? 198 LEU A N   1 
ATOM   1532 C CA  . LEU A 1 199 ? 20.788  17.214  -4.217  1.00 51.93 ? 198 LEU A CA  1 
ATOM   1533 C C   . LEU A 1 199 ? 20.788  16.363  -5.484  1.00 60.27 ? 198 LEU A C   1 
ATOM   1534 O O   . LEU A 1 199 ? 20.979  16.895  -6.583  1.00 59.57 ? 198 LEU A O   1 
ATOM   1535 C CB  . LEU A 1 199 ? 22.182  17.209  -3.591  1.00 48.81 ? 198 LEU A CB  1 
ATOM   1536 C CG  . LEU A 1 199 ? 22.529  18.267  -2.544  1.00 56.30 ? 198 LEU A CG  1 
ATOM   1537 C CD1 . LEU A 1 199 ? 23.834  17.892  -1.870  1.00 52.68 ? 198 LEU A CD1 1 
ATOM   1538 C CD2 . LEU A 1 199 ? 22.638  19.659  -3.171  1.00 49.30 ? 198 LEU A CD2 1 
ATOM   1539 N N   . PHE A 1 200 ? 20.573  15.048  -5.359  1.00 52.25 ? 199 PHE A N   1 
ATOM   1540 C CA  . PHE A 1 200 ? 20.869  14.138  -6.457  1.00 58.25 ? 199 PHE A CA  1 
ATOM   1541 C C   . PHE A 1 200 ? 19.718  13.232  -6.880  1.00 58.96 ? 199 PHE A C   1 
ATOM   1542 O O   . PHE A 1 200 ? 19.918  12.402  -7.772  1.00 70.15 ? 199 PHE A O   1 
ATOM   1543 C CB  . PHE A 1 200 ? 22.082  13.262  -6.099  1.00 54.27 ? 199 PHE A CB  1 
ATOM   1544 C CG  . PHE A 1 200 ? 23.331  14.048  -5.793  1.00 62.57 ? 199 PHE A CG  1 
ATOM   1545 C CD1 . PHE A 1 200 ? 23.679  15.150  -6.558  1.00 60.53 ? 199 PHE A CD1 1 
ATOM   1546 C CD2 . PHE A 1 200 ? 24.149  13.692  -4.732  1.00 62.14 ? 199 PHE A CD2 1 
ATOM   1547 C CE1 . PHE A 1 200 ? 24.824  15.877  -6.277  1.00 71.37 ? 199 PHE A CE1 1 
ATOM   1548 C CE2 . PHE A 1 200 ? 25.295  14.417  -4.446  1.00 67.48 ? 199 PHE A CE2 1 
ATOM   1549 C CZ  . PHE A 1 200 ? 25.632  15.509  -5.219  1.00 61.01 ? 199 PHE A CZ  1 
ATOM   1550 N N   . GLN A 1 201 ? 18.534  13.358  -6.289  1.00 60.52 ? 200 GLN A N   1 
ATOM   1551 C CA  . GLN A 1 201 ? 17.426  12.470  -6.654  1.00 63.85 ? 200 GLN A CA  1 
ATOM   1552 C C   . GLN A 1 201 ? 16.934  12.748  -8.072  1.00 67.86 ? 200 GLN A C   1 
ATOM   1553 O O   . GLN A 1 201 ? 16.164  11.970  -8.637  1.00 67.52 ? 200 GLN A O   1 
ATOM   1554 C CB  . GLN A 1 201 ? 16.268  12.606  -5.664  1.00 60.37 ? 200 GLN A CB  1 
ATOM   1555 C CG  . GLN A 1 201 ? 15.399  11.371  -5.538  1.00 60.82 ? 200 GLN A CG  1 
ATOM   1556 C CD  . GLN A 1 201 ? 14.263  11.561  -4.551  1.00 65.12 ? 200 GLN A CD  1 
ATOM   1557 O OE1 . GLN A 1 201 ? 14.292  11.016  -3.447  1.00 67.90 ? 200 GLN A OE1 1 
ATOM   1558 N NE2 . GLN A 1 201 ? 13.257  12.333  -4.944  1.00 59.26 ? 200 GLN A NE2 1 
ATOM   1559 O OXT . GLN A 1 201 ? 17.295  13.753  -8.689  1.00 72.61 ? 200 GLN A OXT 1 
HETATM 1560 O O1  . G3P B 2 .   ? 6.187   1.748   -0.079  1.00 61.28 ? 301 G3P A O1  1 
HETATM 1561 C C1  . G3P B 2 .   ? 7.224   1.003   0.545   1.00 48.21 ? 301 G3P A C1  1 
HETATM 1562 C C2  . G3P B 2 .   ? 7.651   1.650   1.842   1.00 44.93 ? 301 G3P A C2  1 
HETATM 1563 O O2  . G3P B 2 .   ? 6.682   1.406   2.867   1.00 45.78 ? 301 G3P A O2  1 
HETATM 1564 C C3  . G3P B 2 .   ? 9.013   1.193   2.299   1.00 33.04 ? 301 G3P A C3  1 
HETATM 1565 O O1P . G3P B 2 .   ? 9.881   1.172   1.148   1.00 37.20 ? 301 G3P A O1P 1 
HETATM 1566 O O4P . G3P B 2 .   ? 12.189  1.537   2.049   1.00 51.67 ? 301 G3P A O4P 1 
HETATM 1567 O O2P . G3P B 2 .   ? 11.887  0.488   -0.227  1.00 43.84 ? 301 G3P A O2P 1 
HETATM 1568 O O3P . G3P B 2 .   ? 11.296  -0.767  1.872   1.00 38.85 ? 301 G3P A O3P 1 
HETATM 1569 P P   . G3P B 2 .   ? 11.368  0.585   1.166   1.00 47.28 ? 301 G3P A P   1 
HETATM 1570 C C18 . OLC C 3 .   ? -7.167  -0.773  6.221   1.00 38.39 ? 302 OLC A C18 1 
HETATM 1571 C C10 . OLC C 3 .   ? -1.097  6.536   4.248   1.00 43.76 ? 302 OLC A C10 1 
HETATM 1572 C C9  . OLC C 3 .   ? -0.288  6.975   3.300   1.00 46.80 ? 302 OLC A C9  1 
HETATM 1573 C C17 . OLC C 3 .   ? -5.687  -0.562  6.443   1.00 26.46 ? 302 OLC A C17 1 
HETATM 1574 C C11 . OLC C 3 .   ? -0.983  5.244   4.985   1.00 37.23 ? 302 OLC A C11 1 
HETATM 1575 C C8  . OLC C 3 .   ? 0.924   6.276   2.777   1.00 38.04 ? 302 OLC A C8  1 
HETATM 1576 C C24 . OLC C 3 .   ? 10.153  10.321  -2.915  1.00 63.88 ? 302 OLC A C24 1 
HETATM 1577 C C16 . OLC C 3 .   ? -5.157  0.531   5.548   1.00 37.13 ? 302 OLC A C16 1 
HETATM 1578 C C12 . OLC C 3 .   ? -2.322  4.535   5.016   1.00 41.22 ? 302 OLC A C12 1 
HETATM 1579 C C7  . OLC C 3 .   ? 1.619   7.042   1.648   1.00 49.56 ? 302 OLC A C7  1 
HETATM 1580 C C15 . OLC C 3 .   ? -3.802  1.089   5.926   1.00 36.74 ? 302 OLC A C15 1 
HETATM 1581 C C13 . OLC C 3 .   ? -2.285  3.125   5.560   1.00 43.56 ? 302 OLC A C13 1 
HETATM 1582 C C6  . OLC C 3 .   ? 3.016   6.528   1.344   1.00 47.02 ? 302 OLC A C6  1 
HETATM 1583 C C14 . OLC C 3 .   ? -3.545  2.381   5.187   1.00 42.17 ? 302 OLC A C14 1 
HETATM 1584 C C5  . OLC C 3 .   ? 3.641   7.023   0.044   1.00 56.48 ? 302 OLC A C5  1 
HETATM 1585 C C4  . OLC C 3 .   ? 3.995   8.504   -0.030  1.00 59.37 ? 302 OLC A C4  1 
HETATM 1586 C C3  . OLC C 3 .   ? 5.025   8.820   -1.117  1.00 68.17 ? 302 OLC A C3  1 
HETATM 1587 C C2  . OLC C 3 .   ? 5.984   7.654   -1.320  1.00 69.21 ? 302 OLC A C2  1 
HETATM 1588 C C21 . OLC C 3 .   ? 9.571   8.104   -1.888  1.00 65.63 ? 302 OLC A C21 1 
HETATM 1589 C C1  . OLC C 3 .   ? 7.216   7.934   -2.130  1.00 65.48 ? 302 OLC A C1  1 
HETATM 1590 C C22 . OLC C 3 .   ? 10.339  9.392   -1.738  1.00 62.38 ? 302 OLC A C22 1 
HETATM 1591 O O19 . OLC C 3 .   ? 7.302   7.810   -3.322  1.00 64.46 ? 302 OLC A O19 1 
HETATM 1592 O O25 . OLC C 3 .   ? 11.244  11.225  -3.023  1.00 63.05 ? 302 OLC A O25 1 
HETATM 1593 O O23 . OLC C 3 .   ? 9.947   10.051  -0.529  1.00 66.89 ? 302 OLC A O23 1 
HETATM 1594 O O20 . OLC C 3 .   ? 8.241   8.272   -1.345  1.00 64.60 ? 302 OLC A O20 1 
HETATM 1595 C C18 . OLC D 3 .   ? -4.055  -14.692 4.694   1.00 46.95 ? 303 OLC A C18 1 
HETATM 1596 C C10 . OLC D 3 .   ? -9.902  -17.494 2.903   1.00 52.96 ? 303 OLC A C10 1 
HETATM 1597 C C9  . OLC D 3 .   ? -10.706 -17.872 1.924   1.00 53.21 ? 303 OLC A C9  1 
HETATM 1598 C C17 . OLC D 3 .   ? -4.557  -13.375 5.242   1.00 50.79 ? 303 OLC A C17 1 
HETATM 1599 C C11 . OLC D 3 .   ? -10.277 -16.590 4.040   1.00 57.40 ? 303 OLC A C11 1 
HETATM 1600 C C8  . OLC D 3 .   ? -12.144 -17.479 1.770   1.00 66.36 ? 303 OLC A C8  1 
HETATM 1601 C C24 . OLC D 3 .   ? -21.152 -12.049 2.084   1.00 59.54 ? 303 OLC A C24 1 
HETATM 1602 C C16 . OLC D 3 .   ? -5.802  -13.507 6.112   1.00 46.19 ? 303 OLC A C16 1 
HETATM 1603 C C12 . OLC D 3 .   ? -9.099  -15.875 4.695   1.00 55.52 ? 303 OLC A C12 1 
HETATM 1604 C C7  . OLC D 3 .   ? -12.333 -16.049 1.260   1.00 57.96 ? 303 OLC A C7  1 
HETATM 1605 C C15 . OLC D 3 .   ? -7.064  -13.900 5.359   1.00 46.08 ? 303 OLC A C15 1 
HETATM 1606 C C13 . OLC D 3 .   ? -9.492  -14.654 5.518   1.00 42.37 ? 303 OLC A C13 1 
HETATM 1607 C C6  . OLC D 3 .   ? -12.871 -15.973 -0.156  1.00 63.84 ? 303 OLC A C6  1 
HETATM 1608 C C14 . OLC D 3 .   ? -8.315  -14.000 6.225   1.00 41.93 ? 303 OLC A C14 1 
HETATM 1609 C C5  . OLC D 3 .   ? -14.077 -15.060 -0.307  1.00 51.05 ? 303 OLC A C5  1 
HETATM 1610 C C4  . OLC D 3 .   ? -14.862 -15.296 -1.584  1.00 55.26 ? 303 OLC A C4  1 
HETATM 1611 C C3  . OLC D 3 .   ? -15.928 -14.251 -1.871  1.00 56.18 ? 303 OLC A C3  1 
HETATM 1612 C C2  . OLC D 3 .   ? -16.729 -13.866 -0.638  1.00 60.19 ? 303 OLC A C2  1 
HETATM 1613 C C21 . OLC D 3 .   ? -20.258 -12.915 -0.105  1.00 65.07 ? 303 OLC A C21 1 
HETATM 1614 C C1  . OLC D 3 .   ? -18.199 -13.767 -0.908  1.00 61.69 ? 303 OLC A C1  1 
HETATM 1615 C C22 . OLC D 3 .   ? -20.861 -13.266 1.237   1.00 58.93 ? 303 OLC A C22 1 
HETATM 1616 O O19 . OLC D 3 .   ? -18.765 -14.326 -1.807  1.00 68.36 ? 303 OLC A O19 1 
HETATM 1617 O O25 . OLC D 3 .   ? -21.897 -12.400 3.244   1.00 49.35 ? 303 OLC A O25 1 
HETATM 1618 O O23 . OLC D 3 .   ? -22.063 -14.014 1.031   1.00 69.95 ? 303 OLC A O23 1 
HETATM 1619 O O20 . OLC D 3 .   ? -18.816 -12.996 -0.008  1.00 63.77 ? 303 OLC A O20 1 
HETATM 1620 C C18 . OLC E 3 .   ? -8.764  -9.886  18.300  1.00 59.16 ? 304 OLC A C18 1 
HETATM 1621 C C10 . OLC E 3 .   ? -0.150  -8.045  15.921  1.00 56.75 ? 304 OLC A C10 1 
HETATM 1622 C C9  . OLC E 3 .   ? 1.113   -8.025  15.526  1.00 45.19 ? 304 OLC A C9  1 
HETATM 1623 C C17 . OLC E 3 .   ? -7.583  -9.684  17.377  1.00 54.85 ? 304 OLC A C17 1 
HETATM 1624 C C11 . OLC E 3 .   ? -1.316  -7.450  15.188  1.00 52.10 ? 304 OLC A C11 1 
HETATM 1625 C C8  . OLC E 3 .   ? 1.634   -7.410  14.265  1.00 39.92 ? 304 OLC A C8  1 
HETATM 1626 C C24 . OLC E 3 .   ? 11.215  -13.511 10.451  1.00 66.55 ? 304 OLC A C24 1 
HETATM 1627 C C16 . OLC E 3 .   ? -6.379  -10.526 17.761  1.00 61.13 ? 304 OLC A C16 1 
HETATM 1628 C C12 . OLC E 3 .   ? -2.632  -7.500  15.971  1.00 61.46 ? 304 OLC A C12 1 
HETATM 1629 C C7  . OLC E 3 .   ? 1.533   -8.369  13.085  1.00 38.74 ? 304 OLC A C7  1 
HETATM 1630 C C15 . OLC E 3 .   ? -5.172  -10.356 16.851  1.00 59.98 ? 304 OLC A C15 1 
HETATM 1631 C C13 . OLC E 3 .   ? -3.248  -8.887  16.071  1.00 56.05 ? 304 OLC A C13 1 
HETATM 1632 C C6  . OLC E 3 .   ? 2.865   -8.660  12.427  1.00 41.46 ? 304 OLC A C6  1 
HETATM 1633 C C14 . OLC E 3 .   ? -4.575  -8.954  16.815  1.00 57.73 ? 304 OLC A C14 1 
HETATM 1634 C C5  . OLC E 3 .   ? 4.005   -8.774  13.427  1.00 61.76 ? 304 OLC A C5  1 
HETATM 1635 C C4  . OLC E 3 .   ? 5.317   -9.236  12.826  1.00 60.85 ? 304 OLC A C4  1 
HETATM 1636 C C3  . OLC E 3 .   ? 5.316   -10.711 12.477  1.00 62.67 ? 304 OLC A C3  1 
HETATM 1637 C C2  . OLC E 3 .   ? 6.324   -11.066 11.397  1.00 59.88 ? 304 OLC A C2  1 
HETATM 1638 C C21 . OLC E 3 .   ? 9.750   -12.195 12.033  1.00 67.45 ? 304 OLC A C21 1 
HETATM 1639 C C1  . OLC E 3 .   ? 7.757   -10.909 11.812  1.00 69.95 ? 304 OLC A C1  1 
HETATM 1640 C C22 . OLC E 3 .   ? 9.977   -12.659 10.614  1.00 67.56 ? 304 OLC A C22 1 
HETATM 1641 O O19 . OLC E 3 .   ? 8.348   -9.865  11.869  1.00 77.51 ? 304 OLC A O19 1 
HETATM 1642 O O25 . OLC E 3 .   ? 11.046  -14.773 11.082  1.00 65.79 ? 304 OLC A O25 1 
HETATM 1643 O O23 . OLC E 3 .   ? 8.822   -13.378 10.170  1.00 69.08 ? 304 OLC A O23 1 
HETATM 1644 O O20 . OLC E 3 .   ? 8.309   -12.096 12.073  1.00 78.61 ? 304 OLC A O20 1 
HETATM 1645 C C18 . OLC F 3 .   ? -2.807  -18.758 -7.050  1.00 55.48 ? 305 OLC A C18 1 
HETATM 1646 C C10 . OLC F 3 .   ? -0.623  -16.635 0.101   1.00 67.26 ? 305 OLC A C10 1 
HETATM 1647 C C9  . OLC F 3 .   ? -0.162  -16.276 1.287   1.00 61.54 ? 305 OLC A C9  1 
HETATM 1648 C C17 . OLC F 3 .   ? -3.550  -18.514 -5.753  1.00 59.68 ? 305 OLC A C17 1 
HETATM 1649 C C11 . OLC F 3 .   ? -1.897  -16.177 -0.547  1.00 67.58 ? 305 OLC A C11 1 
HETATM 1650 C C8  . OLC F 3 .   ? -0.807  -15.336 2.262   1.00 64.82 ? 305 OLC A C8  1 
HETATM 1651 C C24 . OLC F 3 .   ? 8.369   -16.297 9.550   1.00 58.51 ? 305 OLC A C24 1 
HETATM 1652 C C16 . OLC F 3 .   ? -3.780  -17.039 -5.459  1.00 63.43 ? 305 OLC A C16 1 
HETATM 1653 C C12 . OLC F 3 .   ? -1.645  -15.480 -1.885  1.00 61.20 ? 305 OLC A C12 1 
HETATM 1654 C C7  . OLC F 3 .   ? 0.242   -14.689 3.166   1.00 59.80 ? 305 OLC A C7  1 
HETATM 1655 C C15 . OLC F 3 .   ? -4.531  -16.772 -4.162  1.00 65.94 ? 305 OLC A C15 1 
HETATM 1656 C C13 . OLC F 3 .   ? -2.336  -16.128 -3.074  1.00 56.53 ? 305 OLC A C13 1 
HETATM 1657 C C6  . OLC F 3 .   ? -0.217  -14.434 4.591   1.00 58.91 ? 305 OLC A C6  1 
HETATM 1658 C C14 . OLC F 3 .   ? -3.817  -15.812 -3.224  1.00 62.13 ? 305 OLC A C14 1 
HETATM 1659 C C5  . OLC F 3 .   ? 0.937   -14.321 5.577   1.00 47.81 ? 305 OLC A C5  1 
HETATM 1660 C C4  . OLC F 3 .   ? 1.903   -15.493 5.482   1.00 48.66 ? 305 OLC A C4  1 
HETATM 1661 C C3  . OLC F 3 .   ? 2.500   -15.963 6.800   1.00 44.13 ? 305 OLC A C3  1 
HETATM 1662 C C2  . OLC F 3 .   ? 3.817   -15.292 7.164   1.00 46.80 ? 305 OLC A C2  1 
HETATM 1663 C C21 . OLC F 3 .   ? 6.338   -17.478 8.651   1.00 63.65 ? 305 OLC A C21 1 
HETATM 1664 C C1  . OLC F 3 .   ? 4.518   -15.988 8.296   1.00 47.78 ? 305 OLC A C1  1 
HETATM 1665 C C22 . OLC F 3 .   ? 7.173   -17.162 9.865   1.00 58.81 ? 305 OLC A C22 1 
HETATM 1666 O O19 . OLC F 3 .   ? 4.015   -16.235 9.358   1.00 64.19 ? 305 OLC A O19 1 
HETATM 1667 O O25 . OLC F 3 .   ? 9.053   -15.947 10.746  1.00 73.05 ? 305 OLC A O25 1 
HETATM 1668 O O23 . OLC F 3 .   ? 6.357   -16.542 10.860  1.00 62.10 ? 305 OLC A O23 1 
HETATM 1669 O O20 . OLC F 3 .   ? 5.761   -16.343 7.961   1.00 57.81 ? 305 OLC A O20 1 
HETATM 1670 P P   . PO4 G 4 .   ? 4.564   -0.871  -1.989  1.00 67.76 ? 306 PO4 A P   1 
HETATM 1671 O O1  . PO4 G 4 .   ? 6.050   -0.596  -1.977  1.00 78.29 ? 306 PO4 A O1  1 
HETATM 1672 O O2  . PO4 G 4 .   ? 4.034   -0.819  -3.405  1.00 72.27 ? 306 PO4 A O2  1 
HETATM 1673 O O3  . PO4 G 4 .   ? 3.841   0.163   -1.145  1.00 52.77 ? 306 PO4 A O3  1 
HETATM 1674 O O4  . PO4 G 4 .   ? 4.323   -2.252  -1.437  1.00 56.62 ? 306 PO4 A O4  1 
HETATM 1675 O O   . HOH H 5 .   ? 6.143   4.146   -0.639  1.00 61.70 ? 401 HOH A O   1 
HETATM 1676 O O   . HOH H 5 .   ? 10.394  -7.114  4.316   1.00 43.79 ? 402 HOH A O   1 
HETATM 1677 O O   . HOH H 5 .   ? 14.206  -0.034  2.585   1.00 42.15 ? 403 HOH A O   1 
HETATM 1678 O O   . HOH H 5 .   ? 4.295   -1.629  -8.148  1.00 39.85 ? 404 HOH A O   1 
HETATM 1679 O O   . HOH H 5 .   ? 13.325  5.403   4.147   1.00 31.84 ? 405 HOH A O   1 
HETATM 1680 O O   . HOH H 5 .   ? 10.218  8.324   9.546   1.00 30.32 ? 406 HOH A O   1 
HETATM 1681 O O   . HOH H 5 .   ? -14.988 10.298  5.112   1.00 37.36 ? 407 HOH A O   1 
HETATM 1682 O O   . HOH H 5 .   ? 9.559   0.667   -2.338  1.00 46.72 ? 408 HOH A O   1 
HETATM 1683 O O   . HOH H 5 .   ? 6.133   -11.971 -2.244  1.00 42.48 ? 409 HOH A O   1 
HETATM 1684 O O   . HOH H 5 .   ? 0.732   -1.110  -2.593  1.00 42.97 ? 410 HOH A O   1 
HETATM 1685 O O   . HOH H 5 .   ? 13.633  16.239  9.824   1.00 33.85 ? 411 HOH A O   1 
HETATM 1686 O O   . HOH H 5 .   ? -22.969 -11.892 -5.404  1.00 50.95 ? 412 HOH A O   1 
HETATM 1687 O O   . HOH H 5 .   ? 7.446   15.818  -8.398  1.00 58.88 ? 413 HOH A O   1 
HETATM 1688 O O   . HOH H 5 .   ? -17.631 7.505   1.667   1.00 52.80 ? 414 HOH A O   1 
HETATM 1689 O O   . HOH H 5 .   ? 20.607  9.552   -4.712  1.00 56.85 ? 415 HOH A O   1 
HETATM 1690 O O   . HOH H 5 .   ? 9.658   -10.670 -2.127  1.00 62.01 ? 416 HOH A O   1 
# 
